data_2R5N
#
_entry.id   2R5N
#
_cell.length_a   89.969
_cell.length_b   101.738
_cell.length_c   132.859
_cell.angle_alpha   90.00
_cell.angle_beta   90.00
_cell.angle_gamma   90.00
#
_symmetry.space_group_name_H-M   'P 21 21 21'
#
loop_
_entity.id
_entity.type
_entity.pdbx_description
1 polymer 'Transketolase 1'
2 non-polymer RIBOSE-5-PHOSPHATE
3 non-polymer 'CALCIUM ION'
4 non-polymer 'THIAMINE DIPHOSPHATE'
5 non-polymer 1,2-ETHANEDIOL
6 non-polymer 5-O-phosphono-beta-D-ribofuranose
7 water water
#
_entity_poly.entity_id   1
_entity_poly.type   'polypeptide(L)'
_entity_poly.pdbx_seq_one_letter_code
;MSSRKELANAIRALSMDAVQKAKSGHPGAPMGMADIAEVLWRDFLKHNPQNPSWADRDRFVLSNGHGSMLIYSLLHLTGY
DLPMEELKNFRQLHSKTPGHPEVGYTAGVETTTGPLGQGIANAVGMAIAEKTLAAQFNRPGHDIVDHYTYAFMGDGCMME
GISHEVCSLAGTLKLGKLIAFYDDNGISIDGHVEGWFTDDTAMRFEAYGWHVIRDIDGHDAASIKRAVEEARAVTDKPSL
LMCKTIIGFGSPNKAGTHDSHGAPLGDAEIALTREQLGWKYAPFEIPSEIYAQWDAKEAGQAKESAWNEKFAAYAKAYPQ
EAAEFTRRMKGEMPSDFDAKAKEFIAKLQANPAKIASRKASQNAIEAFGPLLPEFLGGSADLAPSNLTLWSGSKAINEDA
AGNYIHYGVREFGMTAIANGISLHGGFLPYTSTFLMFVEYARNAVRMAALMKQRQVMVYTHDSIGLGEDGPTHQPVEQVA
SLRVTPNMSTWRPCDQVESAVAWKYGVERQDGPTALILSRQNLAQQERTEEQLANIARGGYVLKDCAGQPELIFIATGSE
VELAVAAYEKLTAEGVKARVVSMPSTDAFDKQDAAYRESVLPKAVTARVAVEAGIADYWYKYVGLNGAIVGMTTFGESAP
AELLFEEFGFTVDNVVAKAKELLHHHHHH
;
_entity_poly.pdbx_strand_id   A,B
#
loop_
_chem_comp.id
_chem_comp.type
_chem_comp.name
_chem_comp.formula
CA non-polymer 'CALCIUM ION' 'Ca 2'
EDO non-polymer 1,2-ETHANEDIOL 'C2 H6 O2'
R5P saccharide RIBOSE-5-PHOSPHATE 'C5 H11 O8 P'
RP5 D-saccharide, beta linking 5-O-phosphono-beta-D-ribofuranose 'C5 H11 O8 P'
TPP non-polymer 'THIAMINE DIPHOSPHATE' 'C12 H19 N4 O7 P2 S 1'
#
# COMPACT_ATOMS: atom_id res chain seq x y z
N SER A 2 -2.31 -22.03 42.78
CA SER A 2 -1.90 -22.71 41.52
C SER A 2 -0.51 -22.27 41.11
N SER A 3 0.17 -23.10 40.33
CA SER A 3 1.47 -22.72 39.78
C SER A 3 1.26 -21.71 38.63
N ARG A 4 2.31 -20.99 38.29
CA ARG A 4 2.24 -20.05 37.17
C ARG A 4 1.88 -20.80 35.88
N LYS A 5 2.44 -21.99 35.69
CA LYS A 5 2.11 -22.79 34.49
C LYS A 5 0.62 -23.15 34.42
N GLU A 6 0.05 -23.53 35.57
CA GLU A 6 -1.37 -23.83 35.62
C GLU A 6 -2.20 -22.62 35.24
N LEU A 7 -1.81 -21.45 35.75
CA LEU A 7 -2.54 -20.23 35.45
C LEU A 7 -2.43 -19.90 33.96
N ALA A 8 -1.25 -20.09 33.39
CA ALA A 8 -1.06 -19.88 31.94
C ALA A 8 -1.86 -20.90 31.12
N ASN A 9 -1.96 -22.12 31.63
CA ASN A 9 -2.72 -23.16 30.94
C ASN A 9 -4.21 -22.84 30.80
N ALA A 10 -4.73 -22.00 31.70
CA ALA A 10 -6.11 -21.53 31.58
C ALA A 10 -6.31 -20.83 30.24
N ILE A 11 -5.33 -20.03 29.83
CA ILE A 11 -5.35 -19.40 28.51
C ILE A 11 -5.32 -20.46 27.41
N ARG A 12 -4.43 -21.43 27.54
CA ARG A 12 -4.33 -22.51 26.55
C ARG A 12 -5.66 -23.25 26.35
N ALA A 13 -6.31 -23.57 27.47
CA ALA A 13 -7.57 -24.31 27.45
C ALA A 13 -8.69 -23.48 26.79
N LEU A 14 -8.90 -22.26 27.28
CA LEU A 14 -9.94 -21.39 26.70
C LEU A 14 -9.71 -21.17 25.21
N SER A 15 -8.45 -20.98 24.84
CA SER A 15 -8.10 -20.70 23.44
C SER A 15 -8.36 -21.91 22.53
N MET A 16 -7.80 -23.07 22.87
CA MET A 16 -8.03 -24.24 22.01
C MET A 16 -9.51 -24.64 21.97
N ASP A 17 -10.19 -24.54 23.11
CA ASP A 17 -11.61 -24.92 23.20
C ASP A 17 -12.52 -23.94 22.42
N ALA A 18 -12.19 -22.65 22.50
CA ALA A 18 -12.98 -21.63 21.81
C ALA A 18 -12.82 -21.78 20.30
N VAL A 19 -11.59 -22.01 19.86
CA VAL A 19 -11.32 -22.24 18.44
C VAL A 19 -12.06 -23.51 17.99
N GLN A 20 -12.04 -24.56 18.83
CA GLN A 20 -12.69 -25.82 18.45
C GLN A 20 -14.20 -25.64 18.27
N LYS A 21 -14.82 -24.93 19.20
CA LYS A 21 -16.27 -24.72 19.14
C LYS A 21 -16.66 -23.92 17.89
N ALA A 22 -15.83 -22.93 17.54
CA ALA A 22 -16.06 -22.11 16.35
C ALA A 22 -15.73 -22.87 15.05
N LYS A 23 -15.00 -23.98 15.18
CA LYS A 23 -14.46 -24.72 14.03
C LYS A 23 -13.66 -23.79 13.10
N SER A 24 -13.01 -22.80 13.72
CA SER A 24 -12.31 -21.75 13.00
C SER A 24 -11.41 -21.01 13.99
N GLY A 25 -10.21 -20.66 13.53
CA GLY A 25 -9.33 -19.82 14.33
C GLY A 25 -7.94 -20.36 14.51
N HIS A 26 -7.19 -19.69 15.38
CA HIS A 26 -5.75 -19.84 15.47
C HIS A 26 -5.34 -20.20 16.91
N PRO A 27 -5.13 -21.50 17.17
CA PRO A 27 -4.73 -21.87 18.54
C PRO A 27 -3.22 -21.75 18.82
N GLY A 28 -2.42 -21.74 17.76
CA GLY A 28 -0.97 -21.86 17.91
C GLY A 28 -0.33 -20.75 18.73
N ALA A 29 -0.56 -19.50 18.33
CA ALA A 29 0.07 -18.37 19.01
C ALA A 29 -0.43 -18.20 20.46
N PRO A 30 -1.75 -18.28 20.70
CA PRO A 30 -2.16 -18.21 22.11
C PRO A 30 -1.50 -19.29 23.00
N MET A 31 -1.39 -20.51 22.49
CA MET A 31 -0.77 -21.59 23.25
C MET A 31 0.72 -21.35 23.43
N GLY A 32 1.36 -20.81 22.39
CA GLY A 32 2.78 -20.52 22.48
C GLY A 32 3.14 -19.36 23.40
N MET A 33 2.24 -18.37 23.51
CA MET A 33 2.55 -17.14 24.26
C MET A 33 1.91 -17.08 25.65
N ALA A 34 1.17 -18.11 26.04
CA ALA A 34 0.45 -18.10 27.32
C ALA A 34 1.31 -17.80 28.57
N ASP A 35 2.52 -18.35 28.62
CA ASP A 35 3.38 -18.15 29.80
C ASP A 35 3.89 -16.71 29.85
N ILE A 36 4.19 -16.15 28.67
CA ILE A 36 4.60 -14.76 28.57
C ILE A 36 3.46 -13.84 29.02
N ALA A 37 2.25 -14.11 28.50
CA ALA A 37 1.06 -13.33 28.87
C ALA A 37 0.78 -13.38 30.37
N GLU A 38 0.92 -14.56 30.96
CA GLU A 38 0.68 -14.72 32.39
C GLU A 38 1.62 -13.82 33.21
N VAL A 39 2.90 -13.80 32.88
CA VAL A 39 3.85 -12.94 33.60
C VAL A 39 3.52 -11.46 33.38
N LEU A 40 3.36 -11.07 32.11
CA LEU A 40 3.15 -9.66 31.80
C LEU A 40 1.89 -9.16 32.50
N TRP A 41 0.79 -9.89 32.34
CA TRP A 41 -0.49 -9.42 32.86
C TRP A 41 -0.60 -9.52 34.37
N ARG A 42 -0.10 -10.62 34.95
CA ARG A 42 -0.27 -10.81 36.39
C ARG A 42 0.75 -10.03 37.23
N ASP A 43 1.95 -9.83 36.69
CA ASP A 43 3.03 -9.21 37.46
C ASP A 43 3.32 -7.75 37.14
N PHE A 44 3.01 -7.31 35.91
CA PHE A 44 3.44 -5.98 35.48
C PHE A 44 2.35 -5.00 35.02
N LEU A 45 1.39 -5.50 34.24
CA LEU A 45 0.46 -4.61 33.54
C LEU A 45 -0.35 -3.76 34.52
N LYS A 46 -0.30 -2.44 34.34
CA LYS A 46 -1.06 -1.51 35.16
C LYS A 46 -2.39 -1.23 34.47
N HIS A 47 -3.47 -1.80 35.00
CA HIS A 47 -4.76 -1.69 34.35
C HIS A 47 -5.90 -1.89 35.33
N ASN A 48 -7.06 -1.35 34.98
CA ASN A 48 -8.28 -1.57 35.73
C ASN A 48 -9.39 -2.17 34.88
N PRO A 49 -9.69 -3.48 35.07
CA PRO A 49 -10.75 -4.12 34.29
C PRO A 49 -12.10 -3.39 34.38
N GLN A 50 -12.35 -2.72 35.50
CA GLN A 50 -13.63 -2.01 35.70
C GLN A 50 -13.67 -0.66 34.99
N ASN A 51 -12.50 -0.18 34.54
CA ASN A 51 -12.46 1.00 33.70
C ASN A 51 -11.41 0.90 32.61
N PRO A 52 -11.76 0.26 31.49
CA PRO A 52 -10.83 0.14 30.34
C PRO A 52 -10.39 1.48 29.72
N SER A 53 -11.04 2.57 30.11
CA SER A 53 -10.73 3.90 29.58
C SER A 53 -9.88 4.75 30.52
N TRP A 54 -9.41 4.16 31.63
CA TRP A 54 -8.57 4.89 32.58
C TRP A 54 -7.40 5.55 31.83
N ALA A 55 -7.29 6.88 31.95
CA ALA A 55 -6.37 7.65 31.10
C ALA A 55 -4.91 7.20 31.20
N ASP A 56 -4.50 6.76 32.39
CA ASP A 56 -3.08 6.46 32.65
C ASP A 56 -2.75 4.95 32.68
N ARG A 57 -3.66 4.13 32.17
CA ARG A 57 -3.42 2.68 32.11
C ARG A 57 -2.24 2.39 31.17
N ASP A 58 -1.52 1.29 31.41
CA ASP A 58 -0.62 0.75 30.40
C ASP A 58 -1.47 0.36 29.20
N ARG A 59 -0.85 0.40 28.01
CA ARG A 59 -1.52 -0.08 26.79
C ARG A 59 -0.87 -1.38 26.35
N PHE A 60 -1.70 -2.39 26.06
CA PHE A 60 -1.21 -3.65 25.50
C PHE A 60 -1.69 -3.79 24.06
N VAL A 61 -0.82 -4.29 23.18
CA VAL A 61 -1.21 -4.51 21.78
C VAL A 61 -0.81 -5.89 21.29
N LEU A 62 -1.79 -6.62 20.74
CA LEU A 62 -1.54 -7.93 20.15
C LEU A 62 -1.30 -7.75 18.64
N SER A 63 -0.04 -7.58 18.25
CA SER A 63 0.26 -7.35 16.83
C SER A 63 0.07 -8.59 15.98
N ASN A 64 0.37 -9.76 16.56
CA ASN A 64 0.04 -11.04 15.94
C ASN A 64 -1.43 -11.37 16.25
N GLY A 65 -2.32 -10.55 15.67
CA GLY A 65 -3.74 -10.51 16.05
C GLY A 65 -4.56 -11.75 15.71
N HIS A 66 -4.05 -12.59 14.81
CA HIS A 66 -4.67 -13.91 14.58
C HIS A 66 -4.82 -14.71 15.89
N GLY A 67 -3.89 -14.53 16.83
CA GLY A 67 -4.01 -15.20 18.14
C GLY A 67 -5.00 -14.48 19.06
N SER A 68 -6.14 -14.06 18.50
CA SER A 68 -7.16 -13.29 19.22
C SER A 68 -7.64 -13.95 20.52
N MET A 69 -7.73 -15.28 20.54
CA MET A 69 -8.16 -15.95 21.79
C MET A 69 -7.22 -15.68 22.97
N LEU A 70 -5.96 -15.34 22.69
CA LEU A 70 -5.03 -14.94 23.76
C LEU A 70 -5.58 -13.72 24.50
N ILE A 71 -5.93 -12.67 23.76
CA ILE A 71 -6.44 -11.46 24.41
C ILE A 71 -7.83 -11.66 25.04
N TYR A 72 -8.70 -12.39 24.35
CA TYR A 72 -10.02 -12.68 24.95
C TYR A 72 -9.91 -13.46 26.26
N SER A 73 -9.00 -14.44 26.30
CA SER A 73 -8.74 -15.20 27.52
C SER A 73 -8.26 -14.27 28.65
N LEU A 74 -7.31 -13.39 28.32
CA LEU A 74 -6.77 -12.44 29.29
C LEU A 74 -7.82 -11.49 29.83
N LEU A 75 -8.62 -10.92 28.92
CA LEU A 75 -9.65 -9.98 29.35
C LEU A 75 -10.71 -10.67 30.21
N HIS A 76 -11.11 -11.87 29.79
CA HIS A 76 -12.07 -12.63 30.58
C HIS A 76 -11.52 -12.99 31.96
N LEU A 77 -10.34 -13.61 31.99
CA LEU A 77 -9.78 -14.08 33.26
C LEU A 77 -9.50 -12.96 34.26
N THR A 78 -9.02 -11.81 33.76
CA THR A 78 -8.68 -10.70 34.66
C THR A 78 -9.89 -9.88 35.14
N GLY A 79 -11.08 -10.14 34.59
CA GLY A 79 -12.30 -9.51 35.11
C GLY A 79 -12.94 -8.40 34.30
N TYR A 80 -12.53 -8.25 33.02
CA TYR A 80 -13.22 -7.31 32.14
C TYR A 80 -14.64 -7.80 31.84
N ASP A 81 -15.46 -6.89 31.33
CA ASP A 81 -16.83 -7.20 30.93
C ASP A 81 -16.81 -8.00 29.62
N LEU A 82 -16.39 -9.26 29.73
CA LEU A 82 -16.32 -10.18 28.60
C LEU A 82 -16.66 -11.56 29.13
N PRO A 83 -17.96 -11.85 29.29
CA PRO A 83 -18.39 -13.12 29.90
C PRO A 83 -18.03 -14.37 29.09
N MET A 84 -18.04 -15.51 29.77
CA MET A 84 -17.73 -16.79 29.12
C MET A 84 -18.63 -17.03 27.89
N GLU A 85 -19.88 -16.60 27.97
CA GLU A 85 -20.80 -16.77 26.84
C GLU A 85 -20.22 -16.15 25.55
N GLU A 86 -19.53 -15.03 25.70
CA GLU A 86 -18.90 -14.39 24.53
C GLU A 86 -17.76 -15.26 23.95
N LEU A 87 -16.97 -15.90 24.82
CA LEU A 87 -15.92 -16.80 24.34
C LEU A 87 -16.51 -18.01 23.63
N LYS A 88 -17.68 -18.47 24.11
CA LYS A 88 -18.42 -19.54 23.44
C LYS A 88 -18.97 -19.08 22.07
N ASN A 89 -19.00 -17.76 21.87
CA ASN A 89 -19.46 -17.17 20.61
C ASN A 89 -18.33 -16.57 19.75
N PHE A 90 -17.11 -17.00 20.04
CA PHE A 90 -15.93 -16.66 19.23
C PHE A 90 -16.26 -16.82 17.74
N ARG A 91 -15.98 -15.79 16.95
CA ARG A 91 -16.10 -15.84 15.49
C ARG A 91 -17.56 -15.95 15.00
N GLN A 92 -18.51 -15.65 15.89
CA GLN A 92 -19.94 -15.65 15.55
C GLN A 92 -20.52 -14.24 15.39
N LEU A 93 -21.53 -14.12 14.52
CA LEU A 93 -22.08 -12.81 14.17
C LEU A 93 -22.45 -12.00 15.40
N HIS A 94 -21.92 -10.78 15.44
CA HIS A 94 -22.23 -9.78 16.46
C HIS A 94 -21.75 -10.11 17.88
N SER A 95 -20.91 -11.15 18.00
CA SER A 95 -20.27 -11.43 19.28
C SER A 95 -19.23 -10.35 19.61
N LYS A 96 -18.83 -10.31 20.89
CA LYS A 96 -17.75 -9.43 21.33
C LYS A 96 -16.38 -10.09 21.14
N THR A 97 -16.37 -11.21 20.41
CA THR A 97 -15.15 -12.00 20.19
C THR A 97 -14.94 -12.30 18.68
N PRO A 98 -14.80 -11.25 17.87
CA PRO A 98 -14.57 -11.49 16.44
C PRO A 98 -13.20 -12.17 16.23
N GLY A 99 -13.01 -12.78 15.04
CA GLY A 99 -11.83 -13.58 14.75
C GLY A 99 -10.49 -12.87 14.91
N HIS A 100 -10.49 -11.56 14.67
CA HIS A 100 -9.35 -10.69 14.98
C HIS A 100 -9.86 -9.59 15.91
N PRO A 101 -9.05 -9.16 16.90
CA PRO A 101 -9.60 -8.24 17.90
C PRO A 101 -9.91 -6.90 17.28
N GLU A 102 -11.01 -6.28 17.73
CA GLU A 102 -11.51 -5.02 17.20
C GLU A 102 -11.72 -4.04 18.35
N VAL A 103 -11.16 -2.85 18.22
CA VAL A 103 -11.39 -1.81 19.22
C VAL A 103 -12.84 -1.36 19.10
N GLY A 104 -13.48 -1.10 20.24
CA GLY A 104 -14.79 -0.46 20.20
C GLY A 104 -15.95 -1.17 20.88
N TYR A 105 -16.05 -2.47 20.67
CA TYR A 105 -17.14 -3.29 21.21
C TYR A 105 -16.65 -4.58 21.89
N THR A 106 -15.41 -4.52 22.35
CA THR A 106 -14.87 -5.52 23.28
C THR A 106 -14.09 -4.71 24.30
N ALA A 107 -14.54 -4.79 25.56
CA ALA A 107 -13.90 -4.08 26.65
C ALA A 107 -12.42 -4.46 26.74
N GLY A 108 -11.54 -3.46 26.71
CA GLY A 108 -10.11 -3.66 26.90
C GLY A 108 -9.26 -3.88 25.67
N VAL A 109 -9.89 -4.06 24.50
CA VAL A 109 -9.10 -4.19 23.26
C VAL A 109 -8.69 -2.78 22.83
N GLU A 110 -7.38 -2.56 22.64
CA GLU A 110 -6.86 -1.20 22.43
C GLU A 110 -6.87 -0.76 20.97
N THR A 111 -6.85 -1.74 20.07
CA THR A 111 -6.72 -1.48 18.64
C THR A 111 -7.21 -2.69 17.88
N THR A 112 -7.47 -2.52 16.58
CA THR A 112 -7.91 -3.62 15.75
C THR A 112 -6.71 -4.17 14.99
N THR A 113 -6.41 -5.46 15.17
CA THR A 113 -5.30 -6.04 14.43
C THR A 113 -5.80 -7.18 13.53
N GLY A 114 -4.87 -7.93 12.96
CA GLY A 114 -5.20 -8.85 11.86
C GLY A 114 -4.28 -8.59 10.68
N PRO A 115 -4.21 -7.32 10.20
CA PRO A 115 -3.20 -6.95 9.21
C PRO A 115 -1.83 -6.91 9.88
N LEU A 116 -0.98 -7.88 9.53
CA LEU A 116 0.31 -8.03 10.23
C LEU A 116 1.16 -6.75 10.14
N GLY A 117 1.89 -6.48 11.21
CA GLY A 117 2.76 -5.33 11.25
C GLY A 117 2.13 -4.06 11.78
N GLN A 118 0.81 -3.91 11.62
CA GLN A 118 0.20 -2.66 12.03
C GLN A 118 0.07 -2.50 13.55
N GLY A 119 -0.07 -3.62 14.25
CA GLY A 119 -0.11 -3.60 15.72
C GLY A 119 1.13 -2.94 16.32
N ILE A 120 2.30 -3.42 15.91
CA ILE A 120 3.52 -2.81 16.45
C ILE A 120 3.61 -1.31 16.10
N ALA A 121 3.19 -0.95 14.88
CA ALA A 121 3.08 0.46 14.49
C ALA A 121 2.17 1.22 15.44
N ASN A 122 1.00 0.67 15.72
CA ASN A 122 0.05 1.32 16.64
C ASN A 122 0.70 1.50 18.01
N ALA A 123 1.39 0.48 18.48
CA ALA A 123 2.11 0.52 19.77
C ALA A 123 3.14 1.64 19.79
N VAL A 124 3.92 1.77 18.72
CA VAL A 124 4.88 2.88 18.63
C VAL A 124 4.14 4.22 18.76
N GLY A 125 2.99 4.34 18.10
CA GLY A 125 2.14 5.55 18.21
C GLY A 125 1.70 5.79 19.66
N MET A 126 1.25 4.73 20.32
CA MET A 126 0.81 4.85 21.72
C MET A 126 1.97 5.26 22.63
N ALA A 127 3.18 4.75 22.35
CA ALA A 127 4.35 5.12 23.14
C ALA A 127 4.74 6.58 22.89
N ILE A 128 4.69 6.99 21.63
CA ILE A 128 4.96 8.41 21.29
C ILE A 128 3.95 9.31 22.00
N ALA A 129 2.69 8.88 22.01
CA ALA A 129 1.64 9.66 22.66
C ALA A 129 1.92 9.81 24.16
N GLU A 130 2.23 8.71 24.84
CA GLU A 130 2.54 8.79 26.28
C GLU A 130 3.74 9.70 26.56
N LYS A 131 4.80 9.58 25.77
CA LYS A 131 6.00 10.36 25.99
C LYS A 131 5.71 11.86 25.82
N THR A 132 4.95 12.18 24.78
CA THR A 132 4.63 13.55 24.42
C THR A 132 3.65 14.13 25.44
N LEU A 133 2.64 13.34 25.81
CA LEU A 133 1.65 13.80 26.79
C LEU A 133 2.29 14.06 28.16
N ALA A 134 3.20 13.18 28.56
CA ALA A 134 3.94 13.33 29.82
C ALA A 134 4.75 14.62 29.77
N ALA A 135 5.47 14.83 28.67
CA ALA A 135 6.27 16.04 28.52
C ALA A 135 5.41 17.31 28.58
N GLN A 136 4.22 17.25 27.98
CA GLN A 136 3.33 18.41 27.95
C GLN A 136 2.67 18.72 29.31
N PHE A 137 2.25 17.67 30.00
CA PHE A 137 1.40 17.83 31.20
C PHE A 137 2.07 17.64 32.55
N ASN A 138 3.07 16.77 32.63
CA ASN A 138 3.71 16.53 33.93
C ASN A 138 4.33 17.82 34.48
N ARG A 139 4.31 17.94 35.80
CA ARG A 139 4.87 19.09 36.50
C ARG A 139 5.63 18.57 37.72
N PRO A 140 6.55 19.39 38.27
CA PRO A 140 7.30 18.94 39.45
C PRO A 140 6.35 18.48 40.56
N GLY A 141 6.52 17.22 40.98
CA GLY A 141 5.65 16.62 42.00
C GLY A 141 4.32 16.09 41.50
N HIS A 142 4.08 16.18 40.19
CA HIS A 142 2.80 15.79 39.60
C HIS A 142 3.04 15.07 38.28
N ASP A 143 3.42 13.80 38.35
CA ASP A 143 3.67 13.00 37.14
C ASP A 143 2.39 12.24 36.79
N ILE A 144 1.41 12.97 36.27
CA ILE A 144 0.09 12.38 36.00
C ILE A 144 0.05 11.47 34.78
N VAL A 145 1.08 11.57 33.94
CA VAL A 145 1.23 10.66 32.80
C VAL A 145 2.48 9.81 33.02
N ASP A 146 2.27 8.51 33.13
CA ASP A 146 3.37 7.59 33.38
C ASP A 146 2.88 6.17 33.16
N HIS A 147 2.94 5.71 31.92
CA HIS A 147 2.53 4.32 31.63
C HIS A 147 3.33 3.71 30.49
N TYR A 148 3.38 2.37 30.47
CA TYR A 148 4.08 1.59 29.46
C TYR A 148 3.20 1.20 28.29
N THR A 149 3.86 0.83 27.20
CA THR A 149 3.19 0.27 26.03
C THR A 149 3.87 -1.07 25.77
N TYR A 150 3.08 -2.13 25.88
CA TYR A 150 3.59 -3.48 25.68
C TYR A 150 2.99 -4.03 24.40
N ALA A 151 3.81 -4.66 23.57
CA ALA A 151 3.32 -5.26 22.34
C ALA A 151 3.81 -6.68 22.20
N PHE A 152 2.93 -7.55 21.69
CA PHE A 152 3.29 -8.91 21.27
C PHE A 152 3.36 -8.92 19.75
N MET A 153 4.38 -9.58 19.19
CA MET A 153 4.48 -9.66 17.74
C MET A 153 5.21 -10.94 17.35
N GLY A 154 4.96 -11.43 16.12
CA GLY A 154 5.54 -12.68 15.65
C GLY A 154 6.39 -12.51 14.39
N ASP A 155 6.69 -13.63 13.75
CA ASP A 155 7.50 -13.60 12.53
C ASP A 155 6.85 -12.80 11.41
N GLY A 156 5.52 -12.89 11.29
CA GLY A 156 4.81 -12.15 10.24
C GLY A 156 5.04 -10.65 10.37
N CYS A 157 4.86 -10.15 11.59
CA CYS A 157 5.10 -8.73 11.86
C CYS A 157 6.54 -8.35 11.57
N MET A 158 7.49 -9.21 11.96
CA MET A 158 8.92 -8.94 11.71
C MET A 158 9.29 -8.88 10.22
N MET A 159 8.66 -9.71 9.42
CA MET A 159 8.96 -9.75 7.98
C MET A 159 8.41 -8.52 7.26
N GLU A 160 7.26 -8.04 7.73
CA GLU A 160 6.61 -6.90 7.11
C GLU A 160 7.48 -5.64 7.14
N GLY A 161 7.51 -4.96 6.00
CA GLY A 161 8.26 -3.71 5.88
C GLY A 161 7.89 -2.67 6.94
N ILE A 162 6.61 -2.62 7.28
CA ILE A 162 6.17 -1.63 8.26
C ILE A 162 6.90 -1.78 9.60
N SER A 163 7.27 -3.01 9.98
CA SER A 163 8.05 -3.15 11.23
C SER A 163 9.38 -2.38 11.17
N HIS A 164 10.02 -2.39 10.00
CA HIS A 164 11.24 -1.61 9.79
C HIS A 164 10.95 -0.11 9.97
N GLU A 165 9.87 0.38 9.35
CA GLU A 165 9.59 1.82 9.44
C GLU A 165 9.39 2.27 10.88
N VAL A 166 8.54 1.55 11.61
CA VAL A 166 8.15 2.05 12.94
C VAL A 166 9.18 1.75 14.00
N CYS A 167 9.87 0.62 13.86
CA CYS A 167 10.88 0.30 14.87
C CYS A 167 12.16 1.15 14.70
N SER A 168 12.47 1.49 13.47
CA SER A 168 13.56 2.42 13.20
C SER A 168 13.27 3.77 13.88
N LEU A 169 12.07 4.31 13.64
CA LEU A 169 11.70 5.60 14.20
C LEU A 169 11.62 5.55 15.75
N ALA A 170 11.09 4.46 16.28
CA ALA A 170 11.01 4.26 17.74
C ALA A 170 12.41 4.31 18.36
N GLY A 171 13.42 3.80 17.64
CA GLY A 171 14.80 3.86 18.13
C GLY A 171 15.26 5.32 18.18
N THR A 172 15.02 6.06 17.10
CA THR A 172 15.39 7.47 17.05
C THR A 172 14.78 8.26 18.20
N LEU A 173 13.50 7.99 18.50
CA LEU A 173 12.78 8.71 19.54
C LEU A 173 13.02 8.19 20.96
N LYS A 174 13.88 7.17 21.09
CA LYS A 174 14.31 6.66 22.39
C LYS A 174 13.11 6.38 23.30
N LEU A 175 12.21 5.55 22.78
CA LEU A 175 10.96 5.25 23.47
C LEU A 175 11.18 4.19 24.56
N GLY A 176 11.70 4.66 25.70
CA GLY A 176 12.07 3.79 26.83
C GLY A 176 10.91 3.04 27.47
N LYS A 177 9.68 3.45 27.22
CA LYS A 177 8.54 2.76 27.84
C LYS A 177 7.81 1.83 26.88
N LEU A 178 8.37 1.67 25.67
CA LEU A 178 7.90 0.67 24.74
C LEU A 178 8.67 -0.62 24.97
N ILE A 179 7.94 -1.71 25.20
CA ILE A 179 8.56 -3.02 25.41
C ILE A 179 7.81 -4.02 24.53
N ALA A 180 8.52 -4.60 23.57
CA ALA A 180 7.93 -5.55 22.63
C ALA A 180 8.42 -6.94 22.95
N PHE A 181 7.52 -7.91 22.84
CA PHE A 181 7.85 -9.33 22.99
C PHE A 181 7.74 -10.01 21.64
N TYR A 182 8.85 -10.59 21.17
CA TYR A 182 8.86 -11.27 19.89
C TYR A 182 8.63 -12.75 20.12
N ASP A 183 7.56 -13.28 19.54
CA ASP A 183 7.20 -14.68 19.67
C ASP A 183 8.07 -15.46 18.68
N ASP A 184 9.26 -15.85 19.14
CA ASP A 184 10.27 -16.44 18.26
C ASP A 184 10.08 -17.95 18.20
N ASN A 185 9.15 -18.39 17.35
CA ASN A 185 8.75 -19.80 17.35
C ASN A 185 9.16 -20.60 16.09
N GLY A 186 9.85 -19.95 15.14
CA GLY A 186 10.46 -20.62 14.00
C GLY A 186 9.51 -21.15 12.92
N ILE A 187 8.22 -20.84 13.08
CA ILE A 187 7.15 -21.35 12.21
C ILE A 187 6.31 -20.22 11.58
N SER A 188 6.06 -20.31 10.28
CA SER A 188 5.01 -19.47 9.66
C SER A 188 4.14 -20.38 8.80
N ILE A 189 3.28 -19.80 7.99
CA ILE A 189 2.28 -20.62 7.32
C ILE A 189 2.89 -21.62 6.33
N ASP A 190 3.94 -21.18 5.62
CA ASP A 190 4.60 -22.05 4.65
C ASP A 190 5.44 -23.16 5.29
N GLY A 191 5.70 -23.05 6.60
CA GLY A 191 6.48 -24.05 7.32
C GLY A 191 7.59 -23.46 8.18
N HIS A 192 8.72 -24.17 8.24
CA HIS A 192 9.88 -23.69 9.00
C HIS A 192 10.45 -22.44 8.33
N VAL A 193 10.55 -21.34 9.08
CA VAL A 193 10.82 -20.03 8.48
C VAL A 193 12.19 -19.88 7.80
N GLU A 194 13.13 -20.77 8.10
CA GLU A 194 14.49 -20.65 7.55
C GLU A 194 14.54 -20.58 6.02
N GLY A 195 13.52 -21.12 5.37
CA GLY A 195 13.46 -21.09 3.90
C GLY A 195 13.21 -19.71 3.32
N TRP A 196 12.77 -18.76 4.15
CA TRP A 196 12.42 -17.42 3.65
C TRP A 196 12.68 -16.28 4.62
N PHE A 197 13.13 -16.61 5.84
CA PHE A 197 13.32 -15.62 6.89
C PHE A 197 14.51 -16.01 7.75
N THR A 198 15.64 -15.33 7.54
CA THR A 198 16.90 -15.71 8.17
C THR A 198 17.61 -14.52 8.88
N ASP A 199 16.90 -13.41 9.06
CA ASP A 199 17.48 -12.24 9.72
C ASP A 199 18.07 -12.62 11.07
N ASP A 200 19.20 -12.00 11.40
CA ASP A 200 19.62 -11.91 12.80
C ASP A 200 18.78 -10.76 13.39
N THR A 201 17.59 -11.12 13.86
CA THR A 201 16.61 -10.12 14.31
C THR A 201 17.13 -9.27 15.49
N ALA A 202 17.89 -9.89 16.39
CA ALA A 202 18.49 -9.13 17.48
C ALA A 202 19.41 -8.05 16.93
N MET A 203 20.28 -8.43 16.00
CA MET A 203 21.25 -7.49 15.42
C MET A 203 20.53 -6.38 14.67
N ARG A 204 19.46 -6.75 13.95
CA ARG A 204 18.62 -5.78 13.25
C ARG A 204 18.08 -4.72 14.22
N PHE A 205 17.51 -5.17 15.34
CA PHE A 205 16.92 -4.25 16.31
C PHE A 205 17.96 -3.44 17.06
N GLU A 206 19.13 -4.02 17.28
CA GLU A 206 20.24 -3.24 17.80
C GLU A 206 20.65 -2.14 16.82
N ALA A 207 20.58 -2.43 15.52
CA ALA A 207 20.84 -1.41 14.49
C ALA A 207 19.87 -0.24 14.60
N TYR A 208 18.67 -0.52 15.11
CA TYR A 208 17.63 0.51 15.34
C TYR A 208 17.80 1.27 16.66
N GLY A 209 18.77 0.87 17.47
CA GLY A 209 18.97 1.52 18.75
C GLY A 209 18.02 0.98 19.83
N TRP A 210 17.56 -0.26 19.65
CA TRP A 210 16.75 -0.92 20.68
C TRP A 210 17.62 -1.68 21.66
N HIS A 211 17.13 -1.82 22.89
CA HIS A 211 17.75 -2.73 23.84
C HIS A 211 17.17 -4.11 23.59
N VAL A 212 18.01 -5.06 23.19
CA VAL A 212 17.51 -6.41 22.88
C VAL A 212 17.95 -7.44 23.93
N ILE A 213 16.98 -8.27 24.36
CA ILE A 213 17.27 -9.35 25.30
C ILE A 213 17.09 -10.66 24.55
N ARG A 214 18.21 -11.35 24.35
CA ARG A 214 18.24 -12.58 23.56
C ARG A 214 17.91 -13.83 24.35
N ASP A 215 17.44 -14.85 23.63
CA ASP A 215 17.38 -16.23 24.12
C ASP A 215 16.60 -16.38 25.42
N ILE A 216 15.45 -15.70 25.50
CA ILE A 216 14.56 -15.87 26.65
C ILE A 216 13.78 -17.16 26.46
N ASP A 217 13.78 -17.99 27.50
CA ASP A 217 12.92 -19.17 27.49
C ASP A 217 11.49 -18.70 27.70
N GLY A 218 10.73 -18.67 26.59
CA GLY A 218 9.35 -18.22 26.59
C GLY A 218 8.38 -19.09 27.37
N HIS A 219 8.85 -20.23 27.87
CA HIS A 219 8.00 -21.12 28.68
C HIS A 219 8.44 -21.22 30.12
N ASP A 220 9.28 -20.26 30.53
CA ASP A 220 9.75 -20.19 31.91
C ASP A 220 9.45 -18.84 32.52
N ALA A 221 8.47 -18.80 33.41
CA ALA A 221 8.01 -17.55 34.01
C ALA A 221 9.14 -16.71 34.62
N ALA A 222 10.04 -17.37 35.35
CA ALA A 222 11.16 -16.65 35.99
C ALA A 222 12.04 -15.91 34.96
N SER A 223 12.35 -16.60 33.87
CA SER A 223 13.15 -16.02 32.78
C SER A 223 12.44 -14.83 32.14
N ILE A 224 11.14 -14.98 31.89
CA ILE A 224 10.35 -13.91 31.31
C ILE A 224 10.32 -12.70 32.26
N LYS A 225 10.08 -12.96 33.53
CA LYS A 225 9.99 -11.90 34.52
C LYS A 225 11.31 -11.12 34.61
N ARG A 226 12.44 -11.84 34.66
CA ARG A 226 13.74 -11.17 34.70
C ARG A 226 13.93 -10.25 33.50
N ALA A 227 13.50 -10.72 32.34
CA ALA A 227 13.67 -9.98 31.08
C ALA A 227 12.83 -8.71 31.10
N VAL A 228 11.58 -8.82 31.56
CA VAL A 228 10.72 -7.65 31.68
C VAL A 228 11.34 -6.61 32.65
N GLU A 229 11.87 -7.09 33.77
CA GLU A 229 12.51 -6.19 34.73
C GLU A 229 13.70 -5.45 34.11
N GLU A 230 14.51 -6.17 33.32
CA GLU A 230 15.64 -5.58 32.60
C GLU A 230 15.17 -4.49 31.62
N ALA A 231 14.17 -4.81 30.79
CA ALA A 231 13.59 -3.86 29.84
C ALA A 231 13.05 -2.61 30.55
N ARG A 232 12.44 -2.80 31.71
CA ARG A 232 11.91 -1.69 32.49
C ARG A 232 13.01 -0.83 33.09
N ALA A 233 14.18 -1.42 33.34
CA ALA A 233 15.31 -0.68 33.90
C ALA A 233 16.01 0.19 32.84
N VAL A 234 15.83 -0.15 31.57
CA VAL A 234 16.42 0.61 30.48
C VAL A 234 15.45 1.71 30.05
N THR A 235 15.78 2.95 30.41
CA THR A 235 14.81 4.05 30.25
C THR A 235 14.96 4.87 28.96
N ASP A 236 16.02 4.62 28.20
CA ASP A 236 16.39 5.45 27.06
C ASP A 236 16.35 4.73 25.72
N LYS A 237 15.82 3.52 25.71
CA LYS A 237 15.65 2.77 24.46
C LYS A 237 14.42 1.89 24.55
N PRO A 238 13.72 1.70 23.42
CA PRO A 238 12.65 0.70 23.40
C PRO A 238 13.34 -0.67 23.48
N SER A 239 12.62 -1.65 24.02
CA SER A 239 13.18 -2.98 24.27
C SER A 239 12.50 -4.07 23.46
N LEU A 240 13.29 -4.99 22.92
CA LEU A 240 12.75 -6.20 22.31
C LEU A 240 13.18 -7.45 23.07
N LEU A 241 12.20 -8.22 23.54
CA LEU A 241 12.48 -9.47 24.24
C LEU A 241 12.30 -10.67 23.32
N MET A 242 13.40 -11.22 22.84
CA MET A 242 13.37 -12.39 21.97
C MET A 242 12.93 -13.63 22.75
N CYS A 243 11.63 -13.95 22.65
CA CYS A 243 11.06 -15.06 23.42
C CYS A 243 10.98 -16.32 22.59
N LYS A 244 11.84 -17.29 22.92
CA LYS A 244 11.79 -18.59 22.26
C LYS A 244 10.58 -19.38 22.79
N THR A 245 9.64 -19.66 21.89
CA THR A 245 8.44 -20.41 22.27
C THR A 245 8.21 -21.55 21.30
N ILE A 246 7.36 -22.48 21.72
CA ILE A 246 6.88 -23.57 20.88
C ILE A 246 5.42 -23.26 20.52
N ILE A 247 5.19 -23.02 19.22
CA ILE A 247 3.83 -22.76 18.74
C ILE A 247 2.96 -23.96 19.13
N GLY A 248 1.75 -23.70 19.62
CA GLY A 248 0.88 -24.82 20.01
C GLY A 248 1.38 -25.60 21.21
N PHE A 249 2.22 -24.98 22.05
CA PHE A 249 2.73 -25.60 23.28
C PHE A 249 1.64 -26.35 24.03
N GLY A 250 1.88 -27.63 24.30
CA GLY A 250 0.89 -28.49 24.97
C GLY A 250 0.38 -29.62 24.09
N SER A 251 0.28 -29.36 22.79
CA SER A 251 -0.22 -30.35 21.82
C SER A 251 0.88 -31.35 21.46
N PRO A 252 0.73 -32.65 21.86
CA PRO A 252 1.83 -33.57 21.51
C PRO A 252 2.11 -33.68 20.01
N ASN A 253 1.06 -33.64 19.19
CA ASN A 253 1.20 -33.93 17.77
C ASN A 253 1.30 -32.71 16.88
N LYS A 254 0.89 -31.55 17.40
CA LYS A 254 0.87 -30.33 16.61
C LYS A 254 1.77 -29.22 17.14
N ALA A 255 2.26 -29.33 18.37
CA ALA A 255 3.20 -28.31 18.86
C ALA A 255 4.42 -28.27 17.96
N GLY A 256 4.91 -27.06 17.69
CA GLY A 256 6.14 -26.88 16.90
C GLY A 256 5.92 -27.11 15.41
N THR A 257 4.66 -27.19 14.99
CA THR A 257 4.35 -27.40 13.58
C THR A 257 3.45 -26.30 13.03
N HIS A 258 3.51 -26.09 11.72
CA HIS A 258 2.64 -25.14 11.05
C HIS A 258 1.16 -25.55 11.18
N ASP A 259 0.91 -26.84 11.45
CA ASP A 259 -0.46 -27.33 11.58
C ASP A 259 -1.23 -26.67 12.71
N SER A 260 -0.51 -26.22 13.75
CA SER A 260 -1.14 -25.58 14.91
C SER A 260 -1.42 -24.09 14.69
N HIS A 261 -0.93 -23.53 13.58
CA HIS A 261 -1.03 -22.08 13.36
C HIS A 261 -2.48 -21.57 13.26
N GLY A 262 -3.24 -22.19 12.36
CA GLY A 262 -4.45 -21.53 11.85
C GLY A 262 -5.67 -22.39 11.60
N ALA A 263 -5.75 -23.52 12.30
CA ALA A 263 -6.94 -24.34 12.26
C ALA A 263 -7.18 -24.97 13.62
N PRO A 264 -8.42 -25.39 13.88
CA PRO A 264 -8.68 -26.08 15.14
C PRO A 264 -7.77 -27.29 15.32
N LEU A 265 -7.39 -27.56 16.56
CA LEU A 265 -6.53 -28.72 16.84
C LEU A 265 -7.21 -30.05 16.53
N GLY A 266 -8.53 -30.11 16.72
CA GLY A 266 -9.27 -31.36 16.63
C GLY A 266 -9.57 -31.90 18.02
N ASP A 267 -10.74 -32.52 18.18
CA ASP A 267 -11.16 -33.01 19.49
C ASP A 267 -10.20 -34.03 20.09
N ALA A 268 -9.76 -35.00 19.27
CA ALA A 268 -8.80 -36.02 19.76
C ALA A 268 -7.53 -35.33 20.26
N GLU A 269 -7.02 -34.40 19.46
CA GLU A 269 -5.79 -33.70 19.84
C GLU A 269 -5.98 -32.83 21.10
N ILE A 270 -7.15 -32.20 21.24
CA ILE A 270 -7.42 -31.42 22.45
C ILE A 270 -7.40 -32.30 23.73
N ALA A 271 -7.99 -33.49 23.64
CA ALA A 271 -7.95 -34.46 24.75
C ALA A 271 -6.50 -34.77 25.15
N LEU A 272 -5.65 -35.02 24.15
CA LEU A 272 -4.22 -35.29 24.38
C LEU A 272 -3.50 -34.08 24.97
N THR A 273 -3.91 -32.89 24.54
CA THR A 273 -3.32 -31.66 25.04
C THR A 273 -3.66 -31.43 26.51
N ARG A 274 -4.92 -31.64 26.89
CA ARG A 274 -5.32 -31.61 28.30
C ARG A 274 -4.42 -32.54 29.13
N GLU A 275 -4.18 -33.73 28.60
CA GLU A 275 -3.37 -34.72 29.32
C GLU A 275 -1.92 -34.28 29.49
N GLN A 276 -1.35 -33.74 28.42
CA GLN A 276 0.02 -33.24 28.47
C GLN A 276 0.15 -32.06 29.45
N LEU A 277 -0.82 -31.15 29.43
CA LEU A 277 -0.78 -29.95 30.26
C LEU A 277 -1.20 -30.20 31.70
N GLY A 278 -1.80 -31.36 31.96
CA GLY A 278 -2.43 -31.63 33.25
C GLY A 278 -3.62 -30.72 33.56
N TRP A 279 -4.33 -30.31 32.50
CA TRP A 279 -5.51 -29.44 32.63
C TRP A 279 -6.78 -30.29 32.66
N LYS A 280 -7.42 -30.35 33.83
CA LYS A 280 -8.52 -31.30 34.05
C LYS A 280 -9.92 -30.75 33.71
N TYR A 281 -10.04 -29.42 33.62
CA TYR A 281 -11.35 -28.79 33.52
C TYR A 281 -11.94 -28.90 32.11
N ALA A 282 -13.25 -29.04 32.06
CA ALA A 282 -13.98 -29.20 30.80
C ALA A 282 -13.96 -27.88 30.02
N PRO A 283 -14.29 -27.93 28.72
CA PRO A 283 -14.33 -26.67 27.94
C PRO A 283 -15.17 -25.57 28.61
N PHE A 284 -14.59 -24.37 28.67
CA PHE A 284 -15.22 -23.16 29.23
C PHE A 284 -15.49 -23.24 30.75
N GLU A 285 -14.85 -24.20 31.41
CA GLU A 285 -14.91 -24.32 32.86
C GLU A 285 -13.62 -23.79 33.49
N ILE A 286 -13.77 -22.82 34.40
CA ILE A 286 -12.67 -22.25 35.16
C ILE A 286 -13.10 -22.25 36.64
N PRO A 287 -12.31 -22.88 37.52
CA PRO A 287 -12.66 -22.93 38.94
C PRO A 287 -12.49 -21.58 39.64
N SER A 288 -13.29 -21.36 40.68
CA SER A 288 -13.22 -20.12 41.46
C SER A 288 -11.79 -19.77 41.92
N GLU A 289 -11.02 -20.77 42.31
CA GLU A 289 -9.66 -20.54 42.82
C GLU A 289 -8.70 -20.00 41.73
N ILE A 290 -8.94 -20.37 40.48
CA ILE A 290 -8.16 -19.85 39.36
C ILE A 290 -8.59 -18.42 39.00
N TYR A 291 -9.90 -18.15 39.00
CA TYR A 291 -10.36 -16.77 38.88
C TYR A 291 -9.77 -15.88 39.98
N ALA A 292 -9.74 -16.36 41.21
CA ALA A 292 -9.21 -15.57 42.32
C ALA A 292 -7.77 -15.12 42.07
N GLN A 293 -6.98 -15.97 41.41
CA GLN A 293 -5.59 -15.64 41.14
C GLN A 293 -5.43 -14.78 39.89
N TRP A 294 -6.36 -14.92 38.93
CA TRP A 294 -6.29 -14.15 37.68
C TRP A 294 -6.95 -12.78 37.78
N ASP A 295 -7.97 -12.67 38.63
CA ASP A 295 -8.75 -11.44 38.69
C ASP A 295 -7.94 -10.20 39.07
N ALA A 296 -8.21 -9.11 38.36
CA ALA A 296 -7.45 -7.85 38.53
C ALA A 296 -8.31 -6.70 39.03
N LYS A 297 -9.56 -6.98 39.42
CA LYS A 297 -10.49 -5.93 39.84
C LYS A 297 -10.00 -5.16 41.06
N GLU A 298 -9.57 -5.87 42.10
CA GLU A 298 -9.14 -5.20 43.34
C GLU A 298 -7.84 -4.42 43.18
N ALA A 299 -6.83 -5.02 42.55
CA ALA A 299 -5.57 -4.32 42.28
C ALA A 299 -5.83 -3.15 41.33
N GLY A 300 -6.64 -3.40 40.30
CA GLY A 300 -6.97 -2.38 39.31
C GLY A 300 -7.63 -1.16 39.93
N GLN A 301 -8.63 -1.40 40.76
CA GLN A 301 -9.38 -0.34 41.45
C GLN A 301 -8.46 0.49 42.35
N ALA A 302 -7.55 -0.20 43.05
CA ALA A 302 -6.59 0.46 43.93
C ALA A 302 -5.67 1.38 43.13
N LYS A 303 -5.16 0.87 42.01
CA LYS A 303 -4.23 1.65 41.21
C LYS A 303 -4.93 2.88 40.60
N GLU A 304 -6.14 2.67 40.08
CA GLU A 304 -6.87 3.82 39.50
C GLU A 304 -7.25 4.86 40.56
N SER A 305 -7.66 4.39 41.74
N SER A 305 -7.68 4.38 41.74
CA SER A 305 -8.01 5.31 42.81
CA SER A 305 -8.00 5.28 42.84
C SER A 305 -6.83 6.17 43.26
C SER A 305 -6.82 6.17 43.20
N ALA A 306 -5.65 5.54 43.38
CA ALA A 306 -4.41 6.27 43.68
C ALA A 306 -4.14 7.34 42.61
N TRP A 307 -4.32 6.95 41.35
CA TRP A 307 -4.14 7.89 40.24
C TRP A 307 -5.16 9.03 40.30
N ASN A 308 -6.43 8.70 40.56
CA ASN A 308 -7.46 9.72 40.74
C ASN A 308 -7.09 10.74 41.82
N GLU A 309 -6.53 10.26 42.94
CA GLU A 309 -6.03 11.16 43.99
C GLU A 309 -4.90 12.06 43.49
N LYS A 310 -3.97 11.46 42.73
CA LYS A 310 -2.87 12.17 42.12
C LYS A 310 -3.40 13.26 41.18
N PHE A 311 -4.37 12.88 40.34
CA PHE A 311 -4.95 13.84 39.41
C PHE A 311 -5.69 14.97 40.13
N ALA A 312 -6.40 14.63 41.20
CA ALA A 312 -7.08 15.64 42.01
C ALA A 312 -6.08 16.67 42.55
N ALA A 313 -4.92 16.20 43.04
CA ALA A 313 -3.90 17.12 43.54
C ALA A 313 -3.34 17.98 42.40
N TYR A 314 -3.19 17.37 41.23
CA TYR A 314 -2.72 18.09 40.05
C TYR A 314 -3.70 19.19 39.68
N ALA A 315 -4.98 18.84 39.67
CA ALA A 315 -6.05 19.77 39.34
C ALA A 315 -6.07 20.98 40.28
N LYS A 316 -5.73 20.74 41.55
CA LYS A 316 -5.65 21.84 42.53
C LYS A 316 -4.51 22.81 42.20
N ALA A 317 -3.35 22.25 41.88
CA ALA A 317 -2.13 23.04 41.64
C ALA A 317 -2.08 23.63 40.23
N TYR A 318 -2.73 22.94 39.29
CA TYR A 318 -2.73 23.29 37.87
C TYR A 318 -4.14 23.13 37.26
N PRO A 319 -5.10 23.98 37.69
CA PRO A 319 -6.48 23.79 37.25
C PRO A 319 -6.72 23.91 35.73
N GLN A 320 -6.07 24.88 35.09
CA GLN A 320 -6.25 25.04 33.64
C GLN A 320 -5.67 23.84 32.90
N GLU A 321 -4.49 23.39 33.31
CA GLU A 321 -3.83 22.25 32.68
C GLU A 321 -4.67 20.98 32.86
N ALA A 322 -5.21 20.78 34.06
CA ALA A 322 -6.06 19.63 34.33
C ALA A 322 -7.31 19.63 33.45
N ALA A 323 -7.93 20.79 33.29
CA ALA A 323 -9.13 20.89 32.46
C ALA A 323 -8.76 20.53 31.01
N GLU A 324 -7.60 21.00 30.56
CA GLU A 324 -7.11 20.66 29.21
C GLU A 324 -6.83 19.17 29.05
N PHE A 325 -6.26 18.56 30.08
CA PHE A 325 -5.95 17.12 30.02
C PHE A 325 -7.25 16.32 29.87
N THR A 326 -8.24 16.65 30.71
CA THR A 326 -9.52 15.95 30.65
C THR A 326 -10.20 16.14 29.29
N ARG A 327 -10.22 17.40 28.80
CA ARG A 327 -10.82 17.71 27.51
C ARG A 327 -10.16 16.90 26.40
N ARG A 328 -8.84 16.89 26.41
CA ARG A 328 -8.09 16.26 25.34
C ARG A 328 -8.16 14.73 25.39
N MET A 329 -8.14 14.17 26.59
CA MET A 329 -8.29 12.70 26.73
C MET A 329 -9.67 12.22 26.24
N LYS A 330 -10.69 13.05 26.41
CA LYS A 330 -12.06 12.75 25.95
C LYS A 330 -12.23 13.00 24.45
N GLY A 331 -11.26 13.68 23.84
CA GLY A 331 -11.36 14.04 22.42
C GLY A 331 -12.37 15.15 22.15
N GLU A 332 -12.74 15.88 23.20
CA GLU A 332 -13.65 17.02 23.03
C GLU A 332 -12.93 18.21 22.41
N MET A 333 -13.70 19.02 21.70
CA MET A 333 -13.15 20.22 21.08
C MET A 333 -13.27 21.44 21.99
N PRO A 334 -12.38 22.43 21.83
CA PRO A 334 -12.52 23.65 22.63
C PRO A 334 -13.89 24.28 22.38
N SER A 335 -14.52 24.83 23.42
CA SER A 335 -15.89 25.36 23.28
C SER A 335 -16.01 26.47 22.22
N ASP A 336 -14.94 27.24 22.04
CA ASP A 336 -14.96 28.38 21.12
C ASP A 336 -14.40 28.04 19.74
N PHE A 337 -14.09 26.76 19.50
CA PHE A 337 -13.49 26.40 18.24
C PHE A 337 -14.41 26.61 17.04
N ASP A 338 -15.65 26.16 17.17
CA ASP A 338 -16.61 26.28 16.08
C ASP A 338 -16.72 27.73 15.62
N ALA A 339 -16.91 28.64 16.58
CA ALA A 339 -17.07 30.07 16.29
C ALA A 339 -15.84 30.66 15.65
N LYS A 340 -14.68 30.34 16.20
CA LYS A 340 -13.41 30.86 15.69
C LYS A 340 -13.12 30.33 14.29
N ALA A 341 -13.40 29.04 14.06
CA ALA A 341 -13.15 28.46 12.74
C ALA A 341 -14.08 29.08 11.69
N LYS A 342 -15.33 29.30 12.07
CA LYS A 342 -16.31 29.93 11.17
C LYS A 342 -15.88 31.36 10.81
N GLU A 343 -15.34 32.06 11.80
CA GLU A 343 -14.81 33.42 11.60
C GLU A 343 -13.67 33.39 10.56
N PHE A 344 -12.78 32.41 10.71
CA PHE A 344 -11.67 32.23 9.76
C PHE A 344 -12.21 31.99 8.34
N ILE A 345 -13.16 31.06 8.22
CA ILE A 345 -13.76 30.72 6.92
C ILE A 345 -14.42 31.93 6.28
N ALA A 346 -15.20 32.69 7.06
CA ALA A 346 -15.88 33.88 6.57
C ALA A 346 -14.85 34.91 6.09
N LYS A 347 -13.77 35.06 6.86
CA LYS A 347 -12.71 36.00 6.48
C LYS A 347 -12.14 35.62 5.12
N LEU A 348 -11.88 34.33 4.92
CA LEU A 348 -11.35 33.87 3.63
C LEU A 348 -12.28 34.19 2.48
N GLN A 349 -13.58 33.93 2.67
CA GLN A 349 -14.55 34.17 1.60
C GLN A 349 -14.58 35.66 1.24
N ALA A 350 -14.40 36.52 2.25
CA ALA A 350 -14.46 37.98 2.04
C ALA A 350 -13.15 38.57 1.50
N ASN A 351 -12.08 37.77 1.56
CA ASN A 351 -10.76 38.23 1.17
C ASN A 351 -10.10 37.21 0.25
N PRO A 352 -10.50 37.21 -1.03
CA PRO A 352 -10.02 36.20 -1.97
C PRO A 352 -8.51 36.16 -2.11
N ALA A 353 -7.98 34.95 -2.25
CA ALA A 353 -6.57 34.72 -2.56
C ALA A 353 -6.45 33.51 -3.46
N LYS A 354 -5.76 33.68 -4.59
CA LYS A 354 -5.56 32.60 -5.54
C LYS A 354 -4.23 31.94 -5.20
N ILE A 355 -4.33 30.89 -4.40
CA ILE A 355 -3.18 30.15 -3.87
C ILE A 355 -3.43 28.65 -4.02
N ALA A 356 -2.37 27.86 -3.91
CA ALA A 356 -2.51 26.40 -4.01
C ALA A 356 -3.29 25.93 -2.79
N SER A 357 -4.13 24.90 -2.95
CA SER A 357 -4.78 24.38 -1.75
C SER A 357 -3.80 23.74 -0.74
N ARG A 358 -2.59 23.34 -1.16
CA ARG A 358 -1.59 22.96 -0.14
C ARG A 358 -1.27 24.17 0.76
N LYS A 359 -1.18 25.37 0.17
CA LYS A 359 -0.93 26.60 0.95
C LYS A 359 -2.16 26.94 1.82
N ALA A 360 -3.34 26.80 1.24
CA ALA A 360 -4.60 26.98 1.99
C ALA A 360 -4.67 26.06 3.22
N SER A 361 -4.15 24.85 3.05
CA SER A 361 -4.08 23.87 4.13
C SER A 361 -3.12 24.37 5.21
N GLN A 362 -1.93 24.81 4.81
CA GLN A 362 -0.98 25.38 5.76
C GLN A 362 -1.60 26.56 6.53
N ASN A 363 -2.32 27.40 5.80
CA ASN A 363 -2.99 28.55 6.42
C ASN A 363 -4.04 28.12 7.46
N ALA A 364 -4.75 27.02 7.17
CA ALA A 364 -5.72 26.49 8.14
C ALA A 364 -5.01 25.90 9.37
N ILE A 365 -3.89 25.21 9.13
CA ILE A 365 -3.08 24.73 10.26
C ILE A 365 -2.63 25.91 11.14
N GLU A 366 -2.18 26.99 10.48
CA GLU A 366 -1.72 28.18 11.19
C GLU A 366 -2.86 28.77 12.01
N ALA A 367 -4.06 28.82 11.43
CA ALA A 367 -5.22 29.38 12.12
C ALA A 367 -5.72 28.52 13.28
N PHE A 368 -5.68 27.20 13.08
CA PHE A 368 -6.19 26.26 14.08
C PHE A 368 -5.16 25.95 15.17
N GLY A 369 -3.87 26.05 14.82
CA GLY A 369 -2.79 25.65 15.73
C GLY A 369 -2.93 26.23 17.14
N PRO A 370 -3.10 27.55 17.27
CA PRO A 370 -3.26 28.13 18.62
C PRO A 370 -4.50 27.64 19.37
N LEU A 371 -5.47 27.10 18.65
CA LEU A 371 -6.74 26.67 19.22
C LEU A 371 -6.76 25.20 19.58
N LEU A 372 -5.90 24.42 18.91
CA LEU A 372 -5.85 22.97 19.07
C LEU A 372 -4.49 22.50 19.56
N PRO A 373 -4.19 22.72 20.85
CA PRO A 373 -2.90 22.27 21.41
C PRO A 373 -2.73 20.74 21.30
N GLU A 374 -3.85 20.03 21.10
CA GLU A 374 -3.83 18.57 20.88
C GLU A 374 -3.24 18.10 19.53
N PHE A 375 -3.07 19.01 18.57
CA PHE A 375 -2.44 18.64 17.28
C PHE A 375 -1.13 17.88 17.56
N LEU A 376 -0.97 16.74 16.90
CA LEU A 376 0.33 16.05 16.82
C LEU A 376 0.47 15.71 15.35
N GLY A 377 1.08 16.64 14.62
CA GLY A 377 1.11 16.55 13.16
C GLY A 377 2.45 16.13 12.61
N GLY A 378 2.47 15.75 11.35
CA GLY A 378 3.73 15.46 10.70
C GLY A 378 3.64 15.20 9.22
N SER A 379 4.81 14.99 8.62
CA SER A 379 4.94 14.68 7.20
C SER A 379 6.01 13.61 7.02
N ALA A 380 5.84 12.76 6.01
CA ALA A 380 6.85 11.74 5.71
C ALA A 380 7.98 12.34 4.86
N ASP A 381 8.82 13.15 5.51
CA ASP A 381 9.97 13.83 4.88
C ASP A 381 9.56 14.79 3.76
N LEU A 382 8.37 15.39 3.87
CA LEU A 382 7.96 16.40 2.90
C LEU A 382 7.42 17.70 3.53
N ALA A 383 7.94 18.07 4.70
CA ALA A 383 7.46 19.28 5.37
C ALA A 383 7.41 20.52 4.45
N PRO A 384 8.50 20.77 3.67
CA PRO A 384 8.49 22.00 2.86
C PRO A 384 7.66 21.92 1.59
N SER A 385 7.14 20.72 1.29
CA SER A 385 6.35 20.49 0.08
CA SER A 385 6.35 20.51 0.09
C SER A 385 4.86 20.32 0.42
N ASN A 386 4.59 19.51 1.45
CA ASN A 386 3.24 19.29 1.95
C ASN A 386 2.73 20.51 2.71
N LEU A 387 3.67 21.31 3.22
CA LEU A 387 3.37 22.55 3.99
C LEU A 387 2.62 22.24 5.30
N THR A 388 3.23 21.33 6.09
CA THR A 388 2.66 20.84 7.34
C THR A 388 3.14 21.59 8.59
N LEU A 389 4.16 22.44 8.42
CA LEU A 389 4.66 23.26 9.54
C LEU A 389 3.90 24.58 9.66
N TRP A 390 3.54 24.94 10.89
CA TRP A 390 3.07 26.30 11.14
C TRP A 390 4.03 27.00 12.13
N SER A 391 3.79 28.27 12.43
CA SER A 391 4.74 29.03 13.24
C SER A 391 4.96 28.42 14.62
N GLY A 392 3.94 27.74 15.14
CA GLY A 392 4.02 27.13 16.47
C GLY A 392 4.42 25.67 16.47
N SER A 393 4.79 25.13 15.30
CA SER A 393 5.27 23.74 15.24
C SER A 393 6.58 23.58 16.01
N LYS A 394 6.69 22.48 16.76
CA LYS A 394 7.94 22.13 17.42
C LYS A 394 8.13 20.62 17.34
N ALA A 395 9.22 20.20 16.68
CA ALA A 395 9.48 18.78 16.46
C ALA A 395 9.78 18.04 17.76
N ILE A 396 9.13 16.90 17.96
CA ILE A 396 9.29 16.15 19.21
C ILE A 396 10.68 15.50 19.38
N ASN A 397 11.46 15.42 18.30
CA ASN A 397 12.86 14.97 18.43
C ASN A 397 13.74 16.08 19.03
N GLU A 398 13.24 17.31 18.96
CA GLU A 398 13.93 18.48 19.53
C GLU A 398 13.46 18.80 20.95
N ASP A 399 12.15 18.77 21.14
CA ASP A 399 11.54 19.02 22.43
C ASP A 399 10.42 18.01 22.59
N ALA A 400 10.53 17.17 23.61
CA ALA A 400 9.55 16.10 23.82
C ALA A 400 8.12 16.60 24.04
N ALA A 401 7.98 17.86 24.43
CA ALA A 401 6.68 18.49 24.68
C ALA A 401 6.10 19.14 23.42
N GLY A 402 6.78 18.92 22.29
CA GLY A 402 6.35 19.41 20.99
C GLY A 402 5.07 18.82 20.41
N ASN A 403 4.82 19.14 19.14
CA ASN A 403 3.54 18.85 18.51
C ASN A 403 3.70 18.42 17.06
N TYR A 404 4.94 18.12 16.69
CA TYR A 404 5.27 17.83 15.29
C TYR A 404 6.22 16.64 15.24
N ILE A 405 6.02 15.77 14.25
CA ILE A 405 6.84 14.56 14.07
C ILE A 405 7.42 14.55 12.66
N HIS A 406 8.75 14.53 12.58
CA HIS A 406 9.46 14.25 11.33
C HIS A 406 9.40 12.73 11.18
N TYR A 407 8.48 12.26 10.35
CA TYR A 407 8.29 10.81 10.21
C TYR A 407 9.34 10.09 9.34
N GLY A 408 10.13 10.86 8.59
CA GLY A 408 11.01 10.24 7.61
C GLY A 408 10.22 9.66 6.45
N VAL A 409 10.92 8.94 5.57
CA VAL A 409 10.27 8.45 4.35
C VAL A 409 9.59 7.12 4.66
N ARG A 410 8.45 7.22 5.37
CA ARG A 410 7.81 6.06 6.01
C ARG A 410 6.30 6.28 5.99
N GLU A 411 5.70 6.27 4.80
CA GLU A 411 4.27 6.63 4.73
C GLU A 411 3.35 5.66 5.50
N PHE A 412 3.61 4.37 5.35
CA PHE A 412 2.76 3.34 5.96
C PHE A 412 2.93 3.39 7.47
N GLY A 413 4.19 3.35 7.92
CA GLY A 413 4.50 3.47 9.35
C GLY A 413 3.91 4.74 9.95
N MET A 414 4.05 5.87 9.26
CA MET A 414 3.50 7.13 9.73
C MET A 414 2.00 7.01 9.99
N THR A 415 1.27 6.43 9.05
CA THR A 415 -0.19 6.43 9.13
C THR A 415 -0.66 5.47 10.25
N ALA A 416 -0.01 4.31 10.34
CA ALA A 416 -0.34 3.36 11.41
C ALA A 416 0.11 3.83 12.79
N ILE A 417 1.25 4.55 12.84
CA ILE A 417 1.65 5.24 14.06
C ILE A 417 0.55 6.24 14.47
N ALA A 418 0.09 7.06 13.50
CA ALA A 418 -0.97 8.04 13.77
C ALA A 418 -2.23 7.35 14.29
N ASN A 419 -2.55 6.15 13.78
CA ASN A 419 -3.69 5.41 14.32
C ASN A 419 -3.48 5.13 15.82
N GLY A 420 -2.25 4.74 16.18
CA GLY A 420 -1.90 4.57 17.60
C GLY A 420 -2.10 5.84 18.41
N ILE A 421 -1.68 6.96 17.84
CA ILE A 421 -1.82 8.26 18.51
C ILE A 421 -3.28 8.61 18.74
N SER A 422 -4.13 8.42 17.72
CA SER A 422 -5.57 8.70 17.91
C SER A 422 -6.21 7.74 18.91
N LEU A 423 -5.78 6.47 18.88
CA LEU A 423 -6.29 5.45 19.80
C LEU A 423 -5.92 5.74 21.27
N HIS A 424 -4.74 6.34 21.45
CA HIS A 424 -4.25 6.58 22.80
C HIS A 424 -5.14 7.57 23.56
N GLY A 425 -5.59 8.62 22.86
CA GLY A 425 -6.29 9.74 23.48
C GLY A 425 -5.31 10.86 23.81
N GLY A 426 -5.81 12.08 23.78
CA GLY A 426 -5.01 13.26 24.17
C GLY A 426 -4.54 14.10 23.01
N PHE A 427 -4.59 13.50 21.82
CA PHE A 427 -4.11 14.17 20.60
C PHE A 427 -5.06 14.07 19.43
N LEU A 428 -4.83 14.95 18.46
CA LEU A 428 -5.50 14.93 17.18
C LEU A 428 -4.36 14.89 16.14
N PRO A 429 -4.07 13.68 15.62
CA PRO A 429 -2.96 13.56 14.68
C PRO A 429 -3.35 14.05 13.28
N TYR A 430 -2.40 14.69 12.61
CA TYR A 430 -2.46 14.81 11.16
C TYR A 430 -1.20 14.26 10.54
N THR A 431 -1.34 13.68 9.37
CA THR A 431 -0.20 13.09 8.65
C THR A 431 -0.21 13.60 7.22
N SER A 432 0.89 13.41 6.50
CA SER A 432 0.99 14.01 5.20
C SER A 432 2.05 13.37 4.32
N THR A 433 1.71 13.28 3.03
CA THR A 433 2.64 12.91 1.98
C THR A 433 2.00 13.37 0.66
N PHE A 434 2.71 13.19 -0.46
CA PHE A 434 2.06 13.40 -1.75
C PHE A 434 0.95 12.36 -1.91
N LEU A 435 -0.16 12.75 -2.51
CA LEU A 435 -1.29 11.85 -2.67
C LEU A 435 -0.91 10.47 -3.26
N MET A 436 -0.03 10.44 -4.27
CA MET A 436 0.35 9.14 -4.84
C MET A 436 0.76 8.14 -3.76
N PHE A 437 1.52 8.61 -2.78
CA PHE A 437 2.12 7.69 -1.81
C PHE A 437 1.19 7.30 -0.68
N VAL A 438 -0.07 7.76 -0.74
CA VAL A 438 -1.16 7.11 0.01
C VAL A 438 -1.17 5.61 -0.35
N GLU A 439 -0.72 5.29 -1.55
CA GLU A 439 -0.73 3.89 -1.95
C GLU A 439 0.24 3.03 -1.11
N TYR A 440 1.33 3.64 -0.63
CA TYR A 440 2.25 2.95 0.29
C TYR A 440 1.59 2.71 1.64
N ALA A 441 0.69 3.61 2.04
CA ALA A 441 0.08 3.58 3.38
C ALA A 441 -1.34 3.04 3.34
N ARG A 442 -1.74 2.48 2.21
CA ARG A 442 -3.17 2.34 1.90
C ARG A 442 -3.97 1.55 2.94
N ASN A 443 -3.43 0.44 3.43
CA ASN A 443 -4.20 -0.35 4.41
C ASN A 443 -4.29 0.32 5.79
N ALA A 444 -3.34 1.20 6.11
CA ALA A 444 -3.41 1.92 7.39
C ALA A 444 -4.50 2.99 7.31
N VAL A 445 -4.69 3.55 6.12
CA VAL A 445 -5.78 4.51 5.89
C VAL A 445 -7.10 3.76 6.09
N ARG A 446 -7.22 2.59 5.49
CA ARG A 446 -8.42 1.78 5.66
C ARG A 446 -8.66 1.44 7.14
N MET A 447 -7.58 1.13 7.85
CA MET A 447 -7.69 0.77 9.27
C MET A 447 -8.18 1.95 10.13
N ALA A 448 -7.78 3.17 9.78
CA ALA A 448 -8.30 4.36 10.48
C ALA A 448 -9.82 4.44 10.29
N ALA A 449 -10.27 4.18 9.06
CA ALA A 449 -11.69 4.21 8.75
C ALA A 449 -12.44 3.10 9.49
N LEU A 450 -11.88 1.89 9.46
CA LEU A 450 -12.50 0.74 10.12
C LEU A 450 -12.63 0.98 11.63
N MET A 451 -11.58 1.53 12.23
CA MET A 451 -11.52 1.78 13.68
C MET A 451 -12.23 3.09 14.10
N LYS A 452 -12.86 3.75 13.13
CA LYS A 452 -13.62 5.00 13.40
C LYS A 452 -12.77 6.08 14.07
N GLN A 453 -11.51 6.21 13.61
CA GLN A 453 -10.56 7.14 14.23
C GLN A 453 -10.49 8.49 13.56
N ARG A 454 -10.35 9.53 14.38
CA ARG A 454 -10.15 10.91 13.93
C ARG A 454 -8.68 11.12 13.59
N GLN A 455 -8.40 11.35 12.30
CA GLN A 455 -7.05 11.68 11.82
C GLN A 455 -7.24 12.50 10.54
N VAL A 456 -6.52 13.60 10.43
CA VAL A 456 -6.58 14.39 9.19
C VAL A 456 -5.38 13.99 8.32
N MET A 457 -5.68 13.60 7.09
CA MET A 457 -4.65 13.07 6.19
C MET A 457 -4.49 14.11 5.08
N VAL A 458 -3.31 14.74 5.08
CA VAL A 458 -3.03 15.88 4.23
C VAL A 458 -2.27 15.42 2.98
N TYR A 459 -3.00 15.26 1.87
CA TYR A 459 -2.41 14.66 0.68
C TYR A 459 -2.28 15.67 -0.44
N THR A 460 -1.06 16.15 -0.65
CA THR A 460 -0.85 17.22 -1.62
C THR A 460 -0.42 16.69 -3.00
N HIS A 461 -0.32 17.59 -3.97
CA HIS A 461 0.18 17.23 -5.32
C HIS A 461 -0.80 16.22 -5.93
N ASP A 462 -2.04 16.67 -6.09
CA ASP A 462 -3.16 15.79 -6.26
C ASP A 462 -3.45 15.30 -7.68
N SER A 463 -2.74 15.82 -8.69
CA SER A 463 -3.06 15.48 -10.07
C SER A 463 -1.91 15.76 -11.02
N ILE A 464 -2.19 15.63 -12.31
CA ILE A 464 -1.26 16.13 -13.36
C ILE A 464 -0.84 17.59 -13.16
N GLY A 465 -1.61 18.34 -12.36
CA GLY A 465 -1.23 19.71 -12.01
C GLY A 465 0.11 19.87 -11.29
N LEU A 466 0.65 18.77 -10.75
CA LEU A 466 2.01 18.81 -10.15
C LEU A 466 3.11 18.93 -11.20
N GLY A 467 2.78 18.55 -12.44
CA GLY A 467 3.70 18.82 -13.56
C GLY A 467 4.84 17.82 -13.73
N GLU A 468 6.05 18.37 -13.73
CA GLU A 468 7.22 17.69 -14.30
C GLU A 468 7.62 16.34 -13.66
N ASP A 469 7.27 16.11 -12.40
CA ASP A 469 7.67 14.82 -11.77
C ASP A 469 7.10 13.58 -12.48
N GLY A 470 5.99 13.78 -13.20
CA GLY A 470 5.52 12.77 -14.16
C GLY A 470 4.67 11.65 -13.60
N PRO A 471 4.43 10.60 -14.42
CA PRO A 471 3.38 9.63 -14.13
C PRO A 471 3.56 8.77 -12.86
N THR A 472 4.78 8.61 -12.34
CA THR A 472 4.97 7.84 -11.10
C THR A 472 4.45 8.61 -9.88
N HIS A 473 4.35 9.94 -10.02
CA HIS A 473 3.88 10.86 -8.95
C HIS A 473 2.44 11.39 -9.14
N GLN A 474 1.99 11.49 -10.40
CA GLN A 474 0.71 12.14 -10.71
C GLN A 474 -0.50 11.24 -10.41
N PRO A 475 -1.27 11.57 -9.36
CA PRO A 475 -2.43 10.72 -9.07
C PRO A 475 -3.43 10.75 -10.23
N VAL A 476 -4.09 9.63 -10.43
CA VAL A 476 -5.20 9.53 -11.39
C VAL A 476 -6.36 8.84 -10.70
N GLU A 477 -6.10 7.63 -10.21
CA GLU A 477 -7.13 6.75 -9.68
C GLU A 477 -7.18 6.74 -8.13
N GLN A 478 -6.28 7.47 -7.46
CA GLN A 478 -6.17 7.40 -5.99
C GLN A 478 -7.36 8.02 -5.23
N VAL A 479 -7.87 9.14 -5.74
CA VAL A 479 -9.03 9.78 -5.09
C VAL A 479 -10.24 8.84 -5.14
N ALA A 480 -10.49 8.24 -6.30
CA ALA A 480 -11.62 7.31 -6.46
C ALA A 480 -11.51 6.17 -5.46
N SER A 481 -10.27 5.70 -5.24
CA SER A 481 -10.00 4.62 -4.28
C SER A 481 -10.45 4.99 -2.85
N LEU A 482 -10.15 6.23 -2.45
CA LEU A 482 -10.56 6.75 -1.15
C LEU A 482 -12.06 6.93 -1.08
N ARG A 483 -12.65 7.43 -2.17
CA ARG A 483 -14.09 7.72 -2.17
C ARG A 483 -14.96 6.48 -1.94
N VAL A 484 -14.46 5.32 -2.38
CA VAL A 484 -15.25 4.08 -2.25
C VAL A 484 -14.92 3.30 -0.97
N THR A 485 -14.09 3.89 -0.10
CA THR A 485 -13.71 3.25 1.15
C THR A 485 -14.76 3.52 2.23
N PRO A 486 -15.36 2.43 2.79
CA PRO A 486 -16.35 2.67 3.86
C PRO A 486 -15.82 3.53 5.01
N ASN A 487 -16.67 4.46 5.44
CA ASN A 487 -16.36 5.38 6.53
C ASN A 487 -15.17 6.34 6.29
N MET A 488 -14.65 6.39 5.06
CA MET A 488 -13.63 7.40 4.72
C MET A 488 -14.33 8.70 4.37
N SER A 489 -13.73 9.83 4.75
CA SER A 489 -14.15 11.12 4.21
C SER A 489 -13.02 11.70 3.37
N THR A 490 -13.37 12.20 2.19
CA THR A 490 -12.38 12.68 1.22
C THR A 490 -12.86 14.01 0.67
N TRP A 491 -12.03 15.04 0.83
CA TRP A 491 -12.34 16.41 0.40
C TRP A 491 -11.35 16.87 -0.65
N ARG A 492 -11.84 17.36 -1.78
CA ARG A 492 -10.97 17.91 -2.84
C ARG A 492 -11.38 19.37 -3.07
N PRO A 493 -10.93 20.27 -2.18
CA PRO A 493 -11.40 21.66 -2.14
C PRO A 493 -10.97 22.43 -3.39
N CYS A 494 -11.84 23.32 -3.87
CA CYS A 494 -11.57 24.03 -5.13
C CYS A 494 -10.85 25.37 -4.93
N ASP A 495 -10.76 25.81 -3.68
CA ASP A 495 -10.08 27.06 -3.36
C ASP A 495 -9.78 27.13 -1.86
N GLN A 496 -9.31 28.28 -1.40
CA GLN A 496 -8.85 28.38 -0.01
C GLN A 496 -10.00 28.28 0.99
N VAL A 497 -11.20 28.60 0.53
CA VAL A 497 -12.36 28.61 1.38
C VAL A 497 -12.84 27.17 1.58
N GLU A 498 -13.04 26.44 0.47
CA GLU A 498 -13.36 25.01 0.60
C GLU A 498 -12.29 24.28 1.42
N SER A 499 -11.03 24.70 1.27
CA SER A 499 -9.93 24.09 2.01
C SER A 499 -10.12 24.24 3.52
N ALA A 500 -10.46 25.47 3.97
CA ALA A 500 -10.72 25.73 5.37
C ALA A 500 -11.94 24.96 5.90
N VAL A 501 -13.00 24.91 5.11
CA VAL A 501 -14.19 24.14 5.48
C VAL A 501 -13.85 22.64 5.66
N ALA A 502 -13.05 22.11 4.73
CA ALA A 502 -12.64 20.71 4.79
C ALA A 502 -11.80 20.43 6.04
N TRP A 503 -10.86 21.34 6.34
CA TRP A 503 -10.03 21.22 7.54
C TRP A 503 -10.90 21.24 8.81
N LYS A 504 -11.87 22.16 8.85
CA LYS A 504 -12.78 22.22 10.00
C LYS A 504 -13.56 20.91 10.14
N TYR A 505 -14.10 20.44 9.02
CA TYR A 505 -14.82 19.17 8.98
C TYR A 505 -13.93 18.05 9.53
N GLY A 506 -12.69 18.01 9.07
CA GLY A 506 -11.76 16.95 9.49
C GLY A 506 -11.50 16.94 11.00
N VAL A 507 -11.17 18.09 11.57
CA VAL A 507 -10.84 18.11 12.99
C VAL A 507 -12.06 17.86 13.88
N GLU A 508 -13.25 18.19 13.36
CA GLU A 508 -14.49 18.00 14.12
C GLU A 508 -15.10 16.61 13.90
N ARG A 509 -14.52 15.81 13.00
CA ARG A 509 -15.08 14.50 12.70
C ARG A 509 -14.55 13.48 13.70
N GLN A 510 -15.41 13.07 14.64
CA GLN A 510 -14.97 12.25 15.77
C GLN A 510 -14.90 10.75 15.49
N ASP A 511 -15.60 10.32 14.44
CA ASP A 511 -15.86 8.90 14.23
C ASP A 511 -15.31 8.35 12.91
N GLY A 512 -14.31 9.05 12.37
CA GLY A 512 -13.60 8.55 11.20
C GLY A 512 -12.62 9.58 10.68
N PRO A 513 -11.74 9.15 9.77
CA PRO A 513 -10.66 9.99 9.25
C PRO A 513 -11.13 10.85 8.08
N THR A 514 -10.31 11.85 7.75
CA THR A 514 -10.67 12.78 6.71
C THR A 514 -9.43 13.08 5.87
N ALA A 515 -9.47 12.73 4.59
CA ALA A 515 -8.37 12.95 3.65
C ALA A 515 -8.65 14.25 2.91
N LEU A 516 -7.62 15.09 2.85
CA LEU A 516 -7.66 16.34 2.11
C LEU A 516 -6.82 16.19 0.86
N ILE A 517 -7.43 16.49 -0.28
CA ILE A 517 -6.81 16.27 -1.59
C ILE A 517 -6.46 17.64 -2.11
N LEU A 518 -5.15 17.95 -2.10
CA LEU A 518 -4.69 19.34 -2.22
C LEU A 518 -3.74 19.55 -3.39
N SER A 519 -3.82 20.73 -3.97
CA SER A 519 -3.08 21.02 -5.21
C SER A 519 -1.68 21.56 -4.97
N ARG A 520 -0.80 21.33 -5.93
CA ARG A 520 0.50 22.02 -5.97
C ARG A 520 0.32 23.43 -6.53
N GLN A 521 -0.58 23.56 -7.51
CA GLN A 521 -0.78 24.80 -8.25
C GLN A 521 -1.89 25.71 -7.70
N ASN A 522 -1.82 27.00 -8.04
CA ASN A 522 -2.77 27.99 -7.51
C ASN A 522 -4.20 27.77 -8.00
N LEU A 523 -5.17 27.88 -7.09
CA LEU A 523 -6.58 27.71 -7.40
C LEU A 523 -7.40 28.99 -7.21
N ALA A 524 -8.24 29.29 -8.21
CA ALA A 524 -9.09 30.47 -8.18
C ALA A 524 -10.13 30.38 -7.07
N GLN A 525 -10.31 31.48 -6.34
CA GLN A 525 -11.41 31.57 -5.40
C GLN A 525 -12.74 31.85 -6.12
N GLN A 526 -13.77 31.13 -5.72
CA GLN A 526 -15.11 31.30 -6.28
C GLN A 526 -15.96 32.22 -5.40
N GLU A 527 -16.86 32.97 -6.04
CA GLU A 527 -17.84 33.81 -5.33
C GLU A 527 -18.89 32.93 -4.65
N ARG A 528 -19.26 33.29 -3.42
CA ARG A 528 -20.32 32.56 -2.70
C ARG A 528 -21.23 33.49 -1.90
N THR A 529 -22.53 33.23 -1.99
CA THR A 529 -23.48 33.82 -1.04
C THR A 529 -23.25 33.19 0.35
N GLU A 530 -23.89 33.78 1.36
CA GLU A 530 -23.89 33.22 2.71
C GLU A 530 -24.35 31.75 2.69
N GLU A 531 -25.41 31.51 1.94
CA GLU A 531 -26.00 30.17 1.81
C GLU A 531 -25.03 29.17 1.16
N GLN A 532 -24.41 29.60 0.06
CA GLN A 532 -23.42 28.75 -0.63
C GLN A 532 -22.22 28.47 0.26
N LEU A 533 -21.77 29.49 0.98
CA LEU A 533 -20.65 29.33 1.91
C LEU A 533 -21.00 28.24 2.95
N ALA A 534 -22.21 28.32 3.52
CA ALA A 534 -22.65 27.29 4.46
C ALA A 534 -22.79 25.92 3.80
N ASN A 535 -23.15 25.91 2.52
CA ASN A 535 -23.39 24.64 1.82
C ASN A 535 -22.13 23.84 1.43
N ILE A 536 -20.96 24.47 1.49
CA ILE A 536 -19.73 23.73 1.22
C ILE A 536 -19.68 22.47 2.09
N ALA A 537 -20.04 22.62 3.36
CA ALA A 537 -19.94 21.50 4.32
C ALA A 537 -20.91 20.34 4.00
N ARG A 538 -21.89 20.61 3.13
CA ARG A 538 -22.81 19.58 2.67
C ARG A 538 -22.21 18.72 1.53
N GLY A 539 -20.96 18.98 1.18
CA GLY A 539 -20.20 18.09 0.29
C GLY A 539 -20.37 18.35 -1.20
N GLY A 540 -21.59 18.67 -1.60
CA GLY A 540 -21.91 19.05 -2.99
C GLY A 540 -22.95 20.12 -2.91
N TYR A 541 -22.80 21.17 -3.72
CA TYR A 541 -23.73 22.29 -3.69
C TYR A 541 -23.75 23.05 -5.01
N VAL A 542 -24.84 23.76 -5.25
CA VAL A 542 -24.96 24.57 -6.45
C VAL A 542 -24.12 25.84 -6.33
N LEU A 543 -23.14 25.95 -7.22
CA LEU A 543 -22.23 27.09 -7.24
C LEU A 543 -22.64 28.17 -8.24
N LYS A 544 -23.11 27.72 -9.40
CA LYS A 544 -23.64 28.59 -10.44
C LYS A 544 -24.93 27.95 -10.94
N ASP A 545 -25.88 28.78 -11.34
CA ASP A 545 -27.20 28.26 -11.69
C ASP A 545 -27.85 29.06 -12.81
N CYS A 546 -29.03 28.60 -13.22
CA CYS A 546 -29.84 29.29 -14.21
C CYS A 546 -31.28 29.37 -13.72
N ALA A 547 -32.09 30.21 -14.37
CA ALA A 547 -33.52 30.26 -14.11
C ALA A 547 -34.19 29.07 -14.80
N GLY A 548 -35.05 28.38 -14.06
CA GLY A 548 -35.75 27.19 -14.58
C GLY A 548 -34.86 25.95 -14.60
N GLN A 549 -35.37 24.86 -15.16
CA GLN A 549 -34.62 23.59 -15.19
C GLN A 549 -33.35 23.72 -16.06
N PRO A 550 -32.15 23.39 -15.51
CA PRO A 550 -30.95 23.38 -16.34
C PRO A 550 -31.06 22.37 -17.47
N GLU A 551 -30.53 22.71 -18.65
CA GLU A 551 -30.39 21.69 -19.69
C GLU A 551 -29.04 20.97 -19.58
N LEU A 552 -28.16 21.49 -18.72
CA LEU A 552 -26.81 20.96 -18.57
C LEU A 552 -26.34 21.23 -17.14
N ILE A 553 -25.81 20.20 -16.48
CA ILE A 553 -25.19 20.40 -15.18
C ILE A 553 -23.74 19.94 -15.22
N PHE A 554 -22.80 20.85 -14.91
CA PHE A 554 -21.42 20.46 -14.71
C PHE A 554 -21.24 20.07 -13.27
N ILE A 555 -20.52 18.98 -13.03
CA ILE A 555 -20.14 18.57 -11.68
C ILE A 555 -18.62 18.58 -11.67
N ALA A 556 -18.04 19.39 -10.78
CA ALA A 556 -16.57 19.56 -10.78
C ALA A 556 -16.02 19.58 -9.37
N THR A 557 -14.73 19.27 -9.25
CA THR A 557 -14.08 19.24 -7.95
C THR A 557 -12.71 19.92 -8.04
N GLY A 558 -12.20 20.31 -6.89
CA GLY A 558 -10.81 20.79 -6.78
C GLY A 558 -10.44 21.79 -7.87
N SER A 559 -9.24 21.61 -8.42
CA SER A 559 -8.68 22.49 -9.42
C SER A 559 -9.54 22.65 -10.69
N GLU A 560 -10.49 21.72 -10.91
CA GLU A 560 -11.31 21.76 -12.14
C GLU A 560 -12.58 22.60 -12.04
N VAL A 561 -12.92 23.09 -10.84
CA VAL A 561 -14.11 23.93 -10.71
C VAL A 561 -13.94 25.22 -11.54
N GLU A 562 -12.74 25.79 -11.50
CA GLU A 562 -12.42 26.99 -12.29
C GLU A 562 -12.74 26.78 -13.77
N LEU A 563 -12.27 25.66 -14.30
CA LEU A 563 -12.53 25.25 -15.68
C LEU A 563 -14.03 25.08 -15.94
N ALA A 564 -14.74 24.39 -15.05
CA ALA A 564 -16.18 24.19 -15.22
C ALA A 564 -16.95 25.50 -15.23
N VAL A 565 -16.54 26.42 -14.37
CA VAL A 565 -17.20 27.73 -14.29
C VAL A 565 -17.00 28.52 -15.59
N ALA A 566 -15.77 28.47 -16.11
CA ALA A 566 -15.45 29.13 -17.38
C ALA A 566 -16.34 28.57 -18.50
N ALA A 567 -16.52 27.25 -18.52
CA ALA A 567 -17.37 26.61 -19.54
C ALA A 567 -18.83 27.02 -19.36
N TYR A 568 -19.26 27.03 -18.11
CA TYR A 568 -20.60 27.51 -17.74
C TYR A 568 -20.82 28.95 -18.25
N GLU A 569 -19.81 29.81 -18.08
CA GLU A 569 -19.95 31.21 -18.56
C GLU A 569 -20.10 31.27 -20.08
N LYS A 570 -19.26 30.51 -20.80
CA LYS A 570 -19.34 30.48 -22.27
C LYS A 570 -20.73 30.04 -22.74
N LEU A 571 -21.18 28.91 -22.21
CA LEU A 571 -22.48 28.36 -22.59
C LEU A 571 -23.64 29.28 -22.23
N THR A 572 -23.57 29.90 -21.05
CA THR A 572 -24.61 30.82 -20.60
C THR A 572 -24.72 32.02 -21.55
N ALA A 573 -23.56 32.52 -22.00
CA ALA A 573 -23.52 33.66 -22.92
C ALA A 573 -24.16 33.31 -24.27
N GLU A 574 -24.15 32.03 -24.59
CA GLU A 574 -24.75 31.54 -25.83
C GLU A 574 -26.22 31.16 -25.67
N GLY A 575 -26.74 31.35 -24.46
CA GLY A 575 -28.15 31.13 -24.18
C GLY A 575 -28.50 29.74 -23.68
N VAL A 576 -27.47 28.94 -23.40
CA VAL A 576 -27.67 27.61 -22.79
C VAL A 576 -27.99 27.77 -21.30
N LYS A 577 -28.96 26.98 -20.83
CA LYS A 577 -29.36 26.99 -19.42
C LYS A 577 -28.49 26.01 -18.68
N ALA A 578 -27.50 26.52 -17.96
CA ALA A 578 -26.49 25.64 -17.32
C ALA A 578 -26.40 25.85 -15.82
N ARG A 579 -25.89 24.82 -15.14
CA ARG A 579 -25.61 24.84 -13.71
C ARG A 579 -24.21 24.28 -13.45
N VAL A 580 -23.52 24.81 -12.44
CA VAL A 580 -22.27 24.21 -11.93
C VAL A 580 -22.49 23.76 -10.49
N VAL A 581 -22.23 22.49 -10.24
CA VAL A 581 -22.19 21.92 -8.89
C VAL A 581 -20.71 21.72 -8.49
N SER A 582 -20.31 22.31 -7.36
CA SER A 582 -19.02 21.98 -6.79
C SER A 582 -19.23 20.79 -5.84
N MET A 583 -18.40 19.76 -5.98
CA MET A 583 -18.55 18.51 -5.22
C MET A 583 -17.24 18.23 -4.44
N PRO A 584 -16.90 19.11 -3.47
CA PRO A 584 -15.66 18.86 -2.74
C PRO A 584 -15.63 17.54 -1.99
N SER A 585 -16.80 17.06 -1.50
CA SER A 585 -16.82 15.75 -0.86
C SER A 585 -18.05 14.91 -1.24
N THR A 586 -17.78 13.86 -2.01
CA THR A 586 -18.81 12.90 -2.41
C THR A 586 -19.42 12.18 -1.19
N ASP A 587 -18.58 11.81 -0.22
CA ASP A 587 -19.11 11.10 0.94
C ASP A 587 -20.04 11.99 1.77
N ALA A 588 -19.66 13.26 1.98
CA ALA A 588 -20.56 14.17 2.70
C ALA A 588 -21.84 14.42 1.91
N PHE A 589 -21.70 14.61 0.59
CA PHE A 589 -22.88 14.81 -0.25
C PHE A 589 -23.84 13.61 -0.15
N ASP A 590 -23.29 12.40 -0.26
CA ASP A 590 -24.12 11.19 -0.22
C ASP A 590 -24.89 11.04 1.10
N LYS A 591 -24.32 11.60 2.16
CA LYS A 591 -24.91 11.57 3.51
C LYS A 591 -26.03 12.58 3.71
N GLN A 592 -26.18 13.52 2.77
CA GLN A 592 -27.29 14.46 2.84
C GLN A 592 -28.60 13.78 2.48
N ASP A 593 -29.72 14.34 2.94
CA ASP A 593 -30.98 13.66 2.70
C ASP A 593 -31.42 13.74 1.23
N ALA A 594 -32.41 12.93 0.89
CA ALA A 594 -32.85 12.83 -0.51
C ALA A 594 -33.30 14.17 -1.11
N ALA A 595 -34.03 14.96 -0.33
CA ALA A 595 -34.49 16.29 -0.77
C ALA A 595 -33.33 17.21 -1.14
N TYR A 596 -32.31 17.27 -0.28
CA TYR A 596 -31.14 18.08 -0.60
C TYR A 596 -30.42 17.60 -1.88
N ARG A 597 -30.17 16.30 -1.98
CA ARG A 597 -29.47 15.76 -3.16
C ARG A 597 -30.27 16.02 -4.44
N GLU A 598 -31.58 15.85 -4.36
CA GLU A 598 -32.47 16.20 -5.49
C GLU A 598 -32.36 17.67 -5.88
N SER A 599 -32.23 18.55 -4.89
CA SER A 599 -32.11 20.00 -5.17
C SER A 599 -30.84 20.35 -5.95
N VAL A 600 -29.78 19.59 -5.70
CA VAL A 600 -28.46 19.84 -6.31
C VAL A 600 -28.33 19.13 -7.67
N LEU A 601 -28.71 17.86 -7.71
CA LEU A 601 -28.62 17.04 -8.92
C LEU A 601 -30.02 16.50 -9.22
N PRO A 602 -30.91 17.36 -9.74
CA PRO A 602 -32.29 16.92 -9.99
C PRO A 602 -32.36 15.73 -10.94
N LYS A 603 -33.20 14.76 -10.60
CA LYS A 603 -33.33 13.52 -11.36
C LYS A 603 -33.82 13.77 -12.81
N ALA A 604 -34.50 14.90 -13.02
CA ALA A 604 -35.03 15.29 -14.33
C ALA A 604 -33.90 15.63 -15.32
N VAL A 605 -32.76 16.03 -14.78
CA VAL A 605 -31.66 16.52 -15.61
C VAL A 605 -30.63 15.41 -15.80
N THR A 606 -30.55 14.89 -17.02
CA THR A 606 -29.70 13.77 -17.34
C THR A 606 -28.41 14.20 -18.05
N ALA A 607 -28.44 15.39 -18.66
CA ALA A 607 -27.27 15.91 -19.35
C ALA A 607 -26.26 16.47 -18.33
N ARG A 608 -25.45 15.57 -17.78
CA ARG A 608 -24.50 15.90 -16.71
C ARG A 608 -23.07 15.70 -17.21
N VAL A 609 -22.21 16.68 -16.96
CA VAL A 609 -20.82 16.60 -17.39
C VAL A 609 -19.92 16.72 -16.15
N ALA A 610 -19.21 15.64 -15.83
CA ALA A 610 -18.23 15.66 -14.74
C ALA A 610 -16.91 16.21 -15.25
N VAL A 611 -16.23 17.03 -14.45
CA VAL A 611 -14.92 17.55 -14.81
C VAL A 611 -13.98 17.36 -13.60
N GLU A 612 -12.95 16.53 -13.80
CA GLU A 612 -11.99 16.24 -12.74
C GLU A 612 -10.76 15.60 -13.36
N ALA A 613 -9.59 16.08 -12.96
CA ALA A 613 -8.31 15.52 -13.42
C ALA A 613 -8.00 14.24 -12.63
N GLY A 614 -8.89 13.27 -12.80
CA GLY A 614 -8.78 11.97 -12.15
C GLY A 614 -9.54 10.93 -12.95
N ILE A 615 -9.47 9.67 -12.54
CA ILE A 615 -9.99 8.58 -13.36
C ILE A 615 -11.47 8.78 -13.66
N ALA A 616 -11.81 8.66 -14.94
CA ALA A 616 -13.16 8.97 -15.40
C ALA A 616 -14.23 8.01 -14.87
N ASP A 617 -13.89 6.72 -14.79
CA ASP A 617 -14.89 5.68 -14.47
C ASP A 617 -15.64 5.93 -13.17
N TYR A 618 -15.00 6.63 -12.22
CA TYR A 618 -15.64 6.94 -10.95
C TYR A 618 -16.99 7.66 -11.17
N TRP A 619 -17.00 8.58 -12.14
CA TRP A 619 -18.03 9.61 -12.25
C TRP A 619 -19.38 9.14 -12.81
N TYR A 620 -19.43 7.91 -13.30
CA TYR A 620 -20.71 7.33 -13.70
C TYR A 620 -21.69 7.33 -12.54
N LYS A 621 -21.18 7.33 -11.32
CA LYS A 621 -22.03 7.41 -10.14
C LYS A 621 -22.96 8.62 -10.15
N TYR A 622 -22.45 9.76 -10.60
CA TYR A 622 -23.21 11.01 -10.64
C TYR A 622 -23.70 11.41 -12.01
N VAL A 623 -23.02 10.96 -13.08
CA VAL A 623 -23.45 11.33 -14.43
C VAL A 623 -24.34 10.29 -15.14
N GLY A 624 -24.37 9.06 -14.64
CA GLY A 624 -25.16 8.00 -15.27
C GLY A 624 -24.65 7.62 -16.66
N LEU A 625 -25.52 7.03 -17.48
CA LEU A 625 -25.14 6.52 -18.80
C LEU A 625 -25.41 7.50 -19.95
N ASN A 626 -26.00 8.65 -19.61
CA ASN A 626 -26.36 9.64 -20.63
C ASN A 626 -25.72 11.00 -20.42
N GLY A 627 -24.55 10.99 -19.77
CA GLY A 627 -23.80 12.21 -19.57
C GLY A 627 -22.46 12.20 -20.28
N ALA A 628 -21.52 12.96 -19.72
CA ALA A 628 -20.17 13.03 -20.26
C ALA A 628 -19.19 13.19 -19.10
N ILE A 629 -17.96 12.78 -19.33
CA ILE A 629 -16.93 12.90 -18.33
C ILE A 629 -15.68 13.44 -18.96
N VAL A 630 -15.23 14.59 -18.45
CA VAL A 630 -13.94 15.15 -18.82
C VAL A 630 -13.01 14.77 -17.69
N GLY A 631 -12.33 13.64 -17.88
CA GLY A 631 -11.44 13.11 -16.87
C GLY A 631 -10.18 12.53 -17.47
N MET A 632 -9.49 11.74 -16.65
CA MET A 632 -8.30 11.02 -17.08
C MET A 632 -8.66 9.56 -17.34
N THR A 633 -8.04 8.95 -18.36
CA THR A 633 -8.27 7.52 -18.64
C THR A 633 -6.94 6.77 -18.76
N THR A 634 -5.84 7.49 -18.53
CA THR A 634 -4.48 6.99 -18.71
C THR A 634 -3.63 7.47 -17.55
N PHE A 635 -2.40 6.96 -17.49
CA PHE A 635 -1.37 7.55 -16.64
C PHE A 635 -1.00 8.94 -17.14
N GLY A 636 -0.33 9.71 -16.30
CA GLY A 636 0.13 11.04 -16.70
C GLY A 636 1.37 11.03 -17.61
N GLU A 637 2.03 12.18 -17.68
CA GLU A 637 3.26 12.36 -18.46
C GLU A 637 4.12 13.40 -17.77
N SER A 638 5.43 13.32 -18.00
CA SER A 638 6.34 14.30 -17.46
C SER A 638 6.38 15.53 -18.35
N ALA A 639 5.78 16.62 -17.87
CA ALA A 639 5.83 17.91 -18.54
C ALA A 639 5.29 19.01 -17.63
N PRO A 640 5.54 20.29 -18.01
CA PRO A 640 4.89 21.39 -17.27
C PRO A 640 3.37 21.19 -17.17
N ALA A 641 2.81 21.45 -15.99
CA ALA A 641 1.39 21.23 -15.72
C ALA A 641 0.47 21.84 -16.77
N GLU A 642 0.77 23.09 -17.17
CA GLU A 642 -0.12 23.77 -18.10
C GLU A 642 -0.19 23.03 -19.45
N LEU A 643 0.93 22.45 -19.87
CA LEU A 643 0.94 21.66 -21.10
C LEU A 643 0.20 20.33 -20.94
N LEU A 644 0.30 19.75 -19.75
CA LEU A 644 -0.42 18.52 -19.46
C LEU A 644 -1.92 18.73 -19.45
N PHE A 645 -2.39 19.80 -18.81
CA PHE A 645 -3.83 20.08 -18.80
C PHE A 645 -4.33 20.22 -20.25
N GLU A 646 -3.55 20.89 -21.09
CA GLU A 646 -3.90 21.04 -22.50
C GLU A 646 -3.96 19.67 -23.20
N GLU A 647 -2.87 18.90 -23.02
CA GLU A 647 -2.73 17.56 -23.62
C GLU A 647 -3.91 16.66 -23.29
N PHE A 648 -4.36 16.72 -22.04
CA PHE A 648 -5.36 15.78 -21.54
C PHE A 648 -6.80 16.31 -21.63
N GLY A 649 -6.98 17.46 -22.29
CA GLY A 649 -8.34 17.98 -22.57
C GLY A 649 -8.97 18.84 -21.49
N PHE A 650 -8.15 19.28 -20.53
CA PHE A 650 -8.63 20.19 -19.48
C PHE A 650 -8.51 21.65 -19.92
N THR A 651 -9.32 21.96 -20.93
CA THR A 651 -9.37 23.29 -21.52
C THR A 651 -10.82 23.72 -21.65
N VAL A 652 -11.05 25.03 -21.61
CA VAL A 652 -12.41 25.56 -21.81
C VAL A 652 -13.00 25.08 -23.14
N ASP A 653 -12.22 25.16 -24.22
CA ASP A 653 -12.71 24.77 -25.53
C ASP A 653 -13.19 23.31 -25.53
N ASN A 654 -12.39 22.42 -24.93
CA ASN A 654 -12.76 21.00 -24.91
C ASN A 654 -13.97 20.72 -24.03
N VAL A 655 -14.00 21.34 -22.85
CA VAL A 655 -15.15 21.14 -21.95
C VAL A 655 -16.43 21.64 -22.61
N VAL A 656 -16.37 22.84 -23.20
CA VAL A 656 -17.52 23.38 -23.95
C VAL A 656 -17.93 22.43 -25.09
N ALA A 657 -16.94 21.97 -25.86
CA ALA A 657 -17.19 21.06 -26.99
C ALA A 657 -17.86 19.77 -26.53
N LYS A 658 -17.36 19.19 -25.44
CA LYS A 658 -17.92 17.93 -24.94
C LYS A 658 -19.34 18.14 -24.43
N ALA A 659 -19.57 19.28 -23.77
CA ALA A 659 -20.90 19.64 -23.28
C ALA A 659 -21.88 19.82 -24.45
N LYS A 660 -21.45 20.52 -25.50
CA LYS A 660 -22.31 20.75 -26.68
C LYS A 660 -22.58 19.44 -27.43
N GLU A 661 -21.55 18.61 -27.54
CA GLU A 661 -21.65 17.29 -28.16
C GLU A 661 -22.67 16.44 -27.42
N LEU A 662 -22.60 16.48 -26.08
CA LEU A 662 -23.59 15.81 -25.24
C LEU A 662 -25.01 16.31 -25.56
N LEU A 663 -25.19 17.62 -25.58
CA LEU A 663 -26.51 18.22 -25.84
C LEU A 663 -27.03 17.88 -27.24
N HIS A 664 -26.13 17.89 -28.23
CA HIS A 664 -26.49 17.47 -29.58
C HIS A 664 -27.02 16.04 -29.61
N HIS A 665 -26.34 15.14 -28.91
CA HIS A 665 -26.78 13.74 -28.79
C HIS A 665 -28.15 13.64 -28.11
N HIS A 666 -28.34 14.40 -27.03
CA HIS A 666 -29.63 14.44 -26.32
C HIS A 666 -30.76 14.97 -27.20
N HIS A 667 -30.47 15.97 -28.02
CA HIS A 667 -31.47 16.57 -28.89
C HIS A 667 -31.82 15.65 -30.06
N SER B 2 41.88 12.58 -19.87
CA SER B 2 41.34 13.45 -18.78
C SER B 2 41.40 12.70 -17.45
N SER B 3 41.39 13.45 -16.36
CA SER B 3 41.36 12.84 -15.03
C SER B 3 39.99 12.21 -14.77
N ARG B 4 39.96 11.24 -13.86
CA ARG B 4 38.68 10.63 -13.49
C ARG B 4 37.71 11.66 -12.92
N LYS B 5 38.21 12.64 -12.16
CA LYS B 5 37.35 13.68 -11.59
C LYS B 5 36.75 14.56 -12.69
N GLU B 6 37.55 14.88 -13.70
CA GLU B 6 37.03 15.62 -14.86
C GLU B 6 35.93 14.82 -15.56
N LEU B 7 36.15 13.52 -15.74
CA LEU B 7 35.16 12.66 -16.39
C LEU B 7 33.87 12.64 -15.59
N ALA B 8 34.01 12.52 -14.27
CA ALA B 8 32.84 12.56 -13.39
C ALA B 8 32.17 13.94 -13.42
N ASN B 9 32.98 14.99 -13.52
CA ASN B 9 32.44 16.34 -13.57
C ASN B 9 31.54 16.60 -14.79
N ALA B 10 31.74 15.84 -15.87
CA ALA B 10 30.86 15.93 -17.04
C ALA B 10 29.41 15.58 -16.65
N ILE B 11 29.25 14.57 -15.81
CA ILE B 11 27.94 14.24 -15.25
C ILE B 11 27.38 15.41 -14.45
N ARG B 12 28.22 15.98 -13.58
CA ARG B 12 27.81 17.13 -12.76
C ARG B 12 27.31 18.29 -13.62
N ALA B 13 28.08 18.63 -14.66
CA ALA B 13 27.74 19.76 -15.54
C ALA B 13 26.43 19.50 -16.27
N LEU B 14 26.34 18.35 -16.96
CA LEU B 14 25.10 18.02 -17.67
C LEU B 14 23.89 18.03 -16.76
N SER B 15 24.08 17.48 -15.57
CA SER B 15 22.95 17.36 -14.65
C SER B 15 22.49 18.74 -14.14
N MET B 16 23.42 19.55 -13.64
CA MET B 16 23.01 20.86 -13.11
C MET B 16 22.44 21.75 -14.22
N ASP B 17 23.06 21.69 -15.40
CA ASP B 17 22.62 22.47 -16.56
C ASP B 17 21.25 22.01 -17.09
N ALA B 18 21.02 20.71 -17.18
CA ALA B 18 19.73 20.26 -17.72
C ALA B 18 18.58 20.61 -16.76
N VAL B 19 18.84 20.44 -15.46
CA VAL B 19 17.91 20.83 -14.41
C VAL B 19 17.62 22.35 -14.53
N GLN B 20 18.69 23.13 -14.73
CA GLN B 20 18.52 24.59 -14.83
C GLN B 20 17.67 24.97 -16.02
N LYS B 21 17.95 24.36 -17.17
CA LYS B 21 17.19 24.65 -18.38
C LYS B 21 15.71 24.32 -18.22
N ALA B 22 15.42 23.19 -17.55
CA ALA B 22 14.05 22.76 -17.31
C ALA B 22 13.36 23.59 -16.21
N LYS B 23 14.16 24.33 -15.44
CA LYS B 23 13.66 25.03 -14.24
C LYS B 23 12.92 24.05 -13.29
N SER B 24 13.39 22.80 -13.30
CA SER B 24 12.72 21.72 -12.57
C SER B 24 13.67 20.54 -12.46
N GLY B 25 13.68 19.90 -11.28
CA GLY B 25 14.46 18.69 -11.12
C GLY B 25 15.42 18.67 -9.95
N HIS B 26 16.25 17.63 -9.94
CA HIS B 26 17.01 17.27 -8.75
C HIS B 26 18.51 17.18 -9.07
N PRO B 27 19.25 18.26 -8.77
CA PRO B 27 20.68 18.20 -9.12
C PRO B 27 21.56 17.51 -8.03
N GLY B 28 21.06 17.39 -6.79
CA GLY B 28 21.86 16.97 -5.64
C GLY B 28 22.47 15.58 -5.79
N ALA B 29 21.61 14.58 -5.96
CA ALA B 29 22.09 13.20 -6.03
C ALA B 29 23.00 12.94 -7.24
N PRO B 30 22.61 13.43 -8.44
CA PRO B 30 23.55 13.23 -9.57
C PRO B 30 24.93 13.82 -9.29
N MET B 31 24.97 15.03 -8.71
CA MET B 31 26.26 15.64 -8.33
C MET B 31 26.99 14.86 -7.23
N GLY B 32 26.23 14.34 -6.27
CA GLY B 32 26.80 13.59 -5.16
C GLY B 32 27.35 12.21 -5.57
N MET B 33 26.71 11.58 -6.56
CA MET B 33 27.06 10.21 -6.97
C MET B 33 27.93 10.11 -8.23
N ALA B 34 28.28 11.26 -8.84
CA ALA B 34 28.99 11.24 -10.12
C ALA B 34 30.32 10.44 -10.11
N ASP B 35 31.10 10.56 -9.02
CA ASP B 35 32.39 9.84 -8.95
C ASP B 35 32.16 8.32 -8.85
N ILE B 36 31.14 7.94 -8.08
CA ILE B 36 30.81 6.51 -7.94
C ILE B 36 30.36 5.98 -9.30
N ALA B 37 29.52 6.76 -9.99
CA ALA B 37 29.04 6.35 -11.30
C ALA B 37 30.16 6.22 -12.33
N GLU B 38 31.12 7.13 -12.27
CA GLU B 38 32.25 7.11 -13.20
C GLU B 38 33.04 5.81 -13.05
N VAL B 39 33.33 5.41 -11.81
CA VAL B 39 34.05 4.14 -11.58
C VAL B 39 33.20 2.93 -12.00
N LEU B 40 31.94 2.89 -11.56
CA LEU B 40 31.11 1.72 -11.87
C LEU B 40 30.94 1.54 -13.38
N TRP B 41 30.53 2.61 -14.04
CA TRP B 41 30.24 2.52 -15.48
C TRP B 41 31.49 2.35 -16.34
N ARG B 42 32.55 3.08 -16.03
CA ARG B 42 33.74 3.00 -16.92
C ARG B 42 34.61 1.77 -16.68
N ASP B 43 34.65 1.29 -15.43
CA ASP B 43 35.55 0.19 -15.06
C ASP B 43 34.89 -1.19 -14.96
N PHE B 44 33.59 -1.25 -14.67
CA PHE B 44 32.96 -2.54 -14.33
C PHE B 44 31.75 -2.93 -15.17
N LEU B 45 30.86 -1.98 -15.43
CA LEU B 45 29.57 -2.32 -16.03
C LEU B 45 29.76 -3.01 -17.39
N LYS B 46 29.18 -4.20 -17.52
CA LYS B 46 29.20 -4.94 -18.80
C LYS B 46 27.94 -4.64 -19.59
N HIS B 47 28.09 -3.87 -20.66
CA HIS B 47 26.93 -3.40 -21.41
C HIS B 47 27.30 -3.01 -22.82
N ASN B 48 26.31 -3.01 -23.70
CA ASN B 48 26.50 -2.56 -25.07
C ASN B 48 25.49 -1.48 -25.43
N PRO B 49 25.94 -0.20 -25.53
CA PRO B 49 25.04 0.89 -25.91
C PRO B 49 24.29 0.66 -27.22
N GLN B 50 24.89 -0.11 -28.13
N GLN B 50 24.87 -0.14 -28.11
CA GLN B 50 24.28 -0.39 -29.43
CA GLN B 50 24.28 -0.40 -29.43
C GLN B 50 23.10 -1.35 -29.31
C GLN B 50 23.21 -1.49 -29.40
N ASN B 51 23.07 -2.14 -28.25
CA ASN B 51 21.98 -3.07 -27.99
C ASN B 51 21.62 -3.15 -26.51
N PRO B 52 20.78 -2.20 -26.04
CA PRO B 52 20.29 -2.20 -24.65
C PRO B 52 19.52 -3.46 -24.27
N SER B 53 19.12 -4.28 -25.25
CA SER B 53 18.38 -5.50 -24.97
C SER B 53 19.26 -6.77 -24.91
N TRP B 54 20.58 -6.61 -25.02
CA TRP B 54 21.47 -7.77 -24.93
C TRP B 54 21.17 -8.63 -23.70
N ALA B 55 20.87 -9.91 -23.93
CA ALA B 55 20.33 -10.79 -22.86
C ALA B 55 21.24 -10.87 -21.66
N ASP B 56 22.55 -10.85 -21.90
CA ASP B 56 23.50 -11.09 -20.82
C ASP B 56 24.17 -9.84 -20.22
N ARG B 57 23.66 -8.66 -20.55
CA ARG B 57 24.20 -7.41 -20.00
C ARG B 57 24.03 -7.37 -18.48
N ASP B 58 24.94 -6.69 -17.79
CA ASP B 58 24.65 -6.29 -16.41
C ASP B 58 23.40 -5.40 -16.41
N ARG B 59 22.66 -5.45 -15.30
CA ARG B 59 21.54 -4.53 -15.11
C ARG B 59 21.90 -3.45 -14.08
N PHE B 60 21.65 -2.20 -14.41
CA PHE B 60 21.85 -1.09 -13.48
C PHE B 60 20.49 -0.52 -13.11
N VAL B 61 20.31 -0.20 -11.82
CA VAL B 61 19.04 0.36 -11.34
C VAL B 61 19.29 1.60 -10.46
N LEU B 62 18.66 2.70 -10.84
CA LEU B 62 18.72 3.94 -10.08
C LEU B 62 17.50 3.97 -9.13
N SER B 63 17.66 3.45 -7.93
CA SER B 63 16.52 3.40 -6.99
C SER B 63 16.17 4.78 -6.44
N ASN B 64 17.18 5.63 -6.28
CA ASN B 64 16.98 7.05 -5.99
C ASN B 64 16.70 7.82 -7.30
N GLY B 65 15.55 7.50 -7.89
CA GLY B 65 15.26 7.89 -9.28
C GLY B 65 15.03 9.37 -9.52
N HIS B 66 14.79 10.14 -8.46
CA HIS B 66 14.75 11.60 -8.58
C HIS B 66 16.05 12.13 -9.23
N GLY B 67 17.17 11.45 -8.99
CA GLY B 67 18.43 11.83 -9.66
C GLY B 67 18.53 11.39 -11.11
N SER B 68 17.43 11.56 -11.84
CA SER B 68 17.31 11.05 -13.21
C SER B 68 18.39 11.58 -14.17
N MET B 69 18.83 12.81 -13.95
CA MET B 69 19.90 13.32 -14.82
C MET B 69 21.20 12.52 -14.69
N LEU B 70 21.40 11.83 -13.56
CA LEU B 70 22.54 10.95 -13.43
C LEU B 70 22.50 9.87 -14.51
N ILE B 71 21.38 9.14 -14.60
CA ILE B 71 21.31 8.09 -15.61
C ILE B 71 21.28 8.65 -17.04
N TYR B 72 20.58 9.77 -17.27
CA TYR B 72 20.59 10.33 -18.62
C TYR B 72 22.00 10.77 -19.03
N SER B 73 22.75 11.38 -18.11
CA SER B 73 24.15 11.72 -18.40
C SER B 73 24.98 10.48 -18.79
N LEU B 74 24.83 9.41 -18.00
CA LEU B 74 25.54 8.16 -18.24
C LEU B 74 25.19 7.56 -19.60
N LEU B 75 23.90 7.50 -19.91
CA LEU B 75 23.45 6.91 -21.18
C LEU B 75 23.95 7.75 -22.36
N HIS B 76 23.87 9.07 -22.23
CA HIS B 76 24.34 9.94 -23.30
C HIS B 76 25.86 9.78 -23.48
N LEU B 77 26.60 9.92 -22.39
CA LEU B 77 28.07 9.93 -22.46
C LEU B 77 28.66 8.61 -22.98
N THR B 78 28.03 7.49 -22.62
CA THR B 78 28.57 6.18 -23.01
C THR B 78 28.13 5.74 -24.41
N GLY B 79 27.27 6.53 -25.05
CA GLY B 79 26.92 6.28 -26.46
C GLY B 79 25.60 5.61 -26.79
N TYR B 80 24.68 5.56 -25.82
CA TYR B 80 23.32 5.12 -26.11
C TYR B 80 22.61 6.11 -27.02
N ASP B 81 21.48 5.69 -27.59
CA ASP B 81 20.71 6.55 -28.47
C ASP B 81 19.91 7.55 -27.62
N LEU B 82 20.62 8.54 -27.08
CA LEU B 82 20.03 9.58 -26.25
C LEU B 82 20.82 10.87 -26.52
N PRO B 83 20.47 11.56 -27.62
CA PRO B 83 21.24 12.73 -28.07
C PRO B 83 21.18 13.88 -27.07
N MET B 84 22.10 14.82 -27.23
CA MET B 84 22.14 16.04 -26.40
C MET B 84 20.82 16.80 -26.42
N GLU B 85 20.15 16.83 -27.57
CA GLU B 85 18.87 17.54 -27.66
C GLU B 85 17.84 16.98 -26.67
N GLU B 86 17.90 15.68 -26.42
CA GLU B 86 17.01 15.07 -25.43
C GLU B 86 17.34 15.55 -24.01
N LEU B 87 18.63 15.66 -23.70
CA LEU B 87 19.02 16.21 -22.40
C LEU B 87 18.56 17.67 -22.25
N LYS B 88 18.58 18.41 -23.37
CA LYS B 88 18.10 19.80 -23.41
C LYS B 88 16.56 19.90 -23.30
N ASN B 89 15.90 18.74 -23.42
CA ASN B 89 14.44 18.65 -23.29
C ASN B 89 14.02 17.83 -22.04
N PHE B 90 14.94 17.74 -21.07
CA PHE B 90 14.65 17.14 -19.76
C PHE B 90 13.33 17.69 -19.21
N ARG B 91 12.46 16.79 -18.80
CA ARG B 91 11.17 17.13 -18.17
C ARG B 91 10.17 17.82 -19.10
N GLN B 92 10.43 17.78 -20.42
CA GLN B 92 9.54 18.38 -21.43
C GLN B 92 8.63 17.36 -22.09
N LEU B 93 7.43 17.80 -22.51
CA LEU B 93 6.43 16.87 -23.02
C LEU B 93 7.00 15.97 -24.12
N HIS B 94 6.82 14.67 -23.93
CA HIS B 94 7.18 13.62 -24.89
C HIS B 94 8.68 13.46 -25.18
N SER B 95 9.52 14.10 -24.37
CA SER B 95 10.96 13.88 -24.49
C SER B 95 11.34 12.45 -24.04
N LYS B 96 12.56 12.05 -24.38
CA LYS B 96 13.10 10.77 -23.91
C LYS B 96 13.75 10.92 -22.53
N THR B 97 13.50 12.06 -21.89
CA THR B 97 14.15 12.40 -20.62
C THR B 97 13.12 12.89 -19.59
N PRO B 98 12.12 12.04 -19.28
CA PRO B 98 11.13 12.41 -18.27
C PRO B 98 11.77 12.63 -16.88
N GLY B 99 11.07 13.34 -15.98
CA GLY B 99 11.59 13.73 -14.67
C GLY B 99 12.05 12.60 -13.79
N HIS B 100 11.41 11.44 -13.96
CA HIS B 100 11.89 10.18 -13.38
C HIS B 100 12.08 9.17 -14.50
N PRO B 101 13.10 8.30 -14.39
CA PRO B 101 13.40 7.45 -15.54
C PRO B 101 12.28 6.43 -15.76
N GLU B 102 11.97 6.17 -17.03
CA GLU B 102 10.88 5.27 -17.44
C GLU B 102 11.41 4.20 -18.40
N VAL B 103 11.16 2.94 -18.08
CA VAL B 103 11.54 1.85 -18.99
C VAL B 103 10.65 1.93 -20.22
N GLY B 104 11.22 1.72 -21.39
CA GLY B 104 10.37 1.53 -22.58
C GLY B 104 10.58 2.40 -23.80
N TYR B 105 10.97 3.65 -23.60
CA TYR B 105 11.26 4.55 -24.71
C TYR B 105 12.70 5.05 -24.64
N THR B 106 13.19 5.31 -23.42
CA THR B 106 14.58 5.74 -23.23
C THR B 106 15.52 4.54 -23.28
N ALA B 107 16.41 4.55 -24.27
CA ALA B 107 17.36 3.46 -24.45
C ALA B 107 18.23 3.29 -23.20
N GLY B 108 18.24 2.09 -22.66
CA GLY B 108 19.12 1.77 -21.55
C GLY B 108 18.49 1.86 -20.17
N VAL B 109 17.29 2.40 -20.08
CA VAL B 109 16.63 2.51 -18.77
C VAL B 109 15.98 1.16 -18.47
N GLU B 110 16.37 0.55 -17.34
CA GLU B 110 15.98 -0.84 -17.04
C GLU B 110 14.62 -0.98 -16.35
N THR B 111 14.22 0.10 -15.68
CA THR B 111 13.01 0.11 -14.87
C THR B 111 12.55 1.54 -14.63
N THR B 112 11.30 1.69 -14.17
CA THR B 112 10.78 3.01 -13.88
C THR B 112 10.85 3.23 -12.39
N THR B 113 11.58 4.27 -11.98
CA THR B 113 11.65 4.60 -10.56
C THR B 113 11.06 5.99 -10.29
N GLY B 114 11.26 6.49 -9.07
CA GLY B 114 10.50 7.63 -8.59
C GLY B 114 9.81 7.30 -7.27
N PRO B 115 9.07 6.18 -7.21
CA PRO B 115 8.54 5.69 -5.93
C PRO B 115 9.69 5.05 -5.15
N LEU B 116 10.14 5.73 -4.10
CA LEU B 116 11.33 5.30 -3.36
C LEU B 116 11.20 3.86 -2.85
N GLY B 117 12.31 3.14 -2.85
CA GLY B 117 12.33 1.77 -2.36
C GLY B 117 12.06 0.72 -3.43
N GLN B 118 11.33 1.07 -4.48
CA GLN B 118 10.95 0.04 -5.45
C GLN B 118 12.07 -0.35 -6.41
N GLY B 119 12.97 0.59 -6.67
CA GLY B 119 14.13 0.32 -7.52
C GLY B 119 14.97 -0.82 -6.93
N ILE B 120 15.36 -0.70 -5.67
CA ILE B 120 16.12 -1.80 -5.03
C ILE B 120 15.34 -3.14 -5.08
N ALA B 121 14.03 -3.09 -4.85
CA ALA B 121 13.17 -4.27 -4.98
C ALA B 121 13.29 -4.87 -6.38
N ASN B 122 13.18 -4.02 -7.40
CA ASN B 122 13.31 -4.45 -8.81
C ASN B 122 14.67 -5.09 -9.04
N ALA B 123 15.71 -4.48 -8.48
CA ALA B 123 17.07 -5.01 -8.56
C ALA B 123 17.18 -6.40 -7.92
N VAL B 124 16.58 -6.56 -6.74
CA VAL B 124 16.53 -7.88 -6.11
C VAL B 124 15.89 -8.90 -7.06
N GLY B 125 14.78 -8.50 -7.71
CA GLY B 125 14.12 -9.35 -8.70
C GLY B 125 15.03 -9.70 -9.88
N MET B 126 15.76 -8.71 -10.40
CA MET B 126 16.67 -8.94 -11.52
C MET B 126 17.80 -9.89 -11.13
N ALA B 127 18.28 -9.79 -9.89
CA ALA B 127 19.35 -10.67 -9.41
C ALA B 127 18.79 -12.08 -9.21
N ILE B 128 17.58 -12.17 -8.68
CA ILE B 128 16.90 -13.48 -8.57
C ILE B 128 16.75 -14.13 -9.96
N ALA B 129 16.34 -13.32 -10.94
CA ALA B 129 16.17 -13.83 -12.30
C ALA B 129 17.50 -14.34 -12.88
N GLU B 130 18.57 -13.57 -12.70
CA GLU B 130 19.87 -13.99 -13.25
C GLU B 130 20.33 -15.30 -12.61
N LYS B 131 20.19 -15.40 -11.29
CA LYS B 131 20.67 -16.57 -10.56
C LYS B 131 19.88 -17.81 -11.00
N THR B 132 18.56 -17.64 -11.15
CA THR B 132 17.66 -18.73 -11.51
C THR B 132 17.87 -19.15 -12.97
N LEU B 133 17.97 -18.15 -13.86
CA LEU B 133 18.20 -18.42 -15.29
C LEU B 133 19.53 -19.15 -15.50
N ALA B 134 20.56 -18.71 -14.77
CA ALA B 134 21.89 -19.34 -14.84
C ALA B 134 21.78 -20.81 -14.43
N ALA B 135 21.12 -21.06 -13.30
CA ALA B 135 20.94 -22.43 -12.81
C ALA B 135 20.18 -23.29 -13.81
N GLN B 136 19.16 -22.71 -14.44
CA GLN B 136 18.34 -23.45 -15.42
C GLN B 136 19.08 -23.76 -16.71
N PHE B 137 19.82 -22.77 -17.23
CA PHE B 137 20.38 -22.86 -18.59
C PHE B 137 21.87 -23.17 -18.72
N ASN B 138 22.68 -22.72 -17.77
CA ASN B 138 24.11 -22.99 -17.85
C ASN B 138 24.41 -24.48 -17.85
N ARG B 139 25.42 -24.85 -18.64
CA ARG B 139 25.86 -26.24 -18.74
C ARG B 139 27.39 -26.24 -18.64
N PRO B 140 27.98 -27.39 -18.28
CA PRO B 140 29.44 -27.41 -18.14
C PRO B 140 30.10 -26.92 -19.43
N GLY B 141 30.99 -25.95 -19.29
CA GLY B 141 31.68 -25.35 -20.45
C GLY B 141 30.88 -24.32 -21.22
N HIS B 142 29.67 -24.03 -20.73
CA HIS B 142 28.72 -23.14 -21.42
C HIS B 142 27.95 -22.26 -20.41
N ASP B 143 28.65 -21.26 -19.86
CA ASP B 143 28.00 -20.35 -18.90
C ASP B 143 27.41 -19.13 -19.61
N ILE B 144 26.27 -19.35 -20.28
CA ILE B 144 25.65 -18.32 -21.11
C ILE B 144 24.93 -17.22 -20.32
N VAL B 145 24.66 -17.49 -19.05
CA VAL B 145 24.08 -16.48 -18.16
C VAL B 145 25.11 -16.16 -17.09
N ASP B 146 25.56 -14.91 -17.06
CA ASP B 146 26.56 -14.50 -16.08
C ASP B 146 26.64 -12.98 -16.06
N HIS B 147 25.77 -12.37 -15.27
CA HIS B 147 25.81 -10.91 -15.17
C HIS B 147 25.45 -10.38 -13.78
N TYR B 148 25.95 -9.18 -13.48
CA TYR B 148 25.70 -8.50 -12.21
C TYR B 148 24.46 -7.62 -12.25
N THR B 149 23.95 -7.31 -11.07
CA THR B 149 22.87 -6.34 -10.91
C THR B 149 23.40 -5.30 -9.94
N TYR B 150 23.55 -4.07 -10.44
CA TYR B 150 24.05 -2.95 -9.65
C TYR B 150 22.90 -1.99 -9.34
N ALA B 151 22.80 -1.55 -8.10
CA ALA B 151 21.76 -0.57 -7.74
C ALA B 151 22.36 0.59 -6.97
N PHE B 152 21.89 1.81 -7.29
CA PHE B 152 22.13 3.00 -6.47
C PHE B 152 20.88 3.26 -5.61
N MET B 153 21.08 3.66 -4.36
CA MET B 153 19.94 3.95 -3.50
C MET B 153 20.37 4.95 -2.44
N GLY B 154 19.40 5.71 -1.90
CA GLY B 154 19.66 6.76 -0.91
C GLY B 154 18.95 6.55 0.43
N ASP B 155 18.95 7.59 1.24
CA ASP B 155 18.27 7.54 2.55
C ASP B 155 16.78 7.22 2.42
N GLY B 156 16.14 7.76 1.37
CA GLY B 156 14.70 7.53 1.18
C GLY B 156 14.39 6.06 0.99
N CYS B 157 15.14 5.41 0.10
CA CYS B 157 14.99 3.97 -0.13
C CYS B 157 15.27 3.20 1.17
N MET B 158 16.33 3.59 1.88
CA MET B 158 16.71 2.91 3.13
C MET B 158 15.61 3.01 4.20
N MET B 159 14.92 4.15 4.27
CA MET B 159 13.87 4.34 5.28
C MET B 159 12.61 3.53 4.97
N GLU B 160 12.32 3.41 3.67
CA GLU B 160 11.09 2.71 3.26
C GLU B 160 11.07 1.26 3.72
N GLY B 161 9.91 0.82 4.18
CA GLY B 161 9.70 -0.55 4.64
C GLY B 161 10.07 -1.57 3.58
N ILE B 162 9.79 -1.25 2.32
CA ILE B 162 10.04 -2.21 1.24
C ILE B 162 11.53 -2.59 1.17
N SER B 163 12.43 -1.68 1.56
CA SER B 163 13.87 -2.03 1.57
C SER B 163 14.14 -3.18 2.53
N HIS B 164 13.48 -3.15 3.71
CA HIS B 164 13.60 -4.25 4.66
C HIS B 164 13.10 -5.57 4.04
N GLU B 165 11.95 -5.52 3.37
CA GLU B 165 11.40 -6.77 2.82
C GLU B 165 12.35 -7.40 1.81
N VAL B 166 12.81 -6.61 0.85
CA VAL B 166 13.56 -7.22 -0.27
C VAL B 166 15.02 -7.49 0.07
N CYS B 167 15.59 -6.64 0.94
CA CYS B 167 16.98 -6.87 1.34
C CYS B 167 17.10 -8.06 2.31
N SER B 168 16.11 -8.23 3.18
CA SER B 168 16.03 -9.44 4.00
C SER B 168 16.03 -10.70 3.12
N LEU B 169 15.13 -10.71 2.15
CA LEU B 169 14.99 -11.90 1.30
C LEU B 169 16.23 -12.09 0.43
N ALA B 170 16.81 -10.99 -0.06
CA ALA B 170 18.04 -11.07 -0.85
C ALA B 170 19.17 -11.76 -0.07
N GLY B 171 19.22 -11.51 1.24
CA GLY B 171 20.23 -12.16 2.09
C GLY B 171 19.97 -13.66 2.15
N THR B 172 18.72 -14.03 2.39
CA THR B 172 18.33 -15.44 2.48
C THR B 172 18.74 -16.19 1.20
N LEU B 173 18.51 -15.53 0.05
CA LEU B 173 18.77 -16.15 -1.24
C LEU B 173 20.23 -16.04 -1.72
N LYS B 174 21.09 -15.45 -0.87
CA LYS B 174 22.54 -15.42 -1.12
C LYS B 174 22.87 -14.88 -2.52
N LEU B 175 22.27 -13.71 -2.83
CA LEU B 175 22.39 -13.10 -4.15
C LEU B 175 23.75 -12.41 -4.33
N GLY B 176 24.78 -13.24 -4.54
CA GLY B 176 26.17 -12.77 -4.65
C GLY B 176 26.50 -11.81 -5.78
N LYS B 177 25.63 -11.70 -6.77
CA LYS B 177 25.87 -10.81 -7.90
C LYS B 177 25.07 -9.50 -7.80
N LEU B 178 24.37 -9.33 -6.69
CA LEU B 178 23.72 -8.06 -6.40
C LEU B 178 24.67 -7.18 -5.60
N ILE B 179 24.94 -5.98 -6.13
CA ILE B 179 25.82 -5.03 -5.46
C ILE B 179 25.11 -3.69 -5.41
N ALA B 180 24.87 -3.19 -4.19
CA ALA B 180 24.15 -1.93 -4.01
C ALA B 180 25.06 -0.88 -3.45
N PHE B 181 24.92 0.34 -3.95
CA PHE B 181 25.68 1.49 -3.47
C PHE B 181 24.71 2.39 -2.72
N TYR B 182 25.03 2.64 -1.46
CA TYR B 182 24.19 3.50 -0.62
C TYR B 182 24.81 4.89 -0.66
N ASP B 183 24.04 5.84 -1.17
CA ASP B 183 24.45 7.24 -1.24
C ASP B 183 24.28 7.85 0.17
N ASP B 184 25.32 7.74 0.98
CA ASP B 184 25.22 8.10 2.39
C ASP B 184 25.58 9.57 2.56
N ASN B 185 24.62 10.46 2.27
CA ASN B 185 24.91 11.90 2.27
C ASN B 185 24.30 12.72 3.43
N GLY B 186 23.56 12.04 4.31
CA GLY B 186 23.11 12.67 5.55
C GLY B 186 22.00 13.69 5.41
N ILE B 187 21.45 13.81 4.21
CA ILE B 187 20.44 14.84 3.89
C ILE B 187 19.17 14.22 3.32
N SER B 188 18.00 14.64 3.80
CA SER B 188 16.75 14.34 3.10
C SER B 188 15.97 15.64 2.98
N ILE B 189 14.72 15.57 2.54
CA ILE B 189 13.98 16.79 2.22
C ILE B 189 13.77 17.68 3.45
N ASP B 190 13.51 17.07 4.61
CA ASP B 190 13.28 17.84 5.84
C ASP B 190 14.59 18.42 6.43
N GLY B 191 15.74 17.99 5.91
CA GLY B 191 17.03 18.51 6.37
C GLY B 191 18.04 17.43 6.76
N HIS B 192 18.78 17.68 7.83
CA HIS B 192 19.75 16.70 8.32
C HIS B 192 19.04 15.46 8.89
N VAL B 193 19.37 14.29 8.34
CA VAL B 193 18.56 13.10 8.60
C VAL B 193 18.54 12.62 10.05
N GLU B 194 19.52 13.03 10.85
CA GLU B 194 19.63 12.55 12.24
C GLU B 194 18.38 12.80 13.09
N GLY B 195 17.55 13.78 12.70
CA GLY B 195 16.31 14.04 13.43
C GLY B 195 15.25 12.95 13.28
N TRP B 196 15.39 12.12 12.24
CA TRP B 196 14.37 11.09 11.92
C TRP B 196 14.92 9.74 11.43
N PHE B 197 16.23 9.63 11.26
CA PHE B 197 16.82 8.43 10.67
C PHE B 197 18.21 8.26 11.28
N THR B 198 18.31 7.27 12.17
CA THR B 198 19.54 7.04 12.94
C THR B 198 20.04 5.59 12.89
N ASP B 199 19.48 4.78 11.99
CA ASP B 199 19.88 3.37 11.89
C ASP B 199 21.38 3.25 11.76
N ASP B 200 21.95 2.23 12.40
CA ASP B 200 23.28 1.76 12.00
C ASP B 200 23.02 0.88 10.78
N THR B 201 23.01 1.52 9.62
CA THR B 201 22.57 0.85 8.39
C THR B 201 23.48 -0.34 8.03
N ALA B 202 24.77 -0.20 8.28
CA ALA B 202 25.70 -1.30 8.04
C ALA B 202 25.34 -2.52 8.91
N MET B 203 25.09 -2.26 10.19
CA MET B 203 24.69 -3.33 11.11
C MET B 203 23.37 -3.98 10.68
N ARG B 204 22.42 -3.15 10.26
CA ARG B 204 21.15 -3.63 9.72
C ARG B 204 21.37 -4.62 8.57
N PHE B 205 22.21 -4.23 7.62
CA PHE B 205 22.45 -5.07 6.47
C PHE B 205 23.25 -6.33 6.77
N GLU B 206 24.20 -6.23 7.71
CA GLU B 206 24.85 -7.44 8.19
C GLU B 206 23.84 -8.41 8.82
N ALA B 207 22.82 -7.85 9.51
CA ALA B 207 21.73 -8.68 10.05
C ALA B 207 20.95 -9.44 8.98
N TYR B 208 20.93 -8.87 7.78
CA TYR B 208 20.32 -9.54 6.63
C TYR B 208 21.23 -10.55 5.95
N GLY B 209 22.45 -10.72 6.44
CA GLY B 209 23.42 -11.59 5.76
C GLY B 209 24.05 -10.96 4.54
N TRP B 210 24.07 -9.63 4.47
CA TRP B 210 24.81 -8.95 3.40
C TRP B 210 26.27 -8.75 3.78
N HIS B 211 27.11 -8.69 2.77
CA HIS B 211 28.47 -8.25 2.92
C HIS B 211 28.43 -6.72 2.86
N VAL B 212 28.94 -6.05 3.90
CA VAL B 212 28.89 -4.59 3.96
C VAL B 212 30.30 -3.99 3.99
N ILE B 213 30.52 -2.99 3.14
CA ILE B 213 31.78 -2.25 3.11
C ILE B 213 31.54 -0.83 3.63
N ARG B 214 32.08 -0.57 4.81
CA ARG B 214 31.88 0.70 5.50
C ARG B 214 32.88 1.76 5.07
N ASP B 215 32.48 3.02 5.25
CA ASP B 215 33.40 4.16 5.23
C ASP B 215 34.11 4.34 3.89
N ILE B 216 33.36 4.17 2.81
CA ILE B 216 33.92 4.46 1.48
C ILE B 216 33.85 5.97 1.22
N ASP B 217 34.97 6.54 0.80
CA ASP B 217 35.00 7.93 0.36
C ASP B 217 34.39 7.96 -1.05
N GLY B 218 33.13 8.38 -1.13
CA GLY B 218 32.36 8.41 -2.37
C GLY B 218 32.86 9.44 -3.38
N HIS B 219 33.87 10.21 -2.99
CA HIS B 219 34.48 11.18 -3.90
C HIS B 219 35.92 10.84 -4.28
N ASP B 220 36.29 9.58 -4.05
CA ASP B 220 37.64 9.14 -4.36
C ASP B 220 37.59 7.88 -5.21
N ALA B 221 37.97 8.00 -6.47
CA ALA B 221 37.94 6.86 -7.38
C ALA B 221 38.65 5.63 -6.80
N ALA B 222 39.84 5.81 -6.22
CA ALA B 222 40.60 4.65 -5.68
C ALA B 222 39.78 3.91 -4.61
N SER B 223 39.17 4.67 -3.70
CA SER B 223 38.35 4.09 -2.64
CA SER B 223 38.35 4.09 -2.64
C SER B 223 37.17 3.30 -3.19
N ILE B 224 36.44 3.92 -4.13
CA ILE B 224 35.28 3.29 -4.73
C ILE B 224 35.68 2.02 -5.49
N LYS B 225 36.72 2.12 -6.32
CA LYS B 225 37.15 0.99 -7.16
C LYS B 225 37.52 -0.21 -6.29
N ARG B 226 38.31 0.04 -5.24
CA ARG B 226 38.69 -1.03 -4.31
C ARG B 226 37.44 -1.69 -3.73
N ALA B 227 36.45 -0.89 -3.34
CA ALA B 227 35.26 -1.44 -2.69
C ALA B 227 34.45 -2.33 -3.65
N VAL B 228 34.34 -1.89 -4.90
CA VAL B 228 33.62 -2.69 -5.93
C VAL B 228 34.39 -4.02 -6.15
N GLU B 229 35.74 -3.95 -6.17
CA GLU B 229 36.52 -5.17 -6.36
C GLU B 229 36.22 -6.15 -5.23
N GLU B 230 36.20 -5.64 -3.99
CA GLU B 230 35.93 -6.47 -2.83
C GLU B 230 34.53 -7.10 -2.91
N ALA B 231 33.55 -6.28 -3.30
CA ALA B 231 32.17 -6.74 -3.44
C ALA B 231 32.05 -7.86 -4.48
N ARG B 232 32.71 -7.70 -5.62
CA ARG B 232 32.64 -8.70 -6.68
C ARG B 232 33.33 -10.01 -6.27
N ALA B 233 34.29 -9.90 -5.35
CA ALA B 233 35.00 -11.09 -4.85
C ALA B 233 34.16 -11.92 -3.87
N VAL B 234 33.11 -11.31 -3.30
CA VAL B 234 32.23 -12.01 -2.36
C VAL B 234 31.09 -12.60 -3.17
N THR B 235 31.12 -13.92 -3.37
CA THR B 235 30.17 -14.55 -4.30
C THR B 235 28.92 -15.14 -3.65
N ASP B 236 28.89 -15.20 -2.32
CA ASP B 236 27.79 -15.88 -1.62
C ASP B 236 26.86 -14.94 -0.85
N LYS B 237 27.10 -13.64 -0.95
CA LYS B 237 26.27 -12.64 -0.25
C LYS B 237 26.09 -11.44 -1.16
N PRO B 238 24.89 -10.82 -1.12
CA PRO B 238 24.75 -9.53 -1.79
C PRO B 238 25.60 -8.53 -1.01
N SER B 239 26.06 -7.47 -1.68
CA SER B 239 26.94 -6.49 -1.06
C SER B 239 26.34 -5.10 -0.98
N LEU B 240 26.58 -4.43 0.15
CA LEU B 240 26.20 -3.02 0.30
C LEU B 240 27.46 -2.19 0.48
N LEU B 241 27.63 -1.18 -0.37
CA LEU B 241 28.76 -0.25 -0.27
C LEU B 241 28.30 1.03 0.37
N MET B 242 28.83 1.33 1.55
CA MET B 242 28.46 2.56 2.28
C MET B 242 29.26 3.73 1.75
N CYS B 243 28.70 4.44 0.78
CA CYS B 243 29.43 5.51 0.10
C CYS B 243 29.16 6.88 0.72
N LYS B 244 30.12 7.41 1.47
CA LYS B 244 29.96 8.75 2.05
C LYS B 244 30.12 9.78 0.93
N THR B 245 29.05 10.54 0.69
CA THR B 245 29.07 11.58 -0.33
C THR B 245 28.52 12.89 0.19
N ILE B 246 28.76 13.93 -0.58
CA ILE B 246 28.28 15.29 -0.31
C ILE B 246 27.24 15.59 -1.38
N ILE B 247 25.98 15.72 -0.96
CA ILE B 247 24.91 16.03 -1.90
C ILE B 247 25.24 17.36 -2.60
N GLY B 248 25.04 17.44 -3.92
CA GLY B 248 25.34 18.69 -4.64
C GLY B 248 26.83 19.02 -4.69
N PHE B 249 27.68 17.99 -4.55
CA PHE B 249 29.13 18.15 -4.60
C PHE B 249 29.56 19.09 -5.73
N GLY B 250 30.32 20.12 -5.36
CA GLY B 250 30.79 21.09 -6.34
C GLY B 250 30.23 22.48 -6.13
N SER B 251 29.02 22.53 -5.57
CA SER B 251 28.33 23.81 -5.29
C SER B 251 28.83 24.42 -3.97
N PRO B 252 29.51 25.57 -4.03
CA PRO B 252 30.04 26.16 -2.79
C PRO B 252 28.97 26.43 -1.74
N ASN B 253 27.79 26.89 -2.18
CA ASN B 253 26.74 27.33 -1.23
C ASN B 253 25.61 26.33 -0.97
N LYS B 254 25.47 25.34 -1.85
CA LYS B 254 24.37 24.37 -1.69
C LYS B 254 24.83 22.92 -1.46
N ALA B 255 26.11 22.63 -1.69
CA ALA B 255 26.63 21.30 -1.38
C ALA B 255 26.36 20.99 0.10
N GLY B 256 25.91 19.77 0.38
CA GLY B 256 25.71 19.34 1.77
C GLY B 256 24.45 19.91 2.40
N THR B 257 23.59 20.52 1.59
CA THR B 257 22.35 21.12 2.11
C THR B 257 21.13 20.51 1.45
N HIS B 258 20.00 20.54 2.15
CA HIS B 258 18.74 20.08 1.57
C HIS B 258 18.36 20.94 0.35
N ASP B 259 18.91 22.14 0.27
CA ASP B 259 18.62 23.07 -0.82
C ASP B 259 18.98 22.48 -2.19
N SER B 260 20.00 21.62 -2.23
CA SER B 260 20.46 21.01 -3.49
C SER B 260 19.67 19.77 -3.92
N HIS B 261 18.77 19.31 -3.07
CA HIS B 261 18.05 18.07 -3.35
C HIS B 261 17.16 18.15 -4.59
N GLY B 262 16.28 19.16 -4.64
CA GLY B 262 15.08 19.05 -5.47
C GLY B 262 14.67 20.28 -6.23
N ALA B 263 15.64 21.17 -6.44
CA ALA B 263 15.38 22.38 -7.21
C ALA B 263 16.62 22.82 -7.97
N PRO B 264 16.42 23.59 -9.06
CA PRO B 264 17.57 24.17 -9.78
C PRO B 264 18.51 24.91 -8.81
N LEU B 265 19.82 24.80 -9.04
CA LEU B 265 20.80 25.53 -8.25
C LEU B 265 20.71 27.06 -8.45
N GLY B 266 20.29 27.48 -9.65
CA GLY B 266 20.28 28.91 -10.01
C GLY B 266 21.52 29.28 -10.81
N ASP B 267 21.38 30.22 -11.74
CA ASP B 267 22.49 30.58 -12.64
C ASP B 267 23.75 31.01 -11.91
N ALA B 268 23.61 31.88 -10.90
CA ALA B 268 24.76 32.36 -10.13
C ALA B 268 25.49 31.19 -9.46
N GLU B 269 24.74 30.30 -8.81
CA GLU B 269 25.35 29.15 -8.12
C GLU B 269 26.03 28.20 -9.12
N ILE B 270 25.41 28.00 -10.28
CA ILE B 270 26.02 27.19 -11.33
C ILE B 270 27.37 27.75 -11.78
N ALA B 271 27.45 29.07 -11.94
CA ALA B 271 28.73 29.72 -12.29
C ALA B 271 29.80 29.44 -11.22
N LEU B 272 29.41 29.53 -9.95
CA LEU B 272 30.34 29.26 -8.84
C LEU B 272 30.76 27.79 -8.82
N THR B 273 29.83 26.91 -9.19
CA THR B 273 30.08 25.47 -9.24
C THR B 273 31.10 25.14 -10.33
N ARG B 274 30.90 25.71 -11.52
CA ARG B 274 31.91 25.58 -12.58
C ARG B 274 33.29 25.99 -12.08
N GLU B 275 33.36 27.12 -11.36
CA GLU B 275 34.62 27.61 -10.82
C GLU B 275 35.22 26.60 -9.84
N GLN B 276 34.40 26.13 -8.88
CA GLN B 276 34.88 25.17 -7.89
C GLN B 276 35.36 23.87 -8.52
N LEU B 277 34.63 23.40 -9.54
CA LEU B 277 34.96 22.15 -10.21
C LEU B 277 36.07 22.28 -11.25
N GLY B 278 36.38 23.53 -11.60
CA GLY B 278 37.28 23.83 -12.72
C GLY B 278 36.73 23.30 -14.04
N TRP B 279 35.42 23.39 -14.20
CA TRP B 279 34.76 22.91 -15.42
C TRP B 279 34.61 24.08 -16.40
N LYS B 280 35.31 23.99 -17.52
CA LYS B 280 35.47 25.14 -18.43
C LYS B 280 34.49 25.19 -19.59
N TYR B 281 33.56 24.23 -19.65
CA TYR B 281 32.71 24.08 -20.83
C TYR B 281 31.32 24.67 -20.61
N ALA B 282 30.74 25.23 -21.68
CA ALA B 282 29.42 25.86 -21.66
C ALA B 282 28.33 24.81 -21.46
N PRO B 283 27.10 25.23 -21.07
CA PRO B 283 26.04 24.23 -20.95
C PRO B 283 25.88 23.41 -22.23
N PHE B 284 25.86 22.09 -22.07
CA PHE B 284 25.62 21.14 -23.17
C PHE B 284 26.79 21.06 -24.15
N GLU B 285 27.95 21.52 -23.69
CA GLU B 285 29.21 21.32 -24.40
C GLU B 285 30.03 20.22 -23.70
N ILE B 286 30.36 19.19 -24.46
CA ILE B 286 31.27 18.14 -24.00
C ILE B 286 32.37 18.00 -25.07
N PRO B 287 33.65 18.15 -24.65
CA PRO B 287 34.73 18.06 -25.65
C PRO B 287 34.94 16.62 -26.13
N SER B 288 35.54 16.47 -27.31
CA SER B 288 35.76 15.14 -27.90
C SER B 288 36.58 14.19 -27.01
N GLU B 289 37.59 14.70 -26.29
CA GLU B 289 38.42 13.85 -25.41
C GLU B 289 37.60 13.17 -24.31
N ILE B 290 36.61 13.89 -23.79
CA ILE B 290 35.75 13.37 -22.73
C ILE B 290 34.79 12.32 -23.29
N TYR B 291 34.18 12.59 -24.44
CA TYR B 291 33.39 11.55 -25.14
C TYR B 291 34.26 10.31 -25.41
N ALA B 292 35.49 10.53 -25.86
CA ALA B 292 36.39 9.41 -26.20
C ALA B 292 36.62 8.47 -25.02
N GLN B 293 36.77 9.02 -23.82
CA GLN B 293 37.00 8.21 -22.62
C GLN B 293 35.69 7.59 -22.05
N TRP B 294 34.56 8.25 -22.32
CA TRP B 294 33.27 7.78 -21.80
C TRP B 294 32.63 6.75 -22.72
N ASP B 295 32.84 6.89 -24.03
CA ASP B 295 32.09 6.09 -24.99
C ASP B 295 32.33 4.58 -24.81
N ALA B 296 31.26 3.79 -24.84
CA ALA B 296 31.37 2.35 -24.62
C ALA B 296 30.96 1.52 -25.84
N LYS B 297 30.80 2.15 -27.00
CA LYS B 297 30.32 1.43 -28.19
C LYS B 297 31.27 0.30 -28.62
N GLU B 298 32.56 0.61 -28.68
CA GLU B 298 33.54 -0.39 -29.14
C GLU B 298 33.68 -1.56 -28.16
N ALA B 299 33.91 -1.26 -26.88
CA ALA B 299 34.01 -2.31 -25.85
C ALA B 299 32.70 -3.10 -25.77
N GLY B 300 31.58 -2.37 -25.85
CA GLY B 300 30.24 -2.98 -25.76
C GLY B 300 29.99 -4.00 -26.86
N GLN B 301 30.29 -3.60 -28.10
CA GLN B 301 30.10 -4.52 -29.21
CA GLN B 301 30.18 -4.47 -29.28
C GLN B 301 31.06 -5.72 -29.12
N ALA B 302 32.28 -5.50 -28.65
CA ALA B 302 33.23 -6.60 -28.48
C ALA B 302 32.69 -7.62 -27.47
N LYS B 303 32.18 -7.12 -26.36
CA LYS B 303 31.67 -7.99 -25.30
C LYS B 303 30.43 -8.76 -25.77
N GLU B 304 29.49 -8.05 -26.40
CA GLU B 304 28.30 -8.71 -26.88
C GLU B 304 28.62 -9.73 -27.98
N SER B 305 29.54 -9.38 -28.89
CA SER B 305 29.89 -10.32 -29.96
C SER B 305 30.51 -11.60 -29.38
N ALA B 306 31.40 -11.44 -28.41
CA ALA B 306 31.99 -12.59 -27.71
C ALA B 306 30.87 -13.45 -27.11
N TRP B 307 29.88 -12.81 -26.50
CA TRP B 307 28.75 -13.55 -25.93
C TRP B 307 27.95 -14.27 -27.02
N ASN B 308 27.69 -13.59 -28.14
CA ASN B 308 26.99 -14.21 -29.27
C ASN B 308 27.68 -15.49 -29.74
N GLU B 309 29.00 -15.44 -29.78
CA GLU B 309 29.79 -16.61 -30.19
C GLU B 309 29.66 -17.73 -29.16
N LYS B 310 29.69 -17.36 -27.88
CA LYS B 310 29.46 -18.31 -26.80
C LYS B 310 28.06 -18.94 -26.91
N PHE B 311 27.06 -18.13 -27.20
CA PHE B 311 25.70 -18.63 -27.35
C PHE B 311 25.56 -19.57 -28.55
N ALA B 312 26.21 -19.23 -29.66
CA ALA B 312 26.20 -20.09 -30.84
C ALA B 312 26.74 -21.49 -30.52
N ALA B 313 27.86 -21.55 -29.79
CA ALA B 313 28.45 -22.82 -29.39
C ALA B 313 27.51 -23.60 -28.46
N TYR B 314 26.87 -22.88 -27.54
CA TYR B 314 25.87 -23.46 -26.68
C TYR B 314 24.70 -24.06 -27.49
N ALA B 315 24.22 -23.31 -28.49
CA ALA B 315 23.11 -23.78 -29.32
C ALA B 315 23.45 -25.04 -30.12
N LYS B 316 24.72 -25.18 -30.50
CA LYS B 316 25.21 -26.39 -31.16
C LYS B 316 25.13 -27.61 -30.23
N ALA B 317 25.53 -27.42 -28.97
CA ALA B 317 25.60 -28.51 -28.00
C ALA B 317 24.24 -28.78 -27.34
N TYR B 318 23.43 -27.72 -27.22
CA TYR B 318 22.14 -27.77 -26.52
C TYR B 318 21.05 -27.04 -27.31
N PRO B 319 20.69 -27.58 -28.50
CA PRO B 319 19.76 -26.87 -29.39
C PRO B 319 18.38 -26.61 -28.80
N GLN B 320 17.78 -27.59 -28.12
CA GLN B 320 16.44 -27.38 -27.54
C GLN B 320 16.47 -26.32 -26.43
N GLU B 321 17.51 -26.39 -25.60
CA GLU B 321 17.71 -25.43 -24.51
C GLU B 321 17.94 -24.01 -25.03
N ALA B 322 18.77 -23.90 -26.07
CA ALA B 322 19.04 -22.59 -26.67
C ALA B 322 17.76 -21.98 -27.26
N ALA B 323 16.95 -22.82 -27.90
CA ALA B 323 15.68 -22.35 -28.46
C ALA B 323 14.74 -21.85 -27.35
N GLU B 324 14.72 -22.58 -26.24
CA GLU B 324 13.91 -22.17 -25.09
C GLU B 324 14.41 -20.86 -24.49
N PHE B 325 15.73 -20.71 -24.41
CA PHE B 325 16.32 -19.49 -23.89
C PHE B 325 15.90 -18.27 -24.74
N THR B 326 15.99 -18.40 -26.05
CA THR B 326 15.63 -17.30 -26.95
C THR B 326 14.14 -16.98 -26.85
N ARG B 327 13.31 -18.02 -26.84
CA ARG B 327 11.86 -17.85 -26.71
C ARG B 327 11.53 -17.12 -25.41
N ARG B 328 12.12 -17.59 -24.32
CA ARG B 328 11.82 -17.04 -23.00
C ARG B 328 12.34 -15.61 -22.82
N MET B 329 13.53 -15.33 -23.35
CA MET B 329 14.07 -13.96 -23.24
C MET B 329 13.22 -12.95 -24.01
N LYS B 330 12.63 -13.41 -25.11
CA LYS B 330 11.75 -12.58 -25.94
C LYS B 330 10.34 -12.46 -25.36
N GLY B 331 10.02 -13.29 -24.36
CA GLY B 331 8.71 -13.30 -23.73
C GLY B 331 7.65 -13.93 -24.61
N GLU B 332 8.09 -14.68 -25.61
CA GLU B 332 7.18 -15.35 -26.52
C GLU B 332 6.55 -16.58 -25.86
N MET B 333 5.32 -16.89 -26.25
CA MET B 333 4.62 -18.06 -25.74
C MET B 333 4.93 -19.30 -26.59
N PRO B 334 4.84 -20.50 -25.98
CA PRO B 334 5.02 -21.71 -26.81
C PRO B 334 3.96 -21.73 -27.92
N SER B 335 4.35 -22.19 -29.11
CA SER B 335 3.44 -22.10 -30.26
C SER B 335 2.12 -22.87 -30.08
N ASP B 336 2.15 -23.96 -29.32
CA ASP B 336 0.94 -24.75 -29.08
C ASP B 336 0.25 -24.46 -27.74
N PHE B 337 0.67 -23.40 -27.05
CA PHE B 337 0.05 -23.10 -25.76
C PHE B 337 -1.44 -22.78 -25.91
N ASP B 338 -1.77 -21.97 -26.91
CA ASP B 338 -3.16 -21.57 -27.13
C ASP B 338 -4.07 -22.80 -27.31
N ALA B 339 -3.67 -23.70 -28.20
CA ALA B 339 -4.43 -24.91 -28.45
C ALA B 339 -4.54 -25.78 -27.20
N LYS B 340 -3.43 -25.93 -26.48
CA LYS B 340 -3.41 -26.79 -25.30
C LYS B 340 -4.25 -26.23 -24.16
N ALA B 341 -4.19 -24.91 -23.97
CA ALA B 341 -4.98 -24.26 -22.92
C ALA B 341 -6.47 -24.32 -23.25
N LYS B 342 -6.82 -24.11 -24.52
CA LYS B 342 -8.20 -24.24 -24.98
C LYS B 342 -8.76 -25.65 -24.73
N GLU B 343 -7.93 -26.66 -24.99
CA GLU B 343 -8.31 -28.05 -24.73
C GLU B 343 -8.62 -28.25 -23.23
N PHE B 344 -7.81 -27.63 -22.37
CA PHE B 344 -8.02 -27.75 -20.93
C PHE B 344 -9.34 -27.09 -20.52
N ILE B 345 -9.54 -25.87 -21.03
CA ILE B 345 -10.76 -25.10 -20.79
C ILE B 345 -12.00 -25.90 -21.21
N ALA B 346 -11.94 -26.46 -22.42
CA ALA B 346 -13.05 -27.28 -22.92
C ALA B 346 -13.33 -28.50 -22.02
N LYS B 347 -12.26 -29.12 -21.52
CA LYS B 347 -12.39 -30.27 -20.63
C LYS B 347 -13.14 -29.89 -19.35
N LEU B 348 -12.77 -28.74 -18.78
CA LEU B 348 -13.45 -28.27 -17.58
C LEU B 348 -14.93 -28.02 -17.83
N GLN B 349 -15.26 -27.40 -18.96
CA GLN B 349 -16.67 -27.10 -19.23
C GLN B 349 -17.48 -28.40 -19.34
N ALA B 350 -16.85 -29.42 -19.93
CA ALA B 350 -17.50 -30.73 -20.18
C ALA B 350 -17.58 -31.59 -18.92
N ASN B 351 -16.81 -31.23 -17.90
CA ASN B 351 -16.66 -32.01 -16.68
C ASN B 351 -16.84 -31.14 -15.44
N PRO B 352 -18.10 -30.79 -15.12
CA PRO B 352 -18.40 -29.81 -14.05
C PRO B 352 -17.86 -30.18 -12.69
N ALA B 353 -17.39 -29.18 -11.95
CA ALA B 353 -16.96 -29.35 -10.56
C ALA B 353 -17.25 -28.08 -9.79
N LYS B 354 -17.81 -28.24 -8.60
CA LYS B 354 -18.06 -27.13 -7.70
C LYS B 354 -16.88 -27.07 -6.74
N ILE B 355 -15.96 -26.17 -7.03
CA ILE B 355 -14.75 -25.98 -6.22
C ILE B 355 -14.51 -24.48 -6.04
N ALA B 356 -13.69 -24.11 -5.06
CA ALA B 356 -13.34 -22.69 -4.86
C ALA B 356 -12.53 -22.24 -6.07
N SER B 357 -12.69 -20.99 -6.49
CA SER B 357 -11.84 -20.51 -7.58
C SER B 357 -10.34 -20.48 -7.19
N ARG B 358 -10.01 -20.40 -5.90
CA ARG B 358 -8.60 -20.56 -5.50
C ARG B 358 -8.08 -21.96 -5.91
N LYS B 359 -8.94 -22.98 -5.78
CA LYS B 359 -8.60 -24.34 -6.23
C LYS B 359 -8.57 -24.44 -7.77
N ALA B 360 -9.55 -23.82 -8.42
CA ALA B 360 -9.52 -23.73 -9.89
C ALA B 360 -8.24 -23.07 -10.40
N SER B 361 -7.76 -22.07 -9.65
CA SER B 361 -6.51 -21.40 -9.96
C SER B 361 -5.34 -22.40 -9.88
N GLN B 362 -5.25 -23.11 -8.77
CA GLN B 362 -4.21 -24.15 -8.61
C GLN B 362 -4.25 -25.16 -9.75
N ASN B 363 -5.47 -25.56 -10.13
CA ASN B 363 -5.64 -26.49 -11.23
C ASN B 363 -5.13 -25.95 -12.56
N ALA B 364 -5.29 -24.64 -12.78
CA ALA B 364 -4.79 -24.01 -14.00
C ALA B 364 -3.26 -23.96 -13.96
N ILE B 365 -2.70 -23.63 -12.79
CA ILE B 365 -1.25 -23.67 -12.63
C ILE B 365 -0.71 -25.07 -12.96
N GLU B 366 -1.38 -26.09 -12.43
CA GLU B 366 -1.01 -27.49 -12.68
C GLU B 366 -1.07 -27.82 -14.17
N ALA B 367 -2.14 -27.40 -14.84
CA ALA B 367 -2.26 -27.66 -16.29
C ALA B 367 -1.20 -26.91 -17.11
N PHE B 368 -0.90 -25.66 -16.72
CA PHE B 368 -0.02 -24.80 -17.49
C PHE B 368 1.44 -25.05 -17.16
N GLY B 369 1.69 -25.56 -15.96
CA GLY B 369 3.07 -25.75 -15.46
C GLY B 369 3.99 -26.45 -16.46
N PRO B 370 3.60 -27.66 -16.93
CA PRO B 370 4.47 -28.38 -17.88
C PRO B 370 4.68 -27.63 -19.19
N LEU B 371 3.76 -26.72 -19.53
CA LEU B 371 3.81 -25.93 -20.76
C LEU B 371 4.61 -24.64 -20.67
N LEU B 372 4.72 -24.09 -19.47
CA LEU B 372 5.35 -22.77 -19.24
C LEU B 372 6.51 -22.90 -18.27
N PRO B 373 7.65 -23.44 -18.74
CA PRO B 373 8.81 -23.56 -17.86
C PRO B 373 9.33 -22.19 -17.39
N GLU B 374 8.88 -21.13 -18.04
CA GLU B 374 9.23 -19.75 -17.64
C GLU B 374 8.55 -19.30 -16.33
N PHE B 375 7.55 -20.05 -15.84
CA PHE B 375 6.91 -19.71 -14.55
C PHE B 375 7.97 -19.49 -13.45
N LEU B 376 7.91 -18.33 -12.81
CA LEU B 376 8.60 -18.16 -11.54
C LEU B 376 7.58 -17.59 -10.56
N GLY B 377 6.91 -18.52 -9.86
CA GLY B 377 5.76 -18.17 -9.03
C GLY B 377 6.06 -18.13 -7.55
N GLY B 378 5.13 -17.60 -6.77
CA GLY B 378 5.27 -17.65 -5.32
C GLY B 378 4.09 -17.06 -4.60
N SER B 379 4.14 -17.14 -3.26
CA SER B 379 3.11 -16.59 -2.40
C SER B 379 3.79 -15.95 -1.20
N ALA B 380 3.17 -14.91 -0.65
CA ALA B 380 3.69 -14.24 0.54
C ALA B 380 3.28 -15.00 1.81
N ASP B 381 3.95 -16.14 2.02
CA ASP B 381 3.70 -17.05 3.16
C ASP B 381 2.27 -17.59 3.24
N LEU B 382 1.63 -17.78 2.08
CA LEU B 382 0.28 -18.36 2.03
C LEU B 382 0.14 -19.49 1.01
N ALA B 383 1.23 -20.21 0.72
CA ALA B 383 1.17 -21.33 -0.25
C ALA B 383 -0.01 -22.29 -0.04
N PRO B 384 -0.26 -22.75 1.21
CA PRO B 384 -1.35 -23.73 1.40
C PRO B 384 -2.76 -23.14 1.41
N SER B 385 -2.83 -21.80 1.35
CA SER B 385 -4.10 -21.07 1.40
CA SER B 385 -4.11 -21.08 1.39
C SER B 385 -4.45 -20.43 0.05
N ASN B 386 -3.44 -19.82 -0.58
CA ASN B 386 -3.57 -19.25 -1.94
C ASN B 386 -3.57 -20.37 -2.98
N LEU B 387 -2.95 -21.49 -2.64
CA LEU B 387 -2.86 -22.69 -3.49
C LEU B 387 -2.01 -22.44 -4.75
N THR B 388 -0.79 -21.96 -4.47
CA THR B 388 0.15 -21.56 -5.53
C THR B 388 1.15 -22.63 -5.93
N LEU B 389 1.21 -23.74 -5.18
CA LEU B 389 2.08 -24.86 -5.51
C LEU B 389 1.38 -25.82 -6.48
N TRP B 390 2.11 -26.28 -7.50
CA TRP B 390 1.67 -27.41 -8.34
C TRP B 390 2.65 -28.57 -8.18
N SER B 391 2.37 -29.70 -8.82
CA SER B 391 3.19 -30.89 -8.63
C SER B 391 4.65 -30.66 -9.02
N GLY B 392 4.86 -29.74 -9.96
CA GLY B 392 6.20 -29.44 -10.46
C GLY B 392 6.89 -28.26 -9.78
N SER B 393 6.24 -27.69 -8.77
CA SER B 393 6.87 -26.56 -8.06
C SER B 393 8.16 -27.01 -7.37
N LYS B 394 9.22 -26.22 -7.56
CA LYS B 394 10.51 -26.43 -6.88
C LYS B 394 11.00 -25.09 -6.34
N ALA B 395 11.11 -24.99 -5.01
CA ALA B 395 11.47 -23.74 -4.36
C ALA B 395 12.93 -23.38 -4.60
N ILE B 396 13.19 -22.14 -5.00
CA ILE B 396 14.54 -21.75 -5.37
C ILE B 396 15.52 -21.65 -4.19
N ASN B 397 15.00 -21.60 -2.96
CA ASN B 397 15.88 -21.65 -1.78
C ASN B 397 16.45 -23.07 -1.58
N GLU B 398 15.78 -24.05 -2.21
CA GLU B 398 16.18 -25.46 -2.14
C GLU B 398 16.93 -25.91 -3.41
N ASP B 399 16.50 -25.38 -4.55
CA ASP B 399 17.04 -25.78 -5.84
C ASP B 399 17.11 -24.51 -6.69
N ALA B 400 18.33 -24.04 -6.91
CA ALA B 400 18.54 -22.78 -7.64
C ALA B 400 17.90 -22.76 -9.03
N ALA B 401 17.70 -23.94 -9.62
CA ALA B 401 17.09 -24.06 -10.95
C ALA B 401 15.56 -24.17 -10.91
N GLY B 402 15.00 -23.92 -9.73
CA GLY B 402 13.56 -24.03 -9.49
C GLY B 402 12.70 -22.95 -10.14
N ASN B 403 11.44 -22.91 -9.71
CA ASN B 403 10.40 -22.11 -10.37
C ASN B 403 9.42 -21.56 -9.35
N TYR B 404 9.79 -21.63 -8.06
CA TYR B 404 8.91 -21.20 -6.97
C TYR B 404 9.68 -20.39 -5.92
N ILE B 405 9.07 -19.31 -5.44
CA ILE B 405 9.68 -18.48 -4.39
C ILE B 405 8.78 -18.38 -3.16
N HIS B 406 9.31 -18.80 -2.00
CA HIS B 406 8.63 -18.52 -0.73
C HIS B 406 8.99 -17.09 -0.38
N TYR B 407 8.07 -16.17 -0.64
CA TYR B 407 8.37 -14.75 -0.44
C TYR B 407 8.36 -14.29 1.02
N GLY B 408 7.85 -15.13 1.92
CA GLY B 408 7.60 -14.67 3.30
C GLY B 408 6.49 -13.63 3.35
N VAL B 409 6.30 -13.02 4.53
CA VAL B 409 5.18 -12.10 4.72
C VAL B 409 5.62 -10.70 4.24
N ARG B 410 5.71 -10.57 2.91
CA ARG B 410 6.32 -9.39 2.25
C ARG B 410 5.54 -9.07 0.98
N GLU B 411 4.30 -8.62 1.10
CA GLU B 411 3.47 -8.46 -0.11
C GLU B 411 4.03 -7.40 -1.05
N PHE B 412 4.46 -6.28 -0.47
CA PHE B 412 4.95 -5.15 -1.29
C PHE B 412 6.26 -5.54 -1.99
N GLY B 413 7.22 -6.02 -1.20
CA GLY B 413 8.50 -6.50 -1.73
C GLY B 413 8.31 -7.60 -2.77
N MET B 414 7.44 -8.56 -2.48
CA MET B 414 7.15 -9.64 -3.42
C MET B 414 6.73 -9.09 -4.79
N THR B 415 5.80 -8.13 -4.77
CA THR B 415 5.25 -7.62 -6.03
C THR B 415 6.32 -6.81 -6.80
N ALA B 416 7.10 -6.00 -6.09
CA ALA B 416 8.13 -5.21 -6.77
C ALA B 416 9.30 -6.08 -7.22
N ILE B 417 9.61 -7.12 -6.44
CA ILE B 417 10.60 -8.12 -6.88
C ILE B 417 10.10 -8.75 -8.19
N ALA B 418 8.83 -9.13 -8.23
CA ALA B 418 8.23 -9.74 -9.45
C ALA B 418 8.31 -8.79 -10.63
N ASN B 419 8.14 -7.48 -10.39
CA ASN B 419 8.37 -6.49 -11.44
C ASN B 419 9.79 -6.59 -12.00
N GLY B 420 10.78 -6.75 -11.11
CA GLY B 420 12.18 -6.98 -11.51
C GLY B 420 12.32 -8.24 -12.35
N ILE B 421 11.65 -9.31 -11.94
CA ILE B 421 11.69 -10.57 -12.64
C ILE B 421 11.14 -10.42 -14.06
N SER B 422 9.99 -9.75 -14.18
CA SER B 422 9.39 -9.56 -15.52
C SER B 422 10.29 -8.68 -16.40
N LEU B 423 10.87 -7.64 -15.80
CA LEU B 423 11.72 -6.70 -16.53
C LEU B 423 12.99 -7.39 -17.04
N HIS B 424 13.47 -8.38 -16.29
CA HIS B 424 14.73 -9.03 -16.64
C HIS B 424 14.65 -9.79 -17.98
N GLY B 425 13.51 -10.42 -18.20
CA GLY B 425 13.31 -11.33 -19.33
C GLY B 425 13.62 -12.76 -18.90
N GLY B 426 12.97 -13.71 -19.55
CA GLY B 426 13.22 -15.14 -19.32
C GLY B 426 12.19 -15.85 -18.47
N PHE B 427 11.37 -15.05 -17.77
CA PHE B 427 10.40 -15.59 -16.82
C PHE B 427 9.01 -14.98 -16.98
N LEU B 428 8.03 -15.66 -16.38
CA LEU B 428 6.66 -15.20 -16.26
C LEU B 428 6.35 -15.34 -14.77
N PRO B 429 6.42 -14.22 -14.03
CA PRO B 429 6.16 -14.30 -12.60
C PRO B 429 4.69 -14.33 -12.27
N TYR B 430 4.34 -15.13 -11.27
CA TYR B 430 3.07 -14.96 -10.59
C TYR B 430 3.33 -14.80 -9.11
N THR B 431 2.49 -13.98 -8.49
CA THR B 431 2.60 -13.64 -7.08
C THR B 431 1.23 -13.87 -6.45
N SER B 432 1.19 -13.95 -5.13
CA SER B 432 -0.06 -14.26 -4.47
C SER B 432 -0.10 -13.84 -3.01
N THR B 433 -1.29 -13.41 -2.60
CA THR B 433 -1.63 -13.16 -1.21
C THR B 433 -3.16 -13.08 -1.12
N PHE B 434 -3.69 -12.92 0.09
CA PHE B 434 -5.13 -12.62 0.22
C PHE B 434 -5.41 -11.28 -0.44
N LEU B 435 -6.55 -11.16 -1.12
CA LEU B 435 -6.85 -9.94 -1.86
C LEU B 435 -6.71 -8.70 -0.97
N MET B 436 -7.13 -8.76 0.29
CA MET B 436 -7.05 -7.55 1.15
C MET B 436 -5.65 -6.94 1.12
N PHE B 437 -4.64 -7.82 1.15
CA PHE B 437 -3.26 -7.39 1.29
C PHE B 437 -2.60 -6.94 -0.02
N VAL B 438 -3.38 -6.92 -1.12
CA VAL B 438 -3.01 -6.11 -2.29
C VAL B 438 -2.80 -4.65 -1.82
N GLU B 439 -3.48 -4.26 -0.73
CA GLU B 439 -3.33 -2.89 -0.26
C GLU B 439 -1.93 -2.60 0.27
N TYR B 440 -1.26 -3.65 0.78
CA TYR B 440 0.14 -3.52 1.22
C TYR B 440 1.06 -3.33 0.01
N ALA B 441 0.70 -3.94 -1.12
CA ALA B 441 1.54 -3.96 -2.33
C ALA B 441 1.06 -2.96 -3.39
N ARG B 442 0.11 -2.11 -3.01
CA ARG B 442 -0.68 -1.37 -3.99
C ARG B 442 0.14 -0.59 -5.03
N ASN B 443 1.19 0.11 -4.60
CA ASN B 443 1.93 0.92 -5.59
C ASN B 443 2.77 0.06 -6.53
N ALA B 444 3.15 -1.14 -6.09
CA ALA B 444 3.94 -2.04 -6.94
C ALA B 444 3.04 -2.66 -8.01
N VAL B 445 1.77 -2.85 -7.66
CA VAL B 445 0.75 -3.32 -8.61
C VAL B 445 0.58 -2.24 -9.68
N ARG B 446 0.45 -0.99 -9.24
CA ARG B 446 0.33 0.11 -10.17
C ARG B 446 1.56 0.19 -11.09
N MET B 447 2.73 0.03 -10.47
CA MET B 447 3.97 0.11 -11.25
C MET B 447 4.05 -0.97 -12.33
N ALA B 448 3.53 -2.17 -12.05
CA ALA B 448 3.48 -3.23 -13.07
C ALA B 448 2.64 -2.73 -14.24
N ALA B 449 1.50 -2.11 -13.93
CA ALA B 449 0.64 -1.58 -15.00
C ALA B 449 1.32 -0.45 -15.78
N LEU B 450 1.91 0.48 -15.04
CA LEU B 450 2.58 1.61 -15.67
C LEU B 450 3.72 1.15 -16.60
N MET B 451 4.52 0.19 -16.14
CA MET B 451 5.65 -0.34 -16.91
C MET B 451 5.25 -1.39 -17.97
N LYS B 452 3.95 -1.66 -18.08
CA LYS B 452 3.43 -2.59 -19.11
C LYS B 452 4.01 -4.00 -18.97
N GLN B 453 4.07 -4.45 -17.72
CA GLN B 453 4.73 -5.71 -17.40
C GLN B 453 3.74 -6.86 -17.21
N ARG B 454 4.12 -8.01 -17.75
CA ARG B 454 3.34 -9.23 -17.60
C ARG B 454 3.64 -9.88 -16.24
N GLN B 455 2.64 -9.93 -15.38
CA GLN B 455 2.71 -10.61 -14.09
C GLN B 455 1.30 -11.04 -13.75
N VAL B 456 1.12 -12.29 -13.32
CA VAL B 456 -0.19 -12.76 -12.88
C VAL B 456 -0.26 -12.65 -11.37
N MET B 457 -1.25 -11.89 -10.89
CA MET B 457 -1.42 -11.61 -9.46
C MET B 457 -2.61 -12.40 -8.95
N VAL B 458 -2.32 -13.39 -8.11
CA VAL B 458 -3.29 -14.39 -7.67
C VAL B 458 -3.83 -13.97 -6.30
N TYR B 459 -5.01 -13.36 -6.29
CA TYR B 459 -5.55 -12.78 -5.05
C TYR B 459 -6.77 -13.57 -4.57
N THR B 460 -6.57 -14.38 -3.55
CA THR B 460 -7.64 -15.23 -3.07
C THR B 460 -8.39 -14.61 -1.88
N HIS B 461 -9.44 -15.27 -1.41
CA HIS B 461 -10.21 -14.83 -0.24
C HIS B 461 -10.82 -13.45 -0.54
N ASP B 462 -11.65 -13.42 -1.58
CA ASP B 462 -11.98 -12.19 -2.29
C ASP B 462 -13.15 -11.37 -1.72
N SER B 463 -13.84 -11.90 -0.70
CA SER B 463 -15.03 -11.22 -0.17
C SER B 463 -15.41 -11.67 1.22
N ILE B 464 -16.57 -11.19 1.68
CA ILE B 464 -17.20 -11.73 2.89
C ILE B 464 -17.34 -13.28 2.86
N GLY B 465 -17.24 -13.85 1.66
CA GLY B 465 -17.30 -15.32 1.51
C GLY B 465 -16.19 -16.07 2.25
N LEU B 466 -15.13 -15.35 2.65
CA LEU B 466 -14.06 -15.99 3.42
C LEU B 466 -14.48 -16.26 4.87
N GLY B 467 -15.52 -15.54 5.34
CA GLY B 467 -16.12 -15.84 6.64
C GLY B 467 -15.43 -15.27 7.87
N GLU B 468 -15.03 -16.16 8.78
CA GLU B 468 -14.78 -15.80 10.17
C GLU B 468 -13.59 -14.87 10.43
N ASP B 469 -12.62 -14.79 9.52
CA ASP B 469 -11.49 -13.88 9.76
C ASP B 469 -11.94 -12.40 9.88
N GLY B 470 -13.08 -12.07 9.29
CA GLY B 470 -13.72 -10.79 9.58
C GLY B 470 -13.23 -9.59 8.78
N PRO B 471 -13.65 -8.37 9.23
CA PRO B 471 -13.57 -7.17 8.40
C PRO B 471 -12.15 -6.69 8.03
N THR B 472 -11.14 -7.06 8.82
CA THR B 472 -9.76 -6.68 8.46
C THR B 472 -9.23 -7.47 7.26
N HIS B 473 -9.88 -8.60 6.97
CA HIS B 473 -9.49 -9.51 5.90
C HIS B 473 -10.46 -9.52 4.71
N GLN B 474 -11.73 -9.21 4.94
CA GLN B 474 -12.76 -9.32 3.91
C GLN B 474 -12.73 -8.12 2.95
N PRO B 475 -12.28 -8.36 1.70
CA PRO B 475 -12.27 -7.26 0.75
C PRO B 475 -13.69 -6.75 0.49
N VAL B 476 -13.79 -5.45 0.26
CA VAL B 476 -15.03 -4.82 -0.18
C VAL B 476 -14.74 -3.90 -1.38
N GLU B 477 -13.79 -2.98 -1.17
CA GLU B 477 -13.51 -1.93 -2.15
C GLU B 477 -12.25 -2.16 -3.02
N GLN B 478 -11.53 -3.26 -2.78
CA GLN B 478 -10.23 -3.49 -3.42
C GLN B 478 -10.36 -3.80 -4.92
N VAL B 479 -11.37 -4.60 -5.28
CA VAL B 479 -11.57 -4.93 -6.70
C VAL B 479 -11.86 -3.67 -7.52
N ALA B 480 -12.75 -2.81 -7.01
CA ALA B 480 -13.10 -1.55 -7.67
C ALA B 480 -11.85 -0.71 -7.93
N SER B 481 -10.93 -0.69 -6.97
CA SER B 481 -9.70 0.09 -7.14
C SER B 481 -8.83 -0.50 -8.26
N LEU B 482 -8.77 -1.82 -8.35
CA LEU B 482 -8.03 -2.46 -9.43
C LEU B 482 -8.67 -2.19 -10.80
N ARG B 483 -10.01 -2.19 -10.82
CA ARG B 483 -10.73 -2.04 -12.09
C ARG B 483 -10.50 -0.68 -12.72
N VAL B 484 -10.23 0.33 -11.89
CA VAL B 484 -10.07 1.71 -12.41
C VAL B 484 -8.59 2.08 -12.57
N THR B 485 -7.72 1.11 -12.38
CA THR B 485 -6.29 1.30 -12.61
C THR B 485 -5.96 1.20 -14.11
N PRO B 486 -5.39 2.28 -14.70
CA PRO B 486 -5.05 2.19 -16.13
C PRO B 486 -4.12 1.01 -16.44
N ASN B 487 -4.43 0.33 -17.54
CA ASN B 487 -3.68 -0.83 -18.02
C ASN B 487 -3.67 -2.07 -17.09
N MET B 488 -4.53 -2.08 -16.08
CA MET B 488 -4.72 -3.27 -15.24
C MET B 488 -5.78 -4.17 -15.88
N SER B 489 -5.56 -5.47 -15.83
CA SER B 489 -6.64 -6.42 -16.15
C SER B 489 -7.05 -7.13 -14.88
N THR B 490 -8.36 -7.20 -14.65
CA THR B 490 -8.90 -7.76 -13.39
C THR B 490 -10.00 -8.76 -13.74
N TRP B 491 -9.84 -9.99 -13.27
CA TRP B 491 -10.79 -11.09 -13.55
C TRP B 491 -11.35 -11.63 -12.25
N ARG B 492 -12.68 -11.75 -12.16
CA ARG B 492 -13.32 -12.34 -10.98
C ARG B 492 -14.17 -13.52 -11.49
N PRO B 493 -13.52 -14.68 -11.73
CA PRO B 493 -14.20 -15.81 -12.37
C PRO B 493 -15.32 -16.39 -11.49
N CYS B 494 -16.39 -16.88 -12.10
CA CYS B 494 -17.53 -17.41 -11.34
C CYS B 494 -17.48 -18.92 -11.10
N ASP B 495 -16.53 -19.59 -11.75
CA ASP B 495 -16.40 -21.04 -11.59
C ASP B 495 -15.04 -21.49 -12.14
N GLN B 496 -14.81 -22.79 -12.18
CA GLN B 496 -13.49 -23.28 -12.60
C GLN B 496 -13.15 -23.00 -14.06
N VAL B 497 -14.19 -22.85 -14.88
CA VAL B 497 -14.02 -22.62 -16.32
C VAL B 497 -13.60 -21.18 -16.54
N GLU B 498 -14.36 -20.24 -15.97
CA GLU B 498 -13.92 -18.83 -16.05
C GLU B 498 -12.52 -18.66 -15.43
N SER B 499 -12.20 -19.45 -14.40
CA SER B 499 -10.89 -19.33 -13.74
C SER B 499 -9.75 -19.69 -14.70
N ALA B 500 -9.92 -20.77 -15.46
CA ALA B 500 -8.94 -21.19 -16.46
C ALA B 500 -8.80 -20.17 -17.59
N VAL B 501 -9.93 -19.62 -18.04
CA VAL B 501 -9.90 -18.59 -19.10
C VAL B 501 -9.13 -17.36 -18.64
N ALA B 502 -9.37 -16.97 -17.38
CA ALA B 502 -8.72 -15.80 -16.79
C ALA B 502 -7.21 -16.03 -16.68
N TRP B 503 -6.83 -17.21 -16.21
CA TRP B 503 -5.40 -17.59 -16.14
C TRP B 503 -4.77 -17.54 -17.52
N LYS B 504 -5.46 -18.07 -18.52
CA LYS B 504 -4.94 -18.03 -19.89
C LYS B 504 -4.75 -16.59 -20.37
N TYR B 505 -5.75 -15.73 -20.12
CA TYR B 505 -5.68 -14.33 -20.49
C TYR B 505 -4.46 -13.70 -19.83
N GLY B 506 -4.26 -14.04 -18.55
CA GLY B 506 -3.16 -13.48 -17.76
C GLY B 506 -1.80 -13.82 -18.34
N VAL B 507 -1.57 -15.09 -18.65
CA VAL B 507 -0.26 -15.52 -19.15
C VAL B 507 -0.01 -15.03 -20.59
N GLU B 508 -1.10 -14.81 -21.34
CA GLU B 508 -0.98 -14.35 -22.73
C GLU B 508 -0.89 -12.83 -22.89
N ARG B 509 -1.13 -12.09 -21.80
CA ARG B 509 -0.95 -10.64 -21.84
C ARG B 509 0.52 -10.34 -22.16
N GLN B 510 0.75 -9.41 -23.06
CA GLN B 510 2.12 -9.06 -23.45
C GLN B 510 2.51 -7.70 -22.86
N ASP B 511 1.51 -6.93 -22.46
CA ASP B 511 1.75 -5.51 -22.19
C ASP B 511 1.17 -5.00 -20.89
N GLY B 512 0.87 -5.92 -19.97
CA GLY B 512 0.35 -5.51 -18.67
C GLY B 512 0.05 -6.70 -17.77
N PRO B 513 -0.19 -6.41 -16.47
CA PRO B 513 -0.47 -7.43 -15.45
C PRO B 513 -1.94 -7.82 -15.41
N THR B 514 -2.20 -8.94 -14.74
CA THR B 514 -3.56 -9.47 -14.64
C THR B 514 -3.80 -9.94 -13.22
N ALA B 515 -4.78 -9.33 -12.56
CA ALA B 515 -5.18 -9.73 -11.20
C ALA B 515 -6.34 -10.70 -11.28
N LEU B 516 -6.20 -11.81 -10.56
CA LEU B 516 -7.22 -12.86 -10.47
C LEU B 516 -7.85 -12.74 -9.11
N ILE B 517 -9.16 -12.59 -9.11
CA ILE B 517 -9.94 -12.35 -7.89
C ILE B 517 -10.65 -13.65 -7.58
N LEU B 518 -10.16 -14.34 -6.55
CA LEU B 518 -10.49 -15.75 -6.30
C LEU B 518 -11.12 -16.03 -4.94
N SER B 519 -12.04 -17.00 -4.90
CA SER B 519 -12.82 -17.28 -3.71
C SER B 519 -12.13 -18.31 -2.80
N ARG B 520 -12.42 -18.20 -1.49
CA ARG B 520 -12.10 -19.26 -0.54
C ARG B 520 -13.12 -20.40 -0.65
N GLN B 521 -14.39 -20.03 -0.86
CA GLN B 521 -15.51 -20.97 -0.82
C GLN B 521 -15.86 -21.56 -2.18
N ASN B 522 -16.52 -22.72 -2.17
CA ASN B 522 -16.86 -23.42 -3.41
C ASN B 522 -17.83 -22.65 -4.30
N LEU B 523 -17.55 -22.65 -5.61
CA LEU B 523 -18.39 -21.99 -6.59
C LEU B 523 -19.01 -23.01 -7.56
N ALA B 524 -20.33 -22.92 -7.75
CA ALA B 524 -21.04 -23.78 -8.70
C ALA B 524 -20.57 -23.52 -10.12
N GLN B 525 -20.48 -24.59 -10.92
CA GLN B 525 -20.17 -24.43 -12.35
C GLN B 525 -21.43 -24.11 -13.15
N GLN B 526 -21.30 -23.17 -14.07
CA GLN B 526 -22.38 -22.79 -14.98
C GLN B 526 -22.32 -23.59 -16.28
N GLU B 527 -23.50 -23.94 -16.80
CA GLU B 527 -23.57 -24.56 -18.12
CA GLU B 527 -23.63 -24.55 -18.12
C GLU B 527 -23.34 -23.51 -19.18
N ARG B 528 -22.64 -23.90 -20.24
CA ARG B 528 -22.35 -22.97 -21.33
C ARG B 528 -22.44 -23.66 -22.68
N THR B 529 -23.01 -22.94 -23.64
CA THR B 529 -22.90 -23.33 -25.04
C THR B 529 -21.46 -23.08 -25.54
N GLU B 530 -21.15 -23.59 -26.73
CA GLU B 530 -19.85 -23.32 -27.35
C GLU B 530 -19.58 -21.82 -27.48
N GLU B 531 -20.60 -21.06 -27.88
CA GLU B 531 -20.48 -19.62 -28.09
C GLU B 531 -20.19 -18.92 -26.75
N GLN B 532 -20.94 -19.32 -25.72
CA GLN B 532 -20.75 -18.75 -24.38
C GLN B 532 -19.34 -19.07 -23.85
N LEU B 533 -18.94 -20.33 -23.99
CA LEU B 533 -17.60 -20.75 -23.60
C LEU B 533 -16.51 -19.89 -24.26
N ALA B 534 -16.63 -19.66 -25.57
CA ALA B 534 -15.65 -18.85 -26.29
C ALA B 534 -15.70 -17.40 -25.83
N ASN B 535 -16.90 -16.93 -25.46
CA ASN B 535 -17.06 -15.53 -25.09
C ASN B 535 -16.61 -15.16 -23.66
N ILE B 536 -16.27 -16.16 -22.84
CA ILE B 536 -15.72 -15.84 -21.52
C ILE B 536 -14.52 -14.90 -21.68
N ALA B 537 -13.67 -15.18 -22.66
CA ALA B 537 -12.46 -14.37 -22.90
C ALA B 537 -12.78 -12.92 -23.30
N ARG B 538 -14.03 -12.64 -23.67
CA ARG B 538 -14.46 -11.29 -24.00
C ARG B 538 -14.86 -10.48 -22.75
N GLY B 539 -14.74 -11.10 -21.58
CA GLY B 539 -14.84 -10.36 -20.31
C GLY B 539 -16.25 -10.22 -19.76
N GLY B 540 -17.23 -10.13 -20.65
CA GLY B 540 -18.64 -10.10 -20.25
C GLY B 540 -19.44 -10.78 -21.34
N TYR B 541 -20.40 -11.60 -20.94
CA TYR B 541 -21.18 -12.34 -21.94
C TYR B 541 -22.55 -12.70 -21.39
N VAL B 542 -23.48 -12.98 -22.31
CA VAL B 542 -24.82 -13.40 -21.93
C VAL B 542 -24.78 -14.85 -21.48
N LEU B 543 -25.08 -15.07 -20.20
CA LEU B 543 -25.08 -16.40 -19.61
C LEU B 543 -26.46 -17.07 -19.63
N LYS B 544 -27.49 -16.30 -19.27
CA LYS B 544 -28.89 -16.74 -19.32
C LYS B 544 -29.66 -15.65 -20.05
N ASP B 545 -30.62 -16.06 -20.87
CA ASP B 545 -31.29 -15.08 -21.72
C ASP B 545 -32.79 -15.30 -21.80
N CYS B 546 -33.45 -14.39 -22.52
CA CYS B 546 -34.87 -14.50 -22.85
C CYS B 546 -35.02 -14.33 -24.36
N ALA B 547 -36.22 -14.63 -24.86
CA ALA B 547 -36.56 -14.28 -26.24
C ALA B 547 -36.88 -12.79 -26.37
N GLY B 548 -36.32 -12.14 -27.38
CA GLY B 548 -36.55 -10.72 -27.62
C GLY B 548 -35.77 -9.83 -26.65
N GLN B 549 -36.09 -8.54 -26.68
CA GLN B 549 -35.41 -7.53 -25.85
C GLN B 549 -35.66 -7.81 -24.36
N PRO B 550 -34.60 -7.91 -23.55
CA PRO B 550 -34.85 -8.11 -22.13
C PRO B 550 -35.58 -6.94 -21.45
N GLU B 551 -36.37 -7.26 -20.43
CA GLU B 551 -37.00 -6.25 -19.60
CA GLU B 551 -37.03 -6.29 -19.56
C GLU B 551 -36.11 -5.97 -18.40
N LEU B 552 -35.20 -6.91 -18.10
CA LEU B 552 -34.39 -6.87 -16.89
C LEU B 552 -33.09 -7.62 -17.14
N ILE B 553 -31.98 -6.99 -16.77
CA ILE B 553 -30.67 -7.64 -16.91
C ILE B 553 -29.93 -7.64 -15.59
N PHE B 554 -29.55 -8.82 -15.13
CA PHE B 554 -28.64 -8.96 -14.00
C PHE B 554 -27.22 -8.97 -14.53
N ILE B 555 -26.35 -8.25 -13.85
CA ILE B 555 -24.93 -8.25 -14.17
C ILE B 555 -24.25 -8.73 -12.91
N ALA B 556 -23.57 -9.88 -13.00
CA ALA B 556 -22.97 -10.49 -11.83
C ALA B 556 -21.55 -10.98 -12.11
N THR B 557 -20.77 -11.12 -11.04
CA THR B 557 -19.38 -11.56 -11.16
C THR B 557 -19.11 -12.64 -10.10
N GLY B 558 -18.08 -13.44 -10.35
CA GLY B 558 -17.54 -14.31 -9.31
C GLY B 558 -18.59 -15.14 -8.59
N SER B 559 -18.43 -15.22 -7.27
CA SER B 559 -19.32 -16.01 -6.42
C SER B 559 -20.81 -15.62 -6.49
N GLU B 560 -21.11 -14.42 -7.02
CA GLU B 560 -22.51 -13.96 -7.05
C GLU B 560 -23.29 -14.32 -8.33
N VAL B 561 -22.61 -14.96 -9.29
CA VAL B 561 -23.32 -15.36 -10.51
C VAL B 561 -24.43 -16.39 -10.18
N GLU B 562 -24.13 -17.33 -9.28
CA GLU B 562 -25.13 -18.36 -8.93
C GLU B 562 -26.39 -17.69 -8.37
N LEU B 563 -26.19 -16.72 -7.48
CA LEU B 563 -27.29 -15.97 -6.88
C LEU B 563 -28.12 -15.26 -7.96
N ALA B 564 -27.43 -14.57 -8.87
CA ALA B 564 -28.10 -13.86 -9.96
C ALA B 564 -28.91 -14.83 -10.82
N VAL B 565 -28.34 -16.00 -11.10
CA VAL B 565 -29.04 -17.03 -11.87
C VAL B 565 -30.30 -17.47 -11.12
N ALA B 566 -30.20 -17.66 -9.79
CA ALA B 566 -31.38 -18.08 -9.02
C ALA B 566 -32.49 -17.04 -9.11
N ALA B 567 -32.11 -15.76 -8.99
CA ALA B 567 -33.10 -14.66 -9.16
C ALA B 567 -33.70 -14.68 -10.56
N TYR B 568 -32.86 -14.87 -11.56
CA TYR B 568 -33.32 -14.99 -12.95
C TYR B 568 -34.37 -16.11 -13.11
N GLU B 569 -34.12 -17.27 -12.49
CA GLU B 569 -35.07 -18.39 -12.64
C GLU B 569 -36.44 -18.02 -12.03
N LYS B 570 -36.39 -17.36 -10.89
CA LYS B 570 -37.63 -16.96 -10.19
C LYS B 570 -38.43 -15.98 -11.02
N LEU B 571 -37.73 -14.99 -11.58
CA LEU B 571 -38.42 -13.95 -12.35
C LEU B 571 -38.87 -14.48 -13.70
N THR B 572 -38.03 -15.31 -14.33
CA THR B 572 -38.40 -15.96 -15.58
C THR B 572 -39.70 -16.78 -15.42
N ALA B 573 -39.81 -17.50 -14.30
CA ALA B 573 -41.02 -18.32 -14.02
C ALA B 573 -42.29 -17.48 -13.87
N GLU B 574 -42.13 -16.24 -13.41
CA GLU B 574 -43.23 -15.27 -13.32
C GLU B 574 -43.57 -14.67 -14.67
N GLY B 575 -42.68 -14.86 -15.66
CA GLY B 575 -42.90 -14.31 -17.00
C GLY B 575 -42.16 -13.01 -17.30
N VAL B 576 -41.15 -12.68 -16.49
CA VAL B 576 -40.29 -11.54 -16.80
C VAL B 576 -39.31 -11.96 -17.90
N LYS B 577 -39.05 -11.07 -18.86
CA LYS B 577 -38.03 -11.30 -19.86
C LYS B 577 -36.69 -10.87 -19.25
N ALA B 578 -36.07 -11.82 -18.56
CA ALA B 578 -34.84 -11.54 -17.79
C ALA B 578 -33.62 -12.13 -18.49
N ARG B 579 -32.47 -11.52 -18.21
CA ARG B 579 -31.18 -11.97 -18.71
C ARG B 579 -30.17 -11.93 -17.56
N VAL B 580 -29.20 -12.84 -17.59
CA VAL B 580 -28.03 -12.77 -16.73
C VAL B 580 -26.79 -12.61 -17.58
N VAL B 581 -26.02 -11.56 -17.28
CA VAL B 581 -24.71 -11.32 -17.88
C VAL B 581 -23.66 -11.68 -16.83
N SER B 582 -22.73 -12.58 -17.18
CA SER B 582 -21.56 -12.82 -16.32
C SER B 582 -20.48 -11.85 -16.79
N MET B 583 -19.90 -11.10 -15.85
CA MET B 583 -18.90 -10.09 -16.18
C MET B 583 -17.56 -10.38 -15.46
N PRO B 584 -16.89 -11.48 -15.83
CA PRO B 584 -15.63 -11.81 -15.16
C PRO B 584 -14.56 -10.71 -15.30
N SER B 585 -14.53 -10.00 -16.44
CA SER B 585 -13.55 -8.90 -16.58
C SER B 585 -14.14 -7.67 -17.28
N THR B 586 -14.28 -6.59 -16.51
CA THR B 586 -14.78 -5.34 -17.03
C THR B 586 -13.81 -4.76 -18.08
N ASP B 587 -12.52 -4.88 -17.84
CA ASP B 587 -11.55 -4.31 -18.78
C ASP B 587 -11.61 -5.03 -20.13
N ALA B 588 -11.69 -6.36 -20.11
CA ALA B 588 -11.76 -7.13 -21.36
C ALA B 588 -13.10 -6.87 -22.08
N PHE B 589 -14.17 -6.72 -21.32
CA PHE B 589 -15.46 -6.34 -21.89
C PHE B 589 -15.39 -4.98 -22.55
N ASP B 590 -14.84 -4.01 -21.82
CA ASP B 590 -14.77 -2.62 -22.34
C ASP B 590 -14.03 -2.51 -23.66
N LYS B 591 -13.05 -3.41 -23.85
CA LYS B 591 -12.20 -3.40 -25.04
C LYS B 591 -12.89 -4.05 -26.26
N GLN B 592 -14.04 -4.66 -26.03
CA GLN B 592 -14.77 -5.30 -27.13
C GLN B 592 -15.36 -4.24 -28.08
N ASP B 593 -15.64 -4.67 -29.31
CA ASP B 593 -16.31 -3.77 -30.25
C ASP B 593 -17.73 -3.41 -29.75
N ALA B 594 -18.24 -2.28 -30.24
CA ALA B 594 -19.51 -1.77 -29.73
C ALA B 594 -20.71 -2.67 -30.04
N ALA B 595 -20.64 -3.41 -31.15
CA ALA B 595 -21.72 -4.35 -31.50
C ALA B 595 -21.81 -5.47 -30.45
N TYR B 596 -20.65 -6.00 -30.09
CA TYR B 596 -20.61 -7.02 -29.04
C TYR B 596 -21.14 -6.48 -27.72
N ARG B 597 -20.65 -5.30 -27.32
CA ARG B 597 -21.11 -4.73 -26.06
C ARG B 597 -22.62 -4.48 -26.05
N GLU B 598 -23.13 -4.02 -27.18
CA GLU B 598 -24.57 -3.81 -27.34
C GLU B 598 -25.38 -5.12 -27.28
N SER B 599 -24.81 -6.20 -27.80
CA SER B 599 -25.47 -7.51 -27.73
C SER B 599 -25.61 -8.02 -26.28
N VAL B 600 -24.68 -7.61 -25.41
CA VAL B 600 -24.67 -8.07 -24.02
C VAL B 600 -25.47 -7.12 -23.11
N LEU B 601 -25.20 -5.82 -23.23
CA LEU B 601 -25.89 -4.79 -22.46
C LEU B 601 -26.55 -3.77 -23.42
N PRO B 602 -27.69 -4.14 -24.02
CA PRO B 602 -28.37 -3.24 -24.95
C PRO B 602 -28.64 -1.87 -24.33
N LYS B 603 -28.31 -0.81 -25.06
CA LYS B 603 -28.43 0.57 -24.56
C LYS B 603 -29.85 0.95 -24.16
N ALA B 604 -30.84 0.37 -24.83
CA ALA B 604 -32.26 0.67 -24.54
C ALA B 604 -32.76 0.03 -23.25
N VAL B 605 -32.03 -0.95 -22.72
CA VAL B 605 -32.47 -1.65 -21.52
C VAL B 605 -31.78 -1.01 -20.31
N THR B 606 -32.53 -0.20 -19.58
CA THR B 606 -32.02 0.55 -18.43
C THR B 606 -32.25 -0.17 -17.09
N ALA B 607 -33.15 -1.15 -17.11
CA ALA B 607 -33.43 -1.90 -15.89
C ALA B 607 -32.34 -2.98 -15.66
N ARG B 608 -31.24 -2.53 -15.05
CA ARG B 608 -30.05 -3.36 -14.83
C ARG B 608 -29.76 -3.46 -13.35
N VAL B 609 -29.53 -4.70 -12.88
CA VAL B 609 -29.22 -4.99 -11.49
C VAL B 609 -27.85 -5.64 -11.39
N ALA B 610 -26.90 -4.93 -10.80
CA ALA B 610 -25.58 -5.50 -10.56
C ALA B 610 -25.60 -6.29 -9.26
N VAL B 611 -24.88 -7.42 -9.21
CA VAL B 611 -24.81 -8.27 -8.01
C VAL B 611 -23.36 -8.70 -7.80
N GLU B 612 -22.77 -8.21 -6.71
CA GLU B 612 -21.37 -8.49 -6.41
C GLU B 612 -21.11 -8.19 -4.94
N ALA B 613 -20.48 -9.11 -4.23
CA ALA B 613 -20.10 -8.86 -2.85
C ALA B 613 -18.85 -7.97 -2.79
N GLY B 614 -19.02 -6.74 -3.27
CA GLY B 614 -17.98 -5.71 -3.23
C GLY B 614 -18.66 -4.36 -3.27
N ILE B 615 -17.86 -3.28 -3.20
CA ILE B 615 -18.42 -1.94 -3.01
C ILE B 615 -19.42 -1.59 -4.14
N ALA B 616 -20.60 -1.10 -3.75
CA ALA B 616 -21.68 -0.82 -4.69
C ALA B 616 -21.32 0.26 -5.70
N ASP B 617 -20.63 1.31 -5.25
CA ASP B 617 -20.40 2.49 -6.08
C ASP B 617 -19.77 2.22 -7.45
N TYR B 618 -19.00 1.14 -7.54
CA TYR B 618 -18.32 0.81 -8.78
C TYR B 618 -19.35 0.65 -9.91
N TRP B 619 -20.48 0.03 -9.57
CA TRP B 619 -21.38 -0.52 -10.57
C TRP B 619 -22.24 0.48 -11.34
N TYR B 620 -22.26 1.73 -10.88
CA TYR B 620 -22.95 2.79 -11.65
C TYR B 620 -22.41 2.90 -13.07
N LYS B 621 -21.16 2.47 -13.29
CA LYS B 621 -20.58 2.45 -14.63
C LYS B 621 -21.44 1.63 -15.60
N TYR B 622 -22.00 0.52 -15.12
CA TYR B 622 -22.84 -0.33 -15.99
C TYR B 622 -24.35 -0.23 -15.74
N VAL B 623 -24.77 0.21 -14.56
CA VAL B 623 -26.22 0.29 -14.27
C VAL B 623 -26.80 1.69 -14.40
N GLY B 624 -25.93 2.71 -14.42
CA GLY B 624 -26.36 4.10 -14.55
C GLY B 624 -27.22 4.54 -13.37
N LEU B 625 -28.10 5.51 -13.63
CA LEU B 625 -28.90 6.12 -12.57
C LEU B 625 -30.26 5.48 -12.39
N ASN B 626 -30.62 4.55 -13.29
CA ASN B 626 -31.95 3.97 -13.26
C ASN B 626 -31.92 2.45 -13.09
N GLY B 627 -30.85 1.98 -12.44
CA GLY B 627 -30.71 0.57 -12.13
C GLY B 627 -30.70 0.30 -10.62
N ALA B 628 -30.17 -0.85 -10.26
CA ALA B 628 -30.06 -1.23 -8.85
C ALA B 628 -28.74 -1.95 -8.67
N ILE B 629 -28.25 -1.94 -7.43
CA ILE B 629 -26.99 -2.59 -7.12
C ILE B 629 -27.15 -3.35 -5.82
N VAL B 630 -26.97 -4.66 -5.89
CA VAL B 630 -26.94 -5.50 -4.70
C VAL B 630 -25.45 -5.72 -4.41
N GLY B 631 -24.91 -4.85 -3.57
CA GLY B 631 -23.47 -4.92 -3.25
C GLY B 631 -23.23 -4.70 -1.77
N MET B 632 -21.98 -4.37 -1.45
CA MET B 632 -21.60 -3.97 -0.10
C MET B 632 -21.49 -2.44 0.01
N THR B 633 -21.89 -1.89 1.15
CA THR B 633 -21.72 -0.45 1.39
C THR B 633 -20.99 -0.19 2.71
N THR B 634 -20.53 -1.27 3.33
CA THR B 634 -19.91 -1.23 4.65
C THR B 634 -18.74 -2.21 4.70
N PHE B 635 -17.96 -2.12 5.79
CA PHE B 635 -17.02 -3.19 6.12
C PHE B 635 -17.79 -4.48 6.45
N GLY B 636 -17.07 -5.60 6.43
CA GLY B 636 -17.65 -6.91 6.74
C GLY B 636 -17.84 -7.12 8.25
N GLU B 637 -18.04 -8.38 8.63
CA GLU B 637 -18.22 -8.80 10.02
C GLU B 637 -17.61 -10.18 10.19
N SER B 638 -17.17 -10.50 11.40
CA SER B 638 -16.66 -11.82 11.72
C SER B 638 -17.81 -12.81 12.00
N ALA B 639 -18.04 -13.70 11.05
CA ALA B 639 -19.04 -14.78 11.17
C ALA B 639 -18.87 -15.76 10.02
N PRO B 640 -19.52 -16.95 10.10
CA PRO B 640 -19.50 -17.88 8.97
C PRO B 640 -20.04 -17.24 7.68
N ALA B 641 -19.43 -17.61 6.55
CA ALA B 641 -19.79 -17.05 5.23
C ALA B 641 -21.29 -17.04 4.95
N GLU B 642 -21.94 -18.20 5.14
CA GLU B 642 -23.38 -18.33 4.83
C GLU B 642 -24.20 -17.25 5.54
N LEU B 643 -23.88 -17.00 6.81
CA LEU B 643 -24.63 -16.03 7.59
C LEU B 643 -24.31 -14.60 7.16
N LEU B 644 -23.05 -14.37 6.78
CA LEU B 644 -22.67 -13.05 6.23
C LEU B 644 -23.42 -12.72 4.94
N PHE B 645 -23.47 -13.67 3.99
CA PHE B 645 -24.18 -13.40 2.75
C PHE B 645 -25.66 -13.05 3.04
N GLU B 646 -26.27 -13.80 3.94
CA GLU B 646 -27.64 -13.49 4.38
C GLU B 646 -27.74 -12.09 5.02
N GLU B 647 -26.86 -11.80 5.99
CA GLU B 647 -26.86 -10.53 6.70
C GLU B 647 -26.74 -9.34 5.76
N PHE B 648 -25.87 -9.46 4.75
CA PHE B 648 -25.60 -8.36 3.84
C PHE B 648 -26.50 -8.31 2.60
N GLY B 649 -27.50 -9.19 2.54
CA GLY B 649 -28.52 -9.08 1.49
C GLY B 649 -28.24 -9.84 0.21
N PHE B 650 -27.25 -10.74 0.26
CA PHE B 650 -26.99 -11.62 -0.87
C PHE B 650 -27.88 -12.85 -0.79
N THR B 651 -29.17 -12.59 -0.96
CA THR B 651 -30.21 -13.62 -0.92
C THR B 651 -31.07 -13.52 -2.17
N VAL B 652 -31.66 -14.64 -2.56
CA VAL B 652 -32.57 -14.65 -3.70
C VAL B 652 -33.72 -13.65 -3.47
N ASP B 653 -34.32 -13.66 -2.28
CA ASP B 653 -35.43 -12.74 -1.98
C ASP B 653 -35.02 -11.27 -2.16
N ASN B 654 -33.85 -10.90 -1.66
CA ASN B 654 -33.46 -9.50 -1.75
C ASN B 654 -33.14 -9.08 -3.19
N VAL B 655 -32.43 -9.96 -3.92
CA VAL B 655 -32.13 -9.68 -5.32
C VAL B 655 -33.41 -9.55 -6.16
N VAL B 656 -34.32 -10.48 -5.96
CA VAL B 656 -35.63 -10.44 -6.62
C VAL B 656 -36.39 -9.15 -6.27
N ALA B 657 -36.44 -8.81 -4.98
CA ALA B 657 -37.11 -7.58 -4.52
C ALA B 657 -36.52 -6.31 -5.15
N LYS B 658 -35.20 -6.24 -5.24
CA LYS B 658 -34.54 -5.07 -5.84
C LYS B 658 -34.86 -4.96 -7.32
N ALA B 659 -34.92 -6.11 -8.00
CA ALA B 659 -35.28 -6.18 -9.41
C ALA B 659 -36.74 -5.75 -9.63
N LYS B 660 -37.64 -6.26 -8.80
CA LYS B 660 -39.05 -5.90 -8.89
C LYS B 660 -39.27 -4.39 -8.67
N GLU B 661 -38.49 -3.81 -7.77
CA GLU B 661 -38.49 -2.35 -7.58
C GLU B 661 -38.25 -1.58 -8.88
N LEU B 662 -37.33 -2.06 -9.71
CA LEU B 662 -37.04 -1.41 -11.00
C LEU B 662 -38.14 -1.53 -12.02
N LEU B 663 -38.84 -2.66 -12.03
CA LEU B 663 -39.76 -2.95 -13.13
C LEU B 663 -41.06 -2.12 -13.13
N HIS B 664 -41.28 -1.32 -12.08
CA HIS B 664 -42.45 -0.44 -12.01
C HIS B 664 -42.38 0.73 -13.00
C1 R5P C . 9.80 14.61 -4.25
O1 R5P C . 9.57 13.46 -5.09
C2 R5P C . 10.71 15.58 -4.99
O2 R5P C . 11.90 15.84 -4.25
C3 R5P C . 9.95 16.87 -5.36
O3 R5P C . 9.68 16.66 -6.74
C4 R5P C . 10.74 18.19 -5.22
O4 R5P C . 11.28 18.37 -3.91
C5 R5P C . 9.89 19.42 -5.61
O5 R5P C . 8.93 19.76 -4.60
P R5P C . 7.66 20.72 -4.90
O1P R5P C . 6.63 20.00 -5.70
O2P R5P C . 7.16 21.27 -3.47
O3P R5P C . 8.21 22.00 -5.73
CA CA D . 5.78 -17.63 13.85
N1' TPP E . -0.45 -10.58 5.35
C2' TPP E . -0.86 -9.64 6.20
CM2 TPP E . -0.44 -8.17 6.04
N3' TPP E . -1.65 -9.97 7.24
C4' TPP E . -2.05 -11.26 7.41
N4' TPP E . -2.85 -11.54 8.44
C5' TPP E . -1.64 -12.27 6.53
C6' TPP E . -0.80 -11.88 5.46
C7' TPP E . -2.01 -13.79 6.69
N3 TPP E . -1.21 -14.34 7.83
C2 TPP E . -1.67 -14.39 9.12
S1 TPP E . -0.44 -15.02 10.19
C5 TPP E . 0.69 -15.22 8.87
C4 TPP E . 0.06 -14.77 7.70
CM4 TPP E . 0.81 -14.81 6.36
C6 TPP E . 2.11 -15.77 8.96
C7 TPP E . 2.49 -16.37 10.29
O7 TPP E . 2.96 -15.31 11.08
PA TPP E . 3.31 -15.55 12.57
O1A TPP E . 4.83 -16.11 12.64
O2A TPP E . 3.12 -14.28 13.35
O3A TPP E . 2.25 -16.68 13.04
PB TPP E . 2.30 -17.58 14.38
O1B TPP E . 3.65 -18.13 14.67
O2B TPP E . 1.64 -16.70 15.54
O3B TPP E . 1.21 -18.71 14.13
C1 EDO F . -19.29 12.64 10.30
O1 EDO F . -18.81 11.29 10.43
C2 EDO F . -20.82 12.65 10.18
O2 EDO F . -21.22 12.05 8.95
C1 EDO G . -17.78 16.26 10.61
O1 EDO G . -17.03 17.23 11.37
C2 EDO G . -19.20 16.76 10.37
O2 EDO G . -19.91 16.77 11.61
C1 EDO H . -10.42 1.00 25.44
O1 EDO H . -10.22 1.28 24.05
C2 EDO H . -10.81 -0.46 25.60
O2 EDO H . -12.21 -0.61 25.90
C1 EDO I . -6.26 -33.98 32.36
O1 EDO I . -5.35 -35.09 32.25
C2 EDO I . -7.57 -34.27 31.61
O2 EDO I . -8.28 -35.34 32.26
C1 EDO J . -5.30 -27.08 36.72
O1 EDO J . -3.93 -27.26 36.34
C2 EDO J . -5.86 -28.40 37.21
O2 EDO J . -5.82 -29.40 36.18
C1 EDO K . 15.75 11.36 21.14
O1 EDO K . 15.97 12.08 22.36
C2 EDO K . 14.83 12.12 20.19
O2 EDO K . 13.54 12.26 20.81
C1 EDO L . 2.28 20.50 14.66
O1 EDO L . 2.47 21.45 13.64
C2 EDO L . 0.91 20.69 15.32
O2 EDO L . 0.97 21.91 16.08
C1 EDO M . -7.03 23.22 -16.06
O1 EDO M . -7.91 24.35 -16.09
C2 EDO M . -7.64 22.18 -15.12
O2 EDO M . -7.44 22.55 -13.76
CA CA N . 20.00 11.57 1.18
C1 RP5 O . 11.85 17.76 -3.68
O4 RP5 O . 11.19 18.87 -4.23
C2 RP5 O . 10.93 16.56 -3.96
O2 RP5 O . 11.78 15.54 -4.46
C3 RP5 O . 9.97 17.07 -5.06
O3 RP5 O . 9.93 16.17 -6.17
C4 RP5 O . 10.67 18.38 -5.46
C5 RP5 O . 9.68 19.46 -5.83
O5 RP5 O . 8.90 19.80 -4.69
P' RP5 O . 7.65 20.78 -4.85
O1X RP5 O . 6.57 19.96 -5.72
O2X RP5 O . 7.17 21.26 -3.53
O3X RP5 O . 8.16 22.01 -5.80
O1 RP5 O . 12.09 18.05 -2.30
N1' TPP P . 7.81 8.84 -0.93
C2' TPP P . 8.02 7.96 -1.92
CM2 TPP P . 7.54 6.51 -1.78
N3' TPP P . 8.64 8.31 -3.06
C4' TPP P . 9.06 9.58 -3.22
N4' TPP P . 9.65 9.90 -4.37
C5' TPP P . 8.87 10.53 -2.20
C6' TPP P . 8.23 10.11 -1.04
C7' TPP P . 9.35 12.01 -2.27
N3 TPP P . 10.82 12.03 -2.12
C2 TPP P . 11.68 11.97 -3.17
S1 TPP P . 13.31 11.95 -2.58
C5 TPP P . 12.80 12.03 -0.91
C4 TPP P . 11.41 12.06 -0.90
CM4 TPP P . 10.63 12.12 0.43
C6 TPP P . 13.68 12.05 0.35
C7 TPP P . 15.16 12.23 0.09
O7 TPP P . 15.63 10.94 -0.21
PA TPP P . 17.14 10.75 -0.60
O1A TPP P . 17.99 10.78 0.71
O2A TPP P . 17.30 9.50 -1.43
O3A TPP P . 17.42 12.04 -1.53
PB TPP P . 18.88 12.60 -1.98
O1B TPP P . 19.90 12.54 -0.91
O2B TPP P . 19.25 11.71 -3.27
O3B TPP P . 18.68 14.05 -2.58
C1 EDO Q . -18.69 4.42 -0.65
O1 EDO Q . -19.79 5.29 -0.97
C2 EDO Q . -18.97 3.66 0.65
O2 EDO Q . -20.09 2.80 0.45
C1 EDO R . 16.52 -0.96 -21.96
O1 EDO R . 16.18 -0.16 -23.10
C2 EDO R . 15.80 -2.31 -22.03
O2 EDO R . 14.62 -2.27 -21.19
C1 EDO S . -11.24 -19.14 -24.42
O1 EDO S . -10.21 -18.83 -23.48
C2 EDO S . -12.59 -19.25 -23.71
O2 EDO S . -13.20 -17.96 -23.65
C1 EDO T . -18.50 -30.93 -6.44
O1 EDO T . -17.18 -31.38 -6.70
C2 EDO T . -19.21 -30.78 -7.77
O2 EDO T . -20.41 -31.55 -7.78
C1 EDO U . -23.62 -15.09 -2.73
O1 EDO U . -22.35 -15.64 -3.09
C2 EDO U . -24.58 -16.23 -2.35
O2 EDO U . -25.55 -15.70 -1.43
C1 EDO V . 41.84 5.02 -16.55
O1 EDO V . 41.15 4.25 -17.54
C2 EDO V . 40.81 5.87 -15.82
O2 EDO V . 40.26 6.81 -16.76
C1 EDO W . 0.75 1.87 -19.23
O1 EDO W . 1.86 2.79 -19.32
C2 EDO W . -0.42 2.38 -20.05
O2 EDO W . -0.62 1.56 -21.20
C1 EDO X . 23.71 14.30 8.94
O1 EDO X . 23.44 15.37 8.04
C2 EDO X . 22.40 13.73 9.43
O2 EDO X . 22.14 14.30 10.71
C1 RP5 Y . -3.99 -19.24 7.54
O4 RP5 Y . -4.92 -19.98 8.35
C2 RP5 Y . -4.34 -17.81 7.89
O2 RP5 Y . -3.89 -17.61 9.22
C3 RP5 Y . -5.87 -17.84 7.82
O3 RP5 Y . -6.42 -16.83 8.67
C4 RP5 Y . -6.19 -19.26 8.37
C5 RP5 Y . -7.15 -20.14 7.55
O5 RP5 Y . -6.73 -20.28 6.19
P' RP5 Y . -7.80 -20.72 5.07
O1X RP5 Y . -8.64 -21.96 5.70
O2X RP5 Y . -8.69 -19.57 4.72
O3X RP5 Y . -6.91 -21.29 3.84
O1 RP5 Y . -4.16 -19.52 6.14
#